data_7WUA
#
_entry.id   7WUA
#
_cell.length_a   108.647
_cell.length_b   97.535
_cell.length_c   142.043
_cell.angle_alpha   90.000
_cell.angle_beta   95.930
_cell.angle_gamma   90.000
#
_symmetry.space_group_name_H-M   'P 1 21 1'
#
loop_
_entity.id
_entity.type
_entity.pdbx_description
1 polymer 'Acyl-CoA synthase'
2 non-polymer 'PHOSPHOAMINOPHOSPHONIC ACID-ADENYLATE ESTER'
3 non-polymer 'MYRISTIC ACID'
4 non-polymer 'MAGNESIUM ION'
5 water water
#
_entity_poly.entity_id   1
_entity_poly.type   'polypeptide(L)'
_entity_poly.pdbx_seq_one_letter_code
;MDLHKAMGQFFDAKGNIALPPQITLAGLSELFYQSDVDGGDRHCMRYWDYSTEGGVARDYNRREINTRIKSVAARLQQVA
QPGDRVAILANNSPEYLFGFIGALYAGLVPVPLYDPSEPGHADHLTAVMADAQPAIVLTNNASAAAVRRFFSALPGAQRP
RIISIDSLPDTLAQSYQIPTPSMAAAAINPVDLPAFLQYTSGSTRTPAGVVLTNRSIVTNVLQIFAAAQLKTPLRLVSWL
PLHHDMGIILAVFITLLGLEFEMMSPRDFIQQPKRWIDQLDRREGDNAVYAVVPNFALELAARYATPSEGLDLSAVEGLI
IGSEPVTEKAVEAFAETFGPYGLNRQNMRPSYGLAEASLLVTTPQTPQRPVISYFDREQLAANRAVIVDKGDNAVALTGV
GQVVRPQNLVIVDPETRTEVADGTIGELWAHGENMAAGYLDRPEDTAETFHNTLAGRLENSRAAGVPEESTKWMATGDLG
VIVDGELYITGRLKDLVIIAGRNHYPQDIEYTVDHASEHIRPAAVAAFAIEGDAVEQLIILAERDLDRDPSGDAEAIDAI
RAAVTEAHGVVPADIRIVAPDEILRSSSGKIARRVNKKAYQESH
;
_entity_poly.pdbx_strand_id   A,B,C,D
#
# COMPACT_ATOMS: atom_id res chain seq x y z
N ASP A 2 -22.40 -17.90 -10.92
CA ASP A 2 -22.94 -17.77 -12.28
C ASP A 2 -21.98 -17.00 -13.19
N LEU A 3 -21.32 -17.75 -14.08
CA LEU A 3 -20.27 -17.15 -14.90
C LEU A 3 -20.83 -16.10 -15.85
N HIS A 4 -21.93 -16.43 -16.55
CA HIS A 4 -22.38 -15.57 -17.63
C HIS A 4 -22.81 -14.21 -17.14
N LYS A 5 -23.39 -14.13 -15.95
CA LYS A 5 -23.69 -12.83 -15.36
C LYS A 5 -22.42 -12.12 -14.92
N ALA A 6 -21.54 -12.87 -14.24
CA ALA A 6 -20.27 -12.29 -13.79
C ALA A 6 -19.53 -11.60 -14.92
N MET A 7 -19.47 -12.25 -16.09
CA MET A 7 -18.76 -11.65 -17.21
C MET A 7 -19.55 -10.50 -17.83
N GLY A 8 -20.87 -10.51 -17.69
CA GLY A 8 -21.69 -9.45 -18.26
C GLY A 8 -21.65 -8.14 -17.48
N GLN A 9 -21.21 -8.18 -16.21
CA GLN A 9 -21.15 -6.98 -15.40
C GLN A 9 -20.28 -5.88 -16.01
N PHE A 10 -19.36 -6.21 -16.92
CA PHE A 10 -18.46 -5.23 -17.49
C PHE A 10 -18.98 -4.66 -18.81
N PHE A 11 -20.01 -5.25 -19.40
CA PHE A 11 -20.59 -4.73 -20.63
C PHE A 11 -21.70 -3.73 -20.30
N ASP A 12 -21.94 -2.82 -21.24
CA ASP A 12 -23.06 -1.89 -21.18
C ASP A 12 -24.09 -2.29 -22.22
N ALA A 13 -25.19 -1.53 -22.27
CA ALA A 13 -26.29 -1.88 -23.16
C ALA A 13 -25.83 -1.95 -24.61
N LYS A 14 -24.94 -1.04 -25.01
CA LYS A 14 -24.47 -0.96 -26.39
C LYS A 14 -23.42 -2.00 -26.74
N GLY A 15 -23.05 -2.88 -25.80
CA GLY A 15 -21.98 -3.83 -26.03
C GLY A 15 -20.59 -3.30 -25.76
N ASN A 16 -20.46 -2.12 -25.16
CA ASN A 16 -19.17 -1.56 -24.82
C ASN A 16 -18.71 -2.08 -23.46
N ILE A 17 -17.39 -2.20 -23.32
CA ILE A 17 -16.78 -2.67 -22.08
C ILE A 17 -16.34 -1.46 -21.28
N ALA A 18 -16.65 -1.46 -19.99
CA ALA A 18 -16.16 -0.43 -19.07
C ALA A 18 -15.43 -1.14 -17.94
N LEU A 19 -14.11 -0.90 -17.83
CA LEU A 19 -13.29 -1.51 -16.79
C LEU A 19 -13.03 -0.50 -15.68
N PRO A 20 -13.30 -0.83 -14.43
CA PRO A 20 -12.92 0.07 -13.34
C PRO A 20 -11.41 0.27 -13.33
N PRO A 21 -10.95 1.47 -12.97
CA PRO A 21 -9.51 1.75 -13.06
C PRO A 21 -8.66 0.83 -12.20
N GLN A 22 -9.23 0.25 -11.15
CA GLN A 22 -8.47 -0.55 -10.20
C GLN A 22 -8.39 -2.02 -10.57
N ILE A 23 -9.13 -2.47 -11.59
CA ILE A 23 -9.19 -3.90 -11.88
C ILE A 23 -7.86 -4.37 -12.44
N THR A 24 -7.45 -5.57 -12.03
CA THR A 24 -6.31 -6.26 -12.61
C THR A 24 -6.73 -7.69 -12.92
N LEU A 25 -5.88 -8.37 -13.70
CA LEU A 25 -6.11 -9.78 -14.02
C LEU A 25 -6.22 -10.60 -12.74
N ALA A 26 -5.31 -10.35 -11.80
CA ALA A 26 -5.32 -11.05 -10.52
C ALA A 26 -6.54 -10.66 -9.68
N GLY A 27 -6.91 -9.37 -9.71
CA GLY A 27 -8.12 -8.96 -9.02
C GLY A 27 -9.37 -9.60 -9.58
N LEU A 28 -9.44 -9.73 -10.91
CA LEU A 28 -10.57 -10.44 -11.52
C LEU A 28 -10.59 -11.90 -11.09
N SER A 29 -9.42 -12.56 -11.13
CA SER A 29 -9.32 -13.94 -10.70
C SER A 29 -9.82 -14.13 -9.27
N GLU A 30 -9.38 -13.26 -8.36
CA GLU A 30 -9.77 -13.39 -6.96
C GLU A 30 -11.25 -13.04 -6.77
N LEU A 31 -11.75 -12.05 -7.51
CA LEU A 31 -13.18 -11.76 -7.47
C LEU A 31 -13.99 -13.00 -7.81
N PHE A 32 -13.67 -13.65 -8.92
CA PHE A 32 -14.39 -14.85 -9.30
C PHE A 32 -14.21 -15.96 -8.27
N TYR A 33 -12.99 -16.12 -7.74
CA TYR A 33 -12.75 -17.17 -6.76
C TYR A 33 -13.60 -16.95 -5.51
N GLN A 34 -13.61 -15.72 -4.99
CA GLN A 34 -14.36 -15.44 -3.77
C GLN A 34 -15.87 -15.59 -3.99
N SER A 35 -16.37 -15.28 -5.19
CA SER A 35 -17.78 -15.50 -5.50
C SER A 35 -18.11 -16.97 -5.66
N ASP A 36 -17.13 -17.82 -5.92
CA ASP A 36 -17.36 -19.25 -6.11
C ASP A 36 -17.48 -19.93 -4.76
N VAL A 37 -18.32 -19.35 -3.89
CA VAL A 37 -18.65 -20.00 -2.63
C VAL A 37 -19.21 -21.39 -2.95
N ASP A 38 -18.74 -22.39 -2.21
CA ASP A 38 -19.10 -23.78 -2.42
C ASP A 38 -18.36 -24.42 -3.58
N GLY A 39 -17.47 -23.71 -4.28
CA GLY A 39 -16.73 -24.29 -5.38
C GLY A 39 -15.35 -24.81 -5.05
N GLY A 40 -14.92 -24.73 -3.78
CA GLY A 40 -13.55 -25.00 -3.44
C GLY A 40 -13.11 -26.42 -3.73
N ASP A 41 -14.01 -27.38 -3.56
CA ASP A 41 -13.64 -28.77 -3.78
C ASP A 41 -13.82 -29.22 -5.22
N ARG A 42 -14.28 -28.34 -6.11
CA ARG A 42 -14.53 -28.74 -7.49
C ARG A 42 -13.21 -29.01 -8.21
N HIS A 43 -13.15 -30.13 -8.93
CA HIS A 43 -11.98 -30.45 -9.73
C HIS A 43 -11.79 -29.41 -10.83
N CYS A 44 -10.54 -28.93 -10.99
CA CYS A 44 -10.28 -27.80 -11.87
C CYS A 44 -9.15 -28.08 -12.85
N MET A 45 -8.13 -28.84 -12.44
CA MET A 45 -6.99 -29.05 -13.32
C MET A 45 -6.44 -30.46 -13.18
N ARG A 46 -6.21 -31.10 -14.31
CA ARG A 46 -5.54 -32.39 -14.38
C ARG A 46 -4.31 -32.24 -15.26
N TYR A 47 -3.15 -32.57 -14.71
CA TYR A 47 -1.88 -32.53 -15.40
C TYR A 47 -1.40 -33.95 -15.64
N TRP A 48 -1.02 -34.24 -16.89
CA TRP A 48 -0.51 -35.55 -17.27
C TRP A 48 1.01 -35.50 -17.34
N ASP A 49 1.66 -36.32 -16.52
CA ASP A 49 3.10 -36.50 -16.55
C ASP A 49 3.38 -37.80 -17.30
N TYR A 50 4.07 -37.70 -18.43
CA TYR A 50 4.34 -38.84 -19.29
C TYR A 50 5.82 -39.24 -19.28
N SER A 51 6.52 -38.98 -18.18
CA SER A 51 7.85 -39.55 -18.01
C SER A 51 7.81 -41.06 -18.20
N THR A 52 6.75 -41.70 -17.73
CA THR A 52 6.42 -43.07 -18.13
C THR A 52 5.43 -43.04 -19.29
N GLU A 53 5.41 -44.14 -20.04
CA GLU A 53 4.56 -44.20 -21.24
C GLU A 53 3.08 -44.16 -20.88
N GLY A 54 2.70 -44.82 -19.78
CA GLY A 54 1.31 -44.85 -19.38
C GLY A 54 0.81 -43.53 -18.81
N GLY A 55 1.71 -42.75 -18.21
CA GLY A 55 1.37 -41.44 -17.69
C GLY A 55 0.72 -41.49 -16.30
N VAL A 56 0.98 -40.48 -15.49
CA VAL A 56 0.39 -40.33 -14.16
C VAL A 56 -0.27 -38.97 -14.08
N ALA A 57 -1.51 -38.92 -13.62
CA ALA A 57 -2.27 -37.68 -13.52
C ALA A 57 -2.06 -37.04 -12.15
N ARG A 58 -1.96 -35.71 -12.16
CA ARG A 58 -1.97 -34.89 -10.94
C ARG A 58 -3.21 -34.01 -11.01
N ASP A 59 -4.05 -34.08 -9.97
CA ASP A 59 -5.31 -33.36 -9.95
C ASP A 59 -5.30 -32.25 -8.91
N TYR A 60 -5.94 -31.13 -9.26
CA TYR A 60 -6.07 -29.98 -8.36
C TYR A 60 -7.51 -29.49 -8.40
N ASN A 61 -8.04 -29.15 -7.23
CA ASN A 61 -9.37 -28.57 -7.15
C ASN A 61 -9.24 -27.05 -7.07
N ARG A 62 -10.40 -26.39 -7.06
CA ARG A 62 -10.46 -24.93 -7.07
C ARG A 62 -9.60 -24.32 -5.98
N ARG A 63 -9.77 -24.81 -4.74
CA ARG A 63 -9.10 -24.25 -3.57
C ARG A 63 -7.59 -24.46 -3.63
N GLU A 64 -7.16 -25.65 -4.05
CA GLU A 64 -5.73 -25.98 -4.08
C GLU A 64 -4.98 -25.09 -5.07
N ILE A 65 -5.58 -24.85 -6.23
CA ILE A 65 -4.96 -23.97 -7.22
C ILE A 65 -4.79 -22.58 -6.62
N ASN A 66 -5.84 -22.06 -6.00
CA ASN A 66 -5.79 -20.74 -5.40
C ASN A 66 -4.70 -20.66 -4.33
N THR A 67 -4.57 -21.70 -3.51
CA THR A 67 -3.57 -21.71 -2.45
C THR A 67 -2.15 -21.74 -3.00
N ARG A 68 -1.92 -22.55 -4.04
CA ARG A 68 -0.60 -22.57 -4.67
C ARG A 68 -0.26 -21.21 -5.26
N ILE A 69 -1.23 -20.56 -5.89
CA ILE A 69 -1.01 -19.23 -6.45
C ILE A 69 -0.60 -18.25 -5.37
N LYS A 70 -1.29 -18.29 -4.22
CA LYS A 70 -0.99 -17.33 -3.17
C LYS A 70 0.31 -17.66 -2.46
N SER A 71 0.68 -18.94 -2.41
CA SER A 71 1.99 -19.31 -1.86
C SER A 71 3.11 -18.73 -2.70
N VAL A 72 3.02 -18.89 -4.03
CA VAL A 72 4.00 -18.26 -4.92
C VAL A 72 4.02 -16.76 -4.71
N ALA A 73 2.85 -16.11 -4.73
CA ALA A 73 2.80 -14.66 -4.57
C ALA A 73 3.42 -14.22 -3.25
N ALA A 74 3.13 -14.94 -2.16
CA ALA A 74 3.69 -14.54 -0.87
C ALA A 74 5.22 -14.64 -0.87
N ARG A 75 5.76 -15.67 -1.50
CA ARG A 75 7.21 -15.80 -1.59
C ARG A 75 7.81 -14.66 -2.42
N LEU A 76 7.18 -14.32 -3.55
CA LEU A 76 7.66 -13.19 -4.34
C LEU A 76 7.65 -11.91 -3.51
N GLN A 77 6.63 -11.74 -2.67
CA GLN A 77 6.51 -10.51 -1.89
C GLN A 77 7.56 -10.41 -0.80
N GLN A 78 8.26 -11.52 -0.48
CA GLN A 78 9.41 -11.45 0.42
C GLN A 78 10.66 -10.93 -0.27
N VAL A 79 10.74 -10.95 -1.61
CA VAL A 79 11.97 -10.64 -2.32
C VAL A 79 11.80 -9.63 -3.43
N ALA A 80 10.59 -9.12 -3.69
CA ALA A 80 10.40 -8.26 -4.85
C ALA A 80 9.23 -7.31 -4.62
N GLN A 81 9.08 -6.37 -5.56
CA GLN A 81 8.05 -5.33 -5.51
C GLN A 81 7.12 -5.45 -6.71
N PRO A 82 5.88 -4.97 -6.59
CA PRO A 82 5.00 -4.89 -7.76
C PRO A 82 5.73 -4.16 -8.88
N GLY A 83 5.57 -4.68 -10.11
CA GLY A 83 6.24 -4.11 -11.26
C GLY A 83 7.53 -4.82 -11.64
N ASP A 84 8.15 -5.53 -10.72
CA ASP A 84 9.34 -6.33 -11.04
C ASP A 84 8.97 -7.44 -12.01
N ARG A 85 9.86 -7.72 -12.96
CA ARG A 85 9.65 -8.82 -13.88
C ARG A 85 10.21 -10.12 -13.32
N VAL A 86 9.60 -11.24 -13.74
CA VAL A 86 10.03 -12.55 -13.28
C VAL A 86 9.82 -13.55 -14.42
N ALA A 87 10.89 -14.23 -14.79
CA ALA A 87 10.82 -15.20 -15.87
C ALA A 87 10.28 -16.51 -15.34
N ILE A 88 9.46 -17.17 -16.15
CA ILE A 88 8.97 -18.52 -15.87
C ILE A 88 9.73 -19.45 -16.81
N LEU A 89 10.61 -20.27 -16.24
CA LEU A 89 11.44 -21.20 -17.00
C LEU A 89 11.13 -22.61 -16.51
N ALA A 90 10.10 -23.21 -17.09
CA ALA A 90 9.71 -24.57 -16.74
C ALA A 90 9.02 -25.22 -17.92
N ASN A 91 8.98 -26.55 -17.89
CA ASN A 91 8.14 -27.32 -18.80
C ASN A 91 6.66 -27.11 -18.45
N ASN A 92 5.79 -27.43 -19.39
CA ASN A 92 4.36 -27.45 -19.11
C ASN A 92 4.12 -28.26 -17.83
N SER A 93 3.44 -27.63 -16.86
CA SER A 93 3.28 -28.20 -15.52
C SER A 93 2.36 -27.36 -14.67
N PRO A 94 1.78 -27.91 -13.60
CA PRO A 94 0.98 -27.06 -12.70
C PRO A 94 1.79 -25.89 -12.15
N GLU A 95 3.07 -26.12 -11.86
CA GLU A 95 3.94 -25.06 -11.34
C GLU A 95 4.04 -23.88 -12.31
N TYR A 96 4.11 -24.17 -13.61
CA TYR A 96 4.14 -23.09 -14.59
C TYR A 96 2.98 -22.12 -14.37
N LEU A 97 1.78 -22.68 -14.20
CA LEU A 97 0.60 -21.85 -14.03
C LEU A 97 0.59 -21.17 -12.67
N PHE A 98 0.94 -21.92 -11.61
CA PHE A 98 1.00 -21.31 -10.28
C PHE A 98 2.01 -20.18 -10.25
N GLY A 99 3.11 -20.31 -10.99
CA GLY A 99 4.12 -19.25 -11.01
C GLY A 99 3.65 -18.04 -11.79
N PHE A 100 3.08 -18.27 -12.97
CA PHE A 100 2.59 -17.15 -13.78
C PHE A 100 1.50 -16.37 -13.05
N ILE A 101 0.47 -17.07 -12.56
CA ILE A 101 -0.63 -16.33 -11.93
C ILE A 101 -0.22 -15.81 -10.57
N GLY A 102 0.64 -16.55 -9.86
CA GLY A 102 1.15 -16.06 -8.59
C GLY A 102 1.92 -14.77 -8.74
N ALA A 103 2.70 -14.64 -9.82
CA ALA A 103 3.36 -13.37 -10.10
C ALA A 103 2.35 -12.25 -10.25
N LEU A 104 1.29 -12.50 -11.04
CA LEU A 104 0.22 -11.51 -11.18
C LEU A 104 -0.35 -11.11 -9.83
N TYR A 105 -0.59 -12.10 -8.96
CA TYR A 105 -1.16 -11.81 -7.65
C TYR A 105 -0.26 -10.90 -6.83
N ALA A 106 1.04 -11.05 -6.97
CA ALA A 106 2.00 -10.17 -6.32
C ALA A 106 2.21 -8.85 -7.06
N GLY A 107 1.46 -8.61 -8.13
CA GLY A 107 1.71 -7.43 -8.93
C GLY A 107 3.00 -7.47 -9.70
N LEU A 108 3.68 -8.60 -9.79
CA LEU A 108 4.87 -8.71 -10.63
C LEU A 108 4.45 -8.93 -12.09
N VAL A 109 5.43 -8.81 -13.00
CA VAL A 109 5.17 -8.92 -14.43
C VAL A 109 5.87 -10.17 -14.94
N PRO A 110 5.16 -11.29 -15.08
CA PRO A 110 5.84 -12.53 -15.49
C PRO A 110 6.23 -12.48 -16.97
N VAL A 111 7.21 -13.32 -17.30
CA VAL A 111 7.73 -13.47 -18.65
C VAL A 111 7.69 -14.96 -18.95
N PRO A 112 6.60 -15.47 -19.53
CA PRO A 112 6.50 -16.92 -19.74
C PRO A 112 7.53 -17.38 -20.76
N LEU A 113 8.41 -18.28 -20.32
CA LEU A 113 9.42 -18.85 -21.21
C LEU A 113 9.35 -20.37 -21.16
N TYR A 114 10.47 -21.05 -21.38
CA TYR A 114 10.46 -22.49 -21.63
C TYR A 114 11.48 -23.15 -20.72
N ASP A 115 11.42 -24.48 -20.67
CA ASP A 115 12.49 -25.25 -20.07
C ASP A 115 13.77 -25.00 -20.86
N PRO A 116 14.83 -24.46 -20.25
CA PRO A 116 16.03 -24.14 -21.03
C PRO A 116 16.82 -25.37 -21.45
N SER A 117 16.56 -26.53 -20.87
CA SER A 117 17.18 -27.76 -21.31
C SER A 117 16.60 -28.27 -22.62
N GLU A 118 15.49 -27.71 -23.08
CA GLU A 118 15.03 -28.07 -24.41
C GLU A 118 15.88 -27.36 -25.46
N PRO A 119 16.22 -28.04 -26.55
CA PRO A 119 17.19 -27.47 -27.50
C PRO A 119 16.59 -26.34 -28.31
N GLY A 120 17.46 -25.40 -28.67
CA GLY A 120 17.10 -24.34 -29.60
C GLY A 120 16.70 -23.02 -28.98
N HIS A 121 17.04 -22.77 -27.71
CA HIS A 121 16.59 -21.57 -27.01
C HIS A 121 17.72 -20.72 -26.44
N ALA A 122 18.97 -21.20 -26.45
CA ALA A 122 20.05 -20.51 -25.74
C ALA A 122 20.19 -19.06 -26.21
N ASP A 123 20.27 -18.85 -27.53
CA ASP A 123 20.34 -17.49 -28.05
C ASP A 123 19.10 -16.69 -27.68
N HIS A 124 17.92 -17.27 -27.90
CA HIS A 124 16.69 -16.59 -27.55
C HIS A 124 16.68 -16.19 -26.08
N LEU A 125 16.84 -17.18 -25.19
CA LEU A 125 16.79 -16.88 -23.75
C LEU A 125 17.81 -15.83 -23.37
N THR A 126 19.03 -15.91 -23.93
CA THR A 126 20.04 -14.91 -23.60
C THR A 126 19.55 -13.51 -23.96
N ALA A 127 18.97 -13.38 -25.15
CA ALA A 127 18.45 -12.08 -25.59
C ALA A 127 17.28 -11.63 -24.72
N VAL A 128 16.35 -12.54 -24.39
CA VAL A 128 15.21 -12.14 -23.56
C VAL A 128 15.69 -11.65 -22.21
N MET A 129 16.61 -12.39 -21.58
CA MET A 129 17.12 -12.00 -20.27
C MET A 129 17.80 -10.63 -20.34
N ALA A 130 18.53 -10.35 -21.42
CA ALA A 130 19.16 -9.05 -21.56
C ALA A 130 18.14 -7.94 -21.82
N ASP A 131 17.00 -8.28 -22.44
CA ASP A 131 15.99 -7.29 -22.76
C ASP A 131 15.13 -6.96 -21.54
N ALA A 132 14.50 -7.98 -20.94
CA ALA A 132 13.59 -7.76 -19.83
C ALA A 132 14.30 -7.71 -18.48
N GLN A 133 15.49 -8.30 -18.38
CA GLN A 133 16.30 -8.28 -17.17
C GLN A 133 15.55 -8.66 -15.89
N PRO A 134 14.88 -9.81 -15.86
CA PRO A 134 14.21 -10.24 -14.61
C PRO A 134 15.25 -10.61 -13.56
N ALA A 135 15.03 -10.13 -12.33
CA ALA A 135 15.92 -10.49 -11.24
C ALA A 135 15.55 -11.82 -10.59
N ILE A 136 14.44 -12.42 -11.01
CA ILE A 136 13.90 -13.62 -10.40
C ILE A 136 13.47 -14.58 -11.51
N VAL A 137 13.71 -15.86 -11.29
CA VAL A 137 13.19 -16.93 -12.15
C VAL A 137 12.33 -17.85 -11.31
N LEU A 138 11.09 -18.09 -11.77
CA LEU A 138 10.26 -19.15 -11.21
C LEU A 138 10.42 -20.40 -12.07
N THR A 139 10.56 -21.54 -11.41
CA THR A 139 10.77 -22.81 -12.11
C THR A 139 10.15 -23.91 -11.26
N ASN A 140 10.39 -25.16 -11.64
CA ASN A 140 9.95 -26.28 -10.81
C ASN A 140 11.13 -27.21 -10.60
N ASN A 141 10.92 -28.21 -9.73
CA ASN A 141 12.00 -29.13 -9.39
C ASN A 141 12.51 -29.87 -10.61
N ALA A 142 11.62 -30.18 -11.56
CA ALA A 142 12.05 -30.90 -12.75
C ALA A 142 12.99 -30.06 -13.61
N SER A 143 12.84 -28.74 -13.60
CA SER A 143 13.60 -27.87 -14.50
C SER A 143 14.72 -27.12 -13.81
N ALA A 144 14.81 -27.16 -12.47
CA ALA A 144 15.65 -26.21 -11.75
C ALA A 144 17.13 -26.39 -12.10
N ALA A 145 17.57 -27.64 -12.28
CA ALA A 145 18.97 -27.88 -12.64
C ALA A 145 19.31 -27.21 -13.96
N ALA A 146 18.46 -27.40 -14.98
CA ALA A 146 18.67 -26.76 -16.27
C ALA A 146 18.74 -25.24 -16.12
N VAL A 147 17.91 -24.68 -15.25
CA VAL A 147 17.94 -23.23 -15.05
C VAL A 147 19.26 -22.82 -14.40
N ARG A 148 19.65 -23.52 -13.34
CA ARG A 148 20.90 -23.17 -12.66
C ARG A 148 22.08 -23.26 -13.61
N ARG A 149 22.05 -24.22 -14.53
CA ARG A 149 23.16 -24.36 -15.46
C ARG A 149 23.17 -23.25 -16.49
N PHE A 150 21.98 -22.82 -16.96
CA PHE A 150 21.94 -21.76 -17.95
C PHE A 150 22.65 -20.51 -17.46
N PHE A 151 22.61 -20.23 -16.16
CA PHE A 151 23.20 -19.02 -15.62
C PHE A 151 24.61 -19.24 -15.06
N SER A 152 25.18 -20.43 -15.25
CA SER A 152 26.44 -20.78 -14.60
C SER A 152 27.65 -20.02 -15.17
N ALA A 153 27.51 -19.40 -16.35
CA ALA A 153 28.59 -18.59 -16.92
C ALA A 153 28.56 -17.14 -16.47
N LEU A 154 27.64 -16.77 -15.58
CA LEU A 154 27.64 -15.44 -15.00
C LEU A 154 28.26 -15.47 -13.62
N PRO A 155 28.83 -14.35 -13.17
CA PRO A 155 29.20 -14.22 -11.76
C PRO A 155 28.01 -14.57 -10.88
N GLY A 156 28.28 -15.36 -9.84
CA GLY A 156 27.21 -15.76 -8.93
C GLY A 156 26.37 -14.59 -8.48
N ALA A 157 27.03 -13.46 -8.18
CA ALA A 157 26.32 -12.28 -7.68
C ALA A 157 25.38 -11.68 -8.70
N GLN A 158 25.58 -11.95 -9.99
CA GLN A 158 24.74 -11.43 -11.06
C GLN A 158 23.64 -12.39 -11.49
N ARG A 159 23.58 -13.57 -10.90
CA ARG A 159 22.57 -14.53 -11.34
C ARG A 159 21.21 -14.18 -10.73
N PRO A 160 20.11 -14.42 -11.45
CA PRO A 160 18.80 -14.19 -10.86
C PRO A 160 18.54 -15.16 -9.72
N ARG A 161 17.75 -14.71 -8.74
CA ARG A 161 17.27 -15.62 -7.73
C ARG A 161 16.38 -16.68 -8.38
N ILE A 162 16.60 -17.94 -8.04
CA ILE A 162 15.88 -19.05 -8.66
C ILE A 162 14.96 -19.68 -7.63
N ILE A 163 13.66 -19.69 -7.92
CA ILE A 163 12.66 -20.17 -6.98
C ILE A 163 11.96 -21.35 -7.61
N SER A 164 12.08 -22.51 -6.98
CA SER A 164 11.43 -23.74 -7.43
C SER A 164 10.08 -23.86 -6.75
N ILE A 165 9.01 -23.77 -7.53
CA ILE A 165 7.67 -23.59 -6.98
C ILE A 165 7.23 -24.81 -6.17
N ASP A 166 7.52 -26.02 -6.65
CA ASP A 166 7.06 -27.17 -5.86
C ASP A 166 7.99 -27.50 -4.71
N SER A 167 8.93 -26.62 -4.40
CA SER A 167 9.65 -26.64 -3.13
C SER A 167 9.07 -25.66 -2.13
N LEU A 168 8.09 -24.87 -2.53
CA LEU A 168 7.53 -23.87 -1.62
C LEU A 168 6.41 -24.49 -0.79
N PRO A 169 6.45 -24.37 0.54
CA PRO A 169 5.37 -24.91 1.35
C PRO A 169 4.12 -24.07 1.24
N ASP A 170 2.96 -24.72 1.40
CA ASP A 170 1.69 -24.00 1.35
C ASP A 170 1.48 -23.11 2.57
N THR A 171 2.33 -23.21 3.60
CA THR A 171 2.26 -22.25 4.69
C THR A 171 2.57 -20.84 4.24
N LEU A 172 3.06 -20.66 3.01
CA LEU A 172 3.36 -19.31 2.53
C LEU A 172 2.08 -18.54 2.23
N ALA A 173 1.03 -19.24 1.79
CA ALA A 173 -0.17 -18.56 1.30
C ALA A 173 -0.75 -17.61 2.35
N GLN A 174 -0.68 -17.99 3.62
CA GLN A 174 -1.34 -17.18 4.65
C GLN A 174 -0.75 -15.78 4.77
N SER A 175 0.47 -15.55 4.30
CA SER A 175 1.07 -14.22 4.39
C SER A 175 0.89 -13.38 3.13
N TYR A 176 0.20 -13.91 2.11
CA TYR A 176 -0.04 -13.14 0.90
C TYR A 176 -0.82 -11.87 1.21
N GLN A 177 -0.42 -10.76 0.59
CA GLN A 177 -1.07 -9.46 0.77
C GLN A 177 -1.52 -8.91 -0.58
N ILE A 178 -2.78 -8.48 -0.67
CA ILE A 178 -3.31 -7.88 -1.89
C ILE A 178 -2.63 -6.55 -2.15
N PRO A 179 -1.96 -6.36 -3.29
CA PRO A 179 -1.29 -5.08 -3.53
C PRO A 179 -2.29 -3.92 -3.58
N THR A 180 -1.85 -2.76 -3.08
CA THR A 180 -2.71 -1.58 -3.04
C THR A 180 -2.25 -0.56 -4.07
N PRO A 181 -3.18 0.14 -4.71
CA PRO A 181 -2.79 1.10 -5.75
C PRO A 181 -2.14 2.35 -5.17
N SER A 182 -1.29 2.97 -5.97
CA SER A 182 -0.66 4.21 -5.57
C SER A 182 -1.67 5.36 -5.63
N MET A 183 -1.46 6.38 -4.84
CA MET A 183 -2.41 7.52 -4.86
C MET A 183 -1.78 8.68 -5.62
N ALA A 184 -0.45 8.66 -5.71
CA ALA A 184 0.47 9.66 -6.32
C ALA A 184 -0.20 10.91 -6.90
N ALA A 185 -0.23 10.97 -8.21
CA ALA A 185 -0.74 12.06 -9.08
C ALA A 185 -0.42 11.52 -10.46
N ALA A 186 0.87 11.22 -10.59
CA ALA A 186 1.46 10.64 -11.79
C ALA A 186 0.61 9.44 -12.17
N ALA A 187 0.61 8.48 -11.26
CA ALA A 187 -0.02 7.15 -11.20
C ALA A 187 -0.78 6.69 -12.45
N ILE A 188 -0.20 5.68 -13.07
CA ILE A 188 -0.92 4.94 -14.11
C ILE A 188 -1.91 4.08 -13.32
N ASN A 189 -3.17 4.04 -13.72
CA ASN A 189 -4.20 3.22 -13.09
C ASN A 189 -3.80 1.74 -13.13
N PRO A 190 -4.12 0.97 -12.09
CA PRO A 190 -3.78 -0.46 -12.12
C PRO A 190 -4.20 -1.15 -13.41
N VAL A 191 -5.40 -0.86 -13.92
CA VAL A 191 -5.87 -1.54 -15.13
C VAL A 191 -4.95 -1.27 -16.30
N ASP A 192 -4.25 -0.13 -16.30
CA ASP A 192 -3.38 0.20 -17.42
C ASP A 192 -1.93 -0.24 -17.22
N LEU A 193 -1.62 -0.92 -16.12
CA LEU A 193 -0.26 -1.39 -15.88
C LEU A 193 0.04 -2.63 -16.70
N PRO A 194 1.32 -2.87 -17.01
CA PRO A 194 1.72 -4.14 -17.65
C PRO A 194 1.29 -5.33 -16.81
N ALA A 195 0.75 -6.34 -17.50
CA ALA A 195 0.42 -7.60 -16.86
C ALA A 195 1.48 -8.65 -17.10
N PHE A 196 1.86 -8.90 -18.36
CA PHE A 196 2.96 -9.80 -18.61
C PHE A 196 3.57 -9.48 -19.97
N LEU A 197 4.78 -10.01 -20.19
CA LEU A 197 5.56 -9.78 -21.39
C LEU A 197 5.60 -11.06 -22.20
N GLN A 198 5.16 -11.00 -23.45
CA GLN A 198 5.08 -12.18 -24.31
C GLN A 198 6.11 -12.01 -25.41
N TYR A 199 7.16 -12.82 -25.36
CA TYR A 199 8.14 -12.89 -26.43
C TYR A 199 7.68 -14.00 -27.37
N THR A 200 7.44 -13.65 -28.63
CA THR A 200 7.01 -14.68 -29.56
C THR A 200 8.22 -15.42 -30.14
N SER A 201 7.92 -16.48 -30.88
CA SER A 201 8.96 -17.33 -31.47
C SER A 201 8.69 -17.51 -32.97
N GLY A 202 9.66 -18.14 -33.63
CA GLY A 202 9.58 -18.39 -35.05
C GLY A 202 10.23 -17.35 -35.92
N SER A 203 10.56 -16.19 -35.38
CA SER A 203 11.27 -15.17 -36.12
C SER A 203 12.77 -15.32 -35.88
N THR A 204 13.55 -14.99 -36.91
CA THR A 204 15.00 -14.99 -36.81
C THR A 204 15.55 -13.69 -36.23
N ARG A 205 14.73 -12.66 -36.11
CA ARG A 205 15.16 -11.36 -35.61
C ARG A 205 15.32 -11.40 -34.09
N THR A 206 15.81 -10.30 -33.53
CA THR A 206 15.99 -10.23 -32.08
C THR A 206 14.62 -10.24 -31.41
N PRO A 207 14.44 -11.03 -30.36
CA PRO A 207 13.12 -11.10 -29.71
C PRO A 207 12.64 -9.76 -29.19
N ALA A 208 11.34 -9.52 -29.37
CA ALA A 208 10.67 -8.33 -28.85
C ALA A 208 9.61 -8.77 -27.86
N GLY A 209 9.52 -8.06 -26.74
CA GLY A 209 8.52 -8.36 -25.74
C GLY A 209 7.22 -7.61 -25.96
N VAL A 210 6.17 -8.34 -26.32
CA VAL A 210 4.84 -7.74 -26.40
C VAL A 210 4.39 -7.40 -24.99
N VAL A 211 4.09 -6.12 -24.75
CA VAL A 211 3.67 -5.67 -23.41
C VAL A 211 2.14 -5.75 -23.36
N LEU A 212 1.64 -6.79 -22.70
CA LEU A 212 0.21 -6.94 -22.48
C LEU A 212 -0.14 -6.32 -21.13
N THR A 213 -1.13 -5.44 -21.12
CA THR A 213 -1.58 -4.82 -19.88
C THR A 213 -2.74 -5.59 -19.27
N ASN A 214 -3.08 -5.24 -18.02
CA ASN A 214 -4.30 -5.79 -17.45
C ASN A 214 -5.49 -5.49 -18.36
N ARG A 215 -5.55 -4.26 -18.87
CA ARG A 215 -6.60 -3.90 -19.81
C ARG A 215 -6.59 -4.80 -21.04
N SER A 216 -5.42 -4.97 -21.66
CA SER A 216 -5.30 -5.84 -22.83
C SER A 216 -5.98 -7.17 -22.59
N ILE A 217 -5.53 -7.87 -21.54
CA ILE A 217 -5.91 -9.26 -21.33
C ILE A 217 -7.35 -9.35 -20.86
N VAL A 218 -7.72 -8.53 -19.88
CA VAL A 218 -9.09 -8.57 -19.36
C VAL A 218 -10.07 -8.30 -20.48
N THR A 219 -9.77 -7.33 -21.35
CA THR A 219 -10.65 -7.05 -22.48
C THR A 219 -10.77 -8.28 -23.39
N ASN A 220 -9.63 -8.90 -23.73
CA ASN A 220 -9.69 -10.06 -24.62
C ASN A 220 -10.38 -11.24 -23.94
N VAL A 221 -10.23 -11.38 -22.64
CA VAL A 221 -10.95 -12.45 -21.93
C VAL A 221 -12.45 -12.25 -22.04
N LEU A 222 -12.91 -11.00 -21.88
CA LEU A 222 -14.33 -10.69 -22.04
C LEU A 222 -14.78 -10.86 -23.49
N GLN A 223 -13.96 -10.40 -24.44
CA GLN A 223 -14.30 -10.60 -25.86
C GLN A 223 -14.43 -12.08 -26.20
N ILE A 224 -13.47 -12.88 -25.72
CA ILE A 224 -13.50 -14.32 -26.00
C ILE A 224 -14.76 -14.94 -25.42
N PHE A 225 -15.04 -14.65 -24.15
CA PHE A 225 -16.19 -15.24 -23.48
C PHE A 225 -17.49 -14.89 -24.21
N ALA A 226 -17.66 -13.62 -24.57
CA ALA A 226 -18.89 -13.22 -25.23
C ALA A 226 -19.02 -13.79 -26.63
N ALA A 227 -17.91 -14.00 -27.33
CA ALA A 227 -18.00 -14.48 -28.71
C ALA A 227 -18.06 -15.99 -28.83
N ALA A 228 -17.46 -16.72 -27.89
CA ALA A 228 -17.30 -18.16 -28.02
C ALA A 228 -18.58 -18.94 -27.76
N GLN A 229 -19.62 -18.32 -27.22
CA GLN A 229 -20.91 -18.99 -26.99
C GLN A 229 -20.69 -20.31 -26.24
N LEU A 230 -20.04 -20.19 -25.09
CA LEU A 230 -19.55 -21.38 -24.39
C LEU A 230 -20.69 -22.09 -23.66
N LYS A 231 -20.66 -23.41 -23.71
CA LYS A 231 -21.57 -24.25 -22.93
C LYS A 231 -20.85 -24.64 -21.63
N THR A 232 -21.42 -24.22 -20.49
CA THR A 232 -20.82 -24.48 -19.19
C THR A 232 -21.68 -25.43 -18.36
N PRO A 233 -21.07 -26.24 -17.49
CA PRO A 233 -19.63 -26.28 -17.30
C PRO A 233 -18.91 -26.99 -18.44
N LEU A 234 -17.61 -26.78 -18.56
CA LEU A 234 -16.84 -27.33 -19.67
C LEU A 234 -15.47 -27.75 -19.18
N ARG A 235 -14.81 -28.58 -19.97
CA ARG A 235 -13.40 -28.85 -19.75
C ARG A 235 -12.65 -28.56 -21.04
N LEU A 236 -11.50 -27.93 -20.89
CA LEU A 236 -10.64 -27.58 -22.02
C LEU A 236 -9.42 -28.49 -21.96
N VAL A 237 -9.17 -29.19 -23.06
CA VAL A 237 -7.99 -30.04 -23.18
C VAL A 237 -6.95 -29.26 -23.98
N SER A 238 -5.73 -29.18 -23.47
CA SER A 238 -4.70 -28.45 -24.19
C SER A 238 -3.34 -29.08 -23.95
N TRP A 239 -2.57 -29.26 -25.03
CA TRP A 239 -1.16 -29.61 -24.92
C TRP A 239 -0.27 -28.50 -25.45
N LEU A 240 -0.82 -27.32 -25.70
CA LEU A 240 -0.04 -26.24 -26.28
C LEU A 240 1.09 -25.82 -25.33
N PRO A 241 2.22 -25.38 -25.87
CA PRO A 241 3.31 -24.92 -25.00
C PRO A 241 2.89 -23.66 -24.25
N LEU A 242 3.12 -23.65 -22.93
CA LEU A 242 2.67 -22.53 -22.12
C LEU A 242 3.46 -21.26 -22.37
N HIS A 243 4.57 -21.33 -23.09
CA HIS A 243 5.28 -20.10 -23.41
C HIS A 243 4.79 -19.49 -24.71
N HIS A 244 3.84 -20.14 -25.39
CA HIS A 244 3.19 -19.58 -26.56
C HIS A 244 1.96 -18.79 -26.14
N ASP A 245 1.76 -17.64 -26.81
CA ASP A 245 0.57 -16.82 -26.66
C ASP A 245 -0.70 -17.67 -26.53
N MET A 246 -0.88 -18.59 -27.47
CA MET A 246 -2.11 -19.39 -27.49
C MET A 246 -2.20 -20.28 -26.25
N GLY A 247 -1.06 -20.78 -25.77
CA GLY A 247 -1.08 -21.70 -24.63
C GLY A 247 -1.35 -21.01 -23.31
N ILE A 248 -0.63 -19.93 -23.03
CA ILE A 248 -0.69 -19.35 -21.69
C ILE A 248 -1.99 -18.60 -21.46
N ILE A 249 -2.49 -17.86 -22.46
CA ILE A 249 -3.71 -17.10 -22.26
C ILE A 249 -4.90 -18.05 -22.09
N LEU A 250 -4.93 -19.13 -22.88
CA LEU A 250 -5.98 -20.13 -22.72
C LEU A 250 -5.96 -20.73 -21.31
N ALA A 251 -4.78 -21.14 -20.83
CA ALA A 251 -4.71 -21.73 -19.50
C ALA A 251 -5.14 -20.72 -18.44
N VAL A 252 -4.76 -19.45 -18.62
CA VAL A 252 -5.13 -18.43 -17.65
C VAL A 252 -6.63 -18.14 -17.71
N PHE A 253 -7.17 -18.02 -18.93
CA PHE A 253 -8.61 -17.86 -19.12
C PHE A 253 -9.38 -18.95 -18.36
N ILE A 254 -9.02 -20.20 -18.57
CA ILE A 254 -9.72 -21.31 -17.96
C ILE A 254 -9.56 -21.28 -16.44
N THR A 255 -8.35 -20.97 -15.96
CA THR A 255 -8.08 -20.95 -14.52
C THR A 255 -8.81 -19.81 -13.83
N LEU A 256 -8.84 -18.62 -14.46
CA LEU A 256 -9.53 -17.48 -13.84
C LEU A 256 -11.02 -17.70 -13.75
N LEU A 257 -11.60 -18.45 -14.68
CA LEU A 257 -13.03 -18.73 -14.64
C LEU A 257 -13.36 -19.93 -13.77
N GLY A 258 -12.36 -20.62 -13.24
CA GLY A 258 -12.61 -21.80 -12.43
C GLY A 258 -13.14 -22.98 -13.19
N LEU A 259 -12.89 -23.03 -14.50
CA LEU A 259 -13.36 -24.13 -15.32
C LEU A 259 -12.31 -25.24 -15.32
N GLU A 260 -12.63 -26.36 -15.94
CA GLU A 260 -11.76 -27.54 -15.89
C GLU A 260 -10.73 -27.51 -17.01
N PHE A 261 -9.49 -27.83 -16.66
CA PHE A 261 -8.33 -27.71 -17.55
C PHE A 261 -7.53 -29.01 -17.48
N GLU A 262 -7.24 -29.60 -18.64
CA GLU A 262 -6.48 -30.84 -18.70
C GLU A 262 -5.31 -30.66 -19.65
N MET A 263 -4.10 -30.85 -19.15
CA MET A 263 -2.89 -30.35 -19.80
C MET A 263 -1.83 -31.43 -19.90
N MET A 264 -1.13 -31.45 -21.02
CA MET A 264 0.12 -32.20 -21.15
C MET A 264 1.09 -31.37 -21.99
N SER A 265 2.20 -31.96 -22.41
CA SER A 265 3.13 -31.18 -23.19
C SER A 265 3.04 -31.52 -24.66
N PRO A 266 3.45 -30.59 -25.54
CA PRO A 266 3.39 -30.88 -26.98
C PRO A 266 4.06 -32.19 -27.34
N ARG A 267 5.20 -32.50 -26.72
CA ARG A 267 5.91 -33.73 -27.05
C ARG A 267 5.06 -34.95 -26.75
N ASP A 268 4.27 -34.89 -25.67
CA ASP A 268 3.38 -36.02 -25.35
C ASP A 268 2.36 -36.24 -26.47
N PHE A 269 1.82 -35.15 -27.03
CA PHE A 269 0.89 -35.31 -28.15
C PHE A 269 1.59 -35.86 -29.38
N ILE A 270 2.73 -35.27 -29.74
CA ILE A 270 3.38 -35.61 -31.00
C ILE A 270 3.80 -37.08 -31.00
N GLN A 271 4.25 -37.59 -29.86
CA GLN A 271 4.73 -38.97 -29.81
C GLN A 271 3.59 -39.97 -29.81
N GLN A 272 2.44 -39.61 -29.23
CA GLN A 272 1.27 -40.50 -29.22
C GLN A 272 0.01 -39.66 -29.31
N PRO A 273 -0.34 -39.21 -30.51
CA PRO A 273 -1.55 -38.38 -30.67
C PRO A 273 -2.81 -39.03 -30.14
N LYS A 274 -2.84 -40.36 -30.00
CA LYS A 274 -4.03 -41.01 -29.46
C LYS A 274 -4.35 -40.52 -28.05
N ARG A 275 -3.32 -40.09 -27.31
CA ARG A 275 -3.55 -39.54 -25.97
C ARG A 275 -4.52 -38.36 -26.04
N TRP A 276 -4.39 -37.52 -27.06
CA TRP A 276 -5.24 -36.35 -27.19
C TRP A 276 -6.67 -36.74 -27.53
N ILE A 277 -6.84 -37.59 -28.54
CA ILE A 277 -8.18 -38.08 -28.89
C ILE A 277 -8.82 -38.77 -27.70
N ASP A 278 -8.03 -39.52 -26.93
CA ASP A 278 -8.57 -40.21 -25.76
C ASP A 278 -9.09 -39.21 -24.74
N GLN A 279 -8.43 -38.04 -24.62
CA GLN A 279 -8.86 -37.01 -23.69
C GLN A 279 -10.16 -36.35 -24.13
N LEU A 280 -10.43 -36.29 -25.44
CA LEU A 280 -11.67 -35.73 -25.93
C LEU A 280 -12.83 -36.71 -25.84
N ASP A 281 -12.54 -38.00 -25.72
CA ASP A 281 -13.57 -39.02 -25.56
C ASP A 281 -14.50 -38.65 -24.41
N ARG A 282 -15.79 -38.93 -24.58
CA ARG A 282 -16.77 -38.51 -23.60
C ARG A 282 -16.60 -39.29 -22.30
N ARG A 283 -16.60 -38.57 -21.20
CA ARG A 283 -16.59 -39.13 -19.85
C ARG A 283 -17.98 -38.95 -19.24
N GLU A 284 -18.25 -39.75 -18.21
CA GLU A 284 -19.59 -39.77 -17.57
C GLU A 284 -20.04 -38.40 -17.10
N GLY A 285 -19.18 -37.64 -16.43
CA GLY A 285 -19.63 -36.35 -15.92
C GLY A 285 -19.81 -35.30 -17.01
N ASP A 286 -19.12 -35.46 -18.13
CA ASP A 286 -19.02 -34.48 -19.23
C ASP A 286 -20.31 -33.76 -19.61
N ASN A 287 -20.13 -32.46 -19.78
CA ASN A 287 -21.13 -31.58 -20.37
C ASN A 287 -20.66 -31.03 -21.71
N ALA A 288 -19.56 -30.28 -21.72
CA ALA A 288 -18.98 -29.76 -22.96
C ALA A 288 -17.47 -29.89 -22.89
N VAL A 289 -16.89 -30.32 -24.01
CA VAL A 289 -15.44 -30.50 -24.12
C VAL A 289 -14.92 -29.56 -25.20
N TYR A 290 -13.81 -28.90 -24.92
CA TYR A 290 -13.19 -27.97 -25.86
C TYR A 290 -11.72 -28.32 -26.05
N ALA A 291 -11.19 -27.96 -27.22
CA ALA A 291 -9.79 -28.19 -27.55
C ALA A 291 -9.31 -27.08 -28.47
N VAL A 292 -8.00 -26.84 -28.45
CA VAL A 292 -7.37 -25.77 -29.24
C VAL A 292 -6.05 -26.30 -29.78
N VAL A 293 -5.90 -26.29 -31.10
CA VAL A 293 -4.74 -26.91 -31.74
C VAL A 293 -4.34 -26.11 -32.97
N PRO A 294 -3.08 -26.25 -33.38
CA PRO A 294 -2.66 -25.79 -34.71
C PRO A 294 -3.10 -26.77 -35.79
N ASN A 295 -3.03 -26.29 -37.04
CA ASN A 295 -3.54 -27.06 -38.17
C ASN A 295 -2.87 -28.41 -38.31
N PHE A 296 -1.55 -28.46 -38.18
CA PHE A 296 -0.84 -29.72 -38.46
C PHE A 296 -1.34 -30.84 -37.56
N ALA A 297 -1.84 -30.50 -36.37
CA ALA A 297 -2.26 -31.54 -35.44
C ALA A 297 -3.43 -32.34 -35.99
N LEU A 298 -4.28 -31.71 -36.79
CA LEU A 298 -5.43 -32.42 -37.38
C LEU A 298 -4.96 -33.56 -38.28
N GLU A 299 -3.94 -33.31 -39.11
CA GLU A 299 -3.43 -34.36 -39.99
C GLU A 299 -2.71 -35.43 -39.19
N LEU A 300 -1.95 -35.03 -38.17
CA LEU A 300 -1.25 -36.00 -37.35
C LEU A 300 -2.23 -36.93 -36.65
N ALA A 301 -3.28 -36.37 -36.06
CA ALA A 301 -4.25 -37.20 -35.34
C ALA A 301 -5.06 -38.06 -36.32
N ALA A 302 -5.42 -37.50 -37.47
CA ALA A 302 -6.19 -38.26 -38.46
C ALA A 302 -5.43 -39.51 -38.90
N ARG A 303 -4.12 -39.41 -39.01
CA ARG A 303 -3.34 -40.54 -39.48
C ARG A 303 -2.93 -41.48 -38.35
N TYR A 304 -2.59 -40.93 -37.18
CA TYR A 304 -1.93 -41.71 -36.15
C TYR A 304 -2.73 -41.91 -34.86
N ALA A 305 -3.90 -41.27 -34.73
CA ALA A 305 -4.75 -41.55 -33.58
C ALA A 305 -5.96 -42.37 -34.03
N THR A 306 -5.73 -43.57 -34.50
CA THR A 306 -6.81 -44.32 -35.14
C THR A 306 -7.90 -44.63 -34.13
N PRO A 307 -9.16 -44.40 -34.44
CA PRO A 307 -10.22 -44.52 -33.44
C PRO A 307 -10.71 -45.95 -33.27
N SER A 308 -11.09 -46.26 -32.04
CA SER A 308 -11.60 -47.56 -31.65
C SER A 308 -13.12 -47.54 -31.58
N GLU A 309 -13.71 -48.74 -31.55
CA GLU A 309 -15.10 -48.86 -31.16
C GLU A 309 -15.27 -48.34 -29.74
N GLY A 310 -16.34 -47.59 -29.52
CA GLY A 310 -16.60 -46.96 -28.24
C GLY A 310 -16.19 -45.50 -28.15
N LEU A 311 -15.22 -45.06 -28.94
CA LEU A 311 -14.86 -43.64 -28.96
C LEU A 311 -16.09 -42.79 -29.26
N ASP A 312 -16.31 -41.76 -28.44
CA ASP A 312 -17.49 -40.90 -28.57
C ASP A 312 -17.06 -39.46 -28.41
N LEU A 313 -16.91 -38.76 -29.54
CA LEU A 313 -16.50 -37.36 -29.57
C LEU A 313 -17.67 -36.39 -29.61
N SER A 314 -18.88 -36.87 -29.35
CA SER A 314 -20.07 -36.02 -29.45
C SER A 314 -20.13 -34.95 -28.37
N ALA A 315 -19.32 -35.05 -27.31
CA ALA A 315 -19.30 -33.98 -26.32
C ALA A 315 -18.38 -32.81 -26.72
N VAL A 316 -17.60 -32.96 -27.78
CA VAL A 316 -16.71 -31.89 -28.23
C VAL A 316 -17.57 -30.77 -28.81
N GLU A 317 -17.63 -29.65 -28.10
CA GLU A 317 -18.43 -28.51 -28.53
C GLU A 317 -17.64 -27.49 -29.32
N GLY A 318 -16.31 -27.50 -29.20
CA GLY A 318 -15.47 -26.61 -29.97
C GLY A 318 -14.07 -27.15 -30.14
N LEU A 319 -13.67 -27.35 -31.38
CA LEU A 319 -12.30 -27.68 -31.74
C LEU A 319 -11.78 -26.44 -32.46
N ILE A 320 -11.14 -25.56 -31.70
CA ILE A 320 -10.56 -24.33 -32.24
C ILE A 320 -9.27 -24.68 -32.96
N ILE A 321 -9.08 -24.15 -34.17
CA ILE A 321 -7.89 -24.40 -34.94
C ILE A 321 -7.31 -23.06 -35.36
N GLY A 322 -6.01 -22.88 -35.13
CA GLY A 322 -5.37 -21.62 -35.47
C GLY A 322 -3.89 -21.63 -35.11
N SER A 323 -3.27 -20.46 -35.28
CA SER A 323 -1.85 -20.15 -35.11
C SER A 323 -1.07 -20.36 -36.41
N GLU A 324 -1.69 -20.97 -37.42
CA GLU A 324 -1.10 -21.10 -38.75
C GLU A 324 -2.25 -21.30 -39.72
N PRO A 325 -2.00 -21.17 -41.03
CA PRO A 325 -3.09 -21.33 -42.00
C PRO A 325 -3.78 -22.67 -41.80
N VAL A 326 -5.10 -22.62 -41.68
CA VAL A 326 -5.91 -23.82 -41.54
C VAL A 326 -6.28 -24.29 -42.95
N THR A 327 -6.02 -25.57 -43.23
CA THR A 327 -6.14 -26.08 -44.60
C THR A 327 -7.37 -26.95 -44.77
N GLU A 328 -7.97 -26.87 -45.96
CA GLU A 328 -9.05 -27.78 -46.29
C GLU A 328 -8.62 -29.23 -46.13
N LYS A 329 -7.41 -29.56 -46.60
CA LYS A 329 -6.95 -30.94 -46.54
C LYS A 329 -6.97 -31.46 -45.10
N ALA A 330 -6.46 -30.65 -44.17
CA ALA A 330 -6.40 -31.07 -42.78
C ALA A 330 -7.77 -31.12 -42.13
N VAL A 331 -8.63 -30.13 -42.40
CA VAL A 331 -9.96 -30.10 -41.81
C VAL A 331 -10.75 -31.34 -42.23
N GLU A 332 -10.67 -31.71 -43.52
CA GLU A 332 -11.49 -32.80 -44.04
C GLU A 332 -10.92 -34.16 -43.62
N ALA A 333 -9.59 -34.31 -43.59
CA ALA A 333 -9.02 -35.55 -43.08
C ALA A 333 -9.48 -35.81 -41.65
N PHE A 334 -9.47 -34.78 -40.80
CA PHE A 334 -9.94 -34.94 -39.44
C PHE A 334 -11.43 -35.23 -39.40
N ALA A 335 -12.24 -34.41 -40.07
CA ALA A 335 -13.68 -34.62 -40.08
C ALA A 335 -14.05 -36.01 -40.58
N GLU A 336 -13.36 -36.49 -41.62
CA GLU A 336 -13.70 -37.79 -42.19
C GLU A 336 -13.28 -38.91 -41.26
N THR A 337 -12.13 -38.79 -40.62
CA THR A 337 -11.66 -39.85 -39.74
C THR A 337 -12.52 -39.95 -38.48
N PHE A 338 -12.88 -38.82 -37.88
CA PHE A 338 -13.50 -38.86 -36.57
C PHE A 338 -14.99 -38.58 -36.58
N GLY A 339 -15.56 -38.12 -37.72
CA GLY A 339 -16.99 -37.99 -37.84
C GLY A 339 -17.77 -39.25 -37.51
N PRO A 340 -17.32 -40.42 -37.96
CA PRO A 340 -18.03 -41.66 -37.60
C PRO A 340 -18.02 -41.95 -36.11
N TYR A 341 -17.22 -41.26 -35.33
CA TYR A 341 -17.13 -41.49 -33.89
C TYR A 341 -17.70 -40.34 -33.08
N GLY A 342 -18.61 -39.55 -33.66
CA GLY A 342 -19.30 -38.51 -32.94
C GLY A 342 -18.73 -37.11 -33.09
N LEU A 343 -17.61 -36.95 -33.79
CA LEU A 343 -17.04 -35.62 -34.00
C LEU A 343 -17.92 -34.84 -34.96
N ASN A 344 -18.61 -33.83 -34.45
CA ASN A 344 -19.47 -32.98 -35.26
C ASN A 344 -18.61 -31.98 -36.04
N ARG A 345 -18.59 -32.12 -37.37
CA ARG A 345 -17.78 -31.24 -38.20
C ARG A 345 -18.12 -29.78 -37.97
N GLN A 346 -19.37 -29.47 -37.63
CA GLN A 346 -19.77 -28.08 -37.41
C GLN A 346 -19.11 -27.46 -36.20
N ASN A 347 -18.46 -28.26 -35.35
CA ASN A 347 -17.80 -27.77 -34.16
C ASN A 347 -16.31 -27.52 -34.36
N MET A 348 -15.81 -27.74 -35.57
CA MET A 348 -14.47 -27.31 -35.95
C MET A 348 -14.52 -25.81 -36.29
N ARG A 349 -13.70 -25.02 -35.58
CA ARG A 349 -13.88 -23.57 -35.53
C ARG A 349 -12.54 -22.88 -35.79
N PRO A 350 -12.14 -22.77 -37.05
CA PRO A 350 -10.90 -22.07 -37.36
C PRO A 350 -10.95 -20.63 -36.88
N SER A 351 -9.86 -20.16 -36.28
CA SER A 351 -9.82 -18.85 -35.64
C SER A 351 -8.45 -18.22 -35.82
N TYR A 352 -8.39 -16.90 -35.65
CA TYR A 352 -7.22 -16.13 -35.99
C TYR A 352 -6.90 -15.12 -34.89
N GLY A 353 -5.61 -14.95 -34.61
CA GLY A 353 -5.17 -13.98 -33.63
C GLY A 353 -3.65 -13.86 -33.62
N LEU A 354 -3.17 -13.06 -32.69
CA LEU A 354 -1.74 -12.84 -32.57
C LEU A 354 -1.49 -12.14 -31.24
N ALA A 355 -0.27 -12.30 -30.74
CA ALA A 355 0.07 -11.76 -29.42
C ALA A 355 -0.19 -10.26 -29.34
N GLU A 356 0.01 -9.54 -30.45
CA GLU A 356 -0.18 -8.09 -30.43
C GLU A 356 -1.61 -7.69 -30.11
N ALA A 357 -2.57 -8.61 -30.29
CA ALA A 357 -3.96 -8.40 -29.93
C ALA A 357 -4.34 -9.17 -28.67
N SER A 358 -3.35 -9.50 -27.84
CA SER A 358 -3.44 -10.38 -26.69
C SER A 358 -3.57 -11.83 -27.15
N LEU A 359 -4.71 -12.21 -27.72
CA LEU A 359 -4.83 -13.56 -28.24
C LEU A 359 -5.74 -13.61 -29.47
N LEU A 360 -7.04 -13.34 -29.29
CA LEU A 360 -8.03 -13.65 -30.32
C LEU A 360 -8.51 -12.38 -31.03
N VAL A 361 -8.48 -12.41 -32.36
CA VAL A 361 -9.09 -11.36 -33.19
C VAL A 361 -10.41 -11.82 -33.81
N THR A 362 -10.42 -12.97 -34.51
CA THR A 362 -11.65 -13.46 -35.13
C THR A 362 -11.90 -14.92 -34.77
N THR A 363 -13.18 -15.28 -34.73
CA THR A 363 -13.60 -16.67 -34.55
C THR A 363 -15.01 -16.81 -35.10
N PRO A 364 -15.39 -18.00 -35.59
CA PRO A 364 -16.75 -18.17 -36.10
C PRO A 364 -17.78 -17.86 -35.02
N GLN A 365 -18.71 -16.96 -35.36
CA GLN A 365 -19.80 -16.60 -34.46
C GLN A 365 -21.17 -16.83 -35.10
N THR A 366 -21.22 -17.56 -36.23
CA THR A 366 -22.45 -18.04 -36.83
C THR A 366 -22.39 -19.56 -36.91
N PRO A 367 -23.51 -20.23 -37.21
CA PRO A 367 -23.45 -21.69 -37.41
C PRO A 367 -22.71 -22.13 -38.66
N GLN A 368 -22.38 -21.20 -39.57
CA GLN A 368 -21.71 -21.54 -40.83
C GLN A 368 -20.20 -21.62 -40.59
N ARG A 369 -19.79 -22.76 -40.09
CA ARG A 369 -18.38 -23.12 -39.88
C ARG A 369 -18.26 -24.65 -39.87
N PRO A 370 -17.10 -25.23 -40.23
CA PRO A 370 -15.97 -24.48 -40.74
C PRO A 370 -16.16 -24.13 -42.21
N VAL A 371 -15.80 -22.91 -42.61
CA VAL A 371 -15.98 -22.45 -43.98
C VAL A 371 -14.76 -22.84 -44.81
N ILE A 372 -15.03 -23.42 -45.98
CA ILE A 372 -14.02 -23.67 -47.00
C ILE A 372 -14.50 -22.99 -48.27
N SER A 373 -13.67 -22.13 -48.85
CA SER A 373 -14.06 -21.44 -50.08
C SER A 373 -12.95 -21.54 -51.11
N TYR A 374 -13.35 -21.43 -52.37
CA TYR A 374 -12.47 -21.65 -53.51
C TYR A 374 -12.35 -20.36 -54.31
N PHE A 375 -11.13 -19.91 -54.52
CA PHE A 375 -10.85 -18.62 -55.13
C PHE A 375 -10.03 -18.81 -56.40
N ASP A 376 -10.31 -17.99 -57.40
CA ASP A 376 -9.54 -18.02 -58.63
C ASP A 376 -8.08 -17.66 -58.37
N ARG A 377 -7.15 -18.55 -58.77
CA ARG A 377 -5.75 -18.32 -58.46
C ARG A 377 -5.22 -17.05 -59.13
N GLU A 378 -5.58 -16.83 -60.40
CA GLU A 378 -5.06 -15.67 -61.11
C GLU A 378 -5.51 -14.37 -60.48
N GLN A 379 -6.82 -14.26 -60.17
CA GLN A 379 -7.31 -13.07 -59.50
C GLN A 379 -6.67 -12.90 -58.13
N LEU A 380 -6.48 -13.99 -57.41
CA LEU A 380 -5.83 -13.93 -56.10
C LEU A 380 -4.43 -13.34 -56.22
N ALA A 381 -3.68 -13.79 -57.23
CA ALA A 381 -2.36 -13.22 -57.51
C ALA A 381 -2.43 -11.72 -57.82
N ALA A 382 -3.61 -11.20 -58.14
CA ALA A 382 -3.81 -9.77 -58.34
C ALA A 382 -4.63 -9.13 -57.22
N ASN A 383 -4.63 -9.75 -56.03
CA ASN A 383 -5.22 -9.17 -54.83
C ASN A 383 -6.73 -9.05 -54.90
N ARG A 384 -7.38 -9.93 -55.66
CA ARG A 384 -8.83 -9.98 -55.70
C ARG A 384 -9.28 -11.41 -55.42
N ALA A 385 -10.32 -11.53 -54.60
CA ALA A 385 -10.91 -12.81 -54.24
C ALA A 385 -12.19 -13.00 -55.04
N VAL A 386 -12.18 -13.94 -55.98
CA VAL A 386 -13.36 -14.25 -56.79
C VAL A 386 -13.70 -15.73 -56.57
N ILE A 387 -14.89 -15.99 -56.00
CA ILE A 387 -15.31 -17.35 -55.70
C ILE A 387 -15.52 -18.12 -56.98
N VAL A 388 -14.92 -19.31 -57.07
CA VAL A 388 -15.07 -20.19 -58.22
C VAL A 388 -15.51 -21.56 -57.71
N ASP A 389 -15.69 -22.48 -58.66
CA ASP A 389 -15.99 -23.87 -58.35
C ASP A 389 -14.73 -24.59 -57.88
N LYS A 390 -14.94 -25.56 -56.99
CA LYS A 390 -13.83 -26.39 -56.54
C LYS A 390 -13.05 -26.94 -57.72
N GLY A 391 -11.73 -26.86 -57.62
CA GLY A 391 -10.85 -27.62 -58.49
C GLY A 391 -10.73 -27.17 -59.92
N ASP A 392 -10.89 -25.87 -60.20
CA ASP A 392 -10.57 -25.33 -61.52
C ASP A 392 -9.66 -24.11 -61.31
N ASN A 393 -8.36 -24.38 -61.22
CA ASN A 393 -7.37 -23.35 -60.90
C ASN A 393 -7.77 -22.57 -59.65
N ALA A 394 -8.30 -23.29 -58.66
CA ALA A 394 -8.86 -22.70 -57.47
C ALA A 394 -7.89 -22.81 -56.30
N VAL A 395 -7.85 -21.77 -55.48
CA VAL A 395 -7.14 -21.79 -54.20
C VAL A 395 -8.18 -21.99 -53.11
N ALA A 396 -8.03 -23.05 -52.33
CA ALA A 396 -8.91 -23.31 -51.20
C ALA A 396 -8.39 -22.55 -49.98
N LEU A 397 -9.22 -21.67 -49.43
CA LEU A 397 -8.89 -20.96 -48.21
C LEU A 397 -9.97 -21.19 -47.17
N THR A 398 -9.58 -21.17 -45.90
CA THR A 398 -10.49 -21.48 -44.80
C THR A 398 -10.92 -20.20 -44.09
N GLY A 399 -12.22 -20.08 -43.83
CA GLY A 399 -12.72 -18.92 -43.12
C GLY A 399 -12.42 -19.02 -41.63
N VAL A 400 -11.95 -17.90 -41.07
CA VAL A 400 -11.66 -17.83 -39.64
C VAL A 400 -12.66 -16.93 -38.91
N GLY A 401 -13.85 -16.72 -39.50
CA GLY A 401 -14.92 -16.13 -38.74
C GLY A 401 -14.96 -14.61 -38.70
N GLN A 402 -15.45 -14.07 -37.58
CA GLN A 402 -15.77 -12.65 -37.43
C GLN A 402 -15.01 -12.06 -36.24
N VAL A 403 -14.79 -10.74 -36.30
CA VAL A 403 -14.05 -10.06 -35.23
C VAL A 403 -14.82 -10.18 -33.92
N VAL A 404 -14.08 -10.33 -32.82
CA VAL A 404 -14.69 -10.53 -31.50
C VAL A 404 -14.79 -9.17 -30.82
N ARG A 405 -16.02 -8.67 -30.72
CA ARG A 405 -16.31 -7.31 -30.32
C ARG A 405 -16.28 -7.16 -28.79
N PRO A 406 -16.09 -5.92 -28.30
CA PRO A 406 -15.90 -4.70 -29.11
C PRO A 406 -14.47 -4.55 -29.65
N GLN A 407 -14.36 -4.42 -30.97
CA GLN A 407 -13.09 -4.48 -31.68
C GLN A 407 -13.38 -4.28 -33.16
N ASN A 408 -12.48 -3.64 -33.89
CA ASN A 408 -12.63 -3.50 -35.34
C ASN A 408 -11.54 -4.28 -36.06
N LEU A 409 -11.90 -4.86 -37.20
CA LEU A 409 -10.96 -5.54 -38.07
C LEU A 409 -11.21 -5.03 -39.49
N VAL A 410 -10.18 -4.39 -40.06
CA VAL A 410 -10.31 -3.74 -41.36
C VAL A 410 -9.22 -4.27 -42.27
N ILE A 411 -9.53 -4.37 -43.56
CA ILE A 411 -8.60 -4.80 -44.59
C ILE A 411 -8.10 -3.53 -45.28
N VAL A 412 -6.78 -3.36 -45.31
CA VAL A 412 -6.16 -2.07 -45.63
C VAL A 412 -5.06 -2.27 -46.66
N ASP A 413 -5.07 -1.45 -47.69
CA ASP A 413 -3.94 -1.42 -48.63
C ASP A 413 -2.71 -0.92 -47.90
N PRO A 414 -1.70 -1.76 -47.63
CA PRO A 414 -0.56 -1.28 -46.83
C PRO A 414 0.22 -0.14 -47.48
N GLU A 415 0.16 -0.01 -48.82
CA GLU A 415 0.90 1.04 -49.52
C GLU A 415 0.24 2.40 -49.31
N THR A 416 -1.09 2.45 -49.42
CA THR A 416 -1.81 3.71 -49.28
C THR A 416 -2.45 3.89 -47.92
N ARG A 417 -2.53 2.84 -47.11
CA ARG A 417 -3.10 2.92 -45.76
C ARG A 417 -4.57 3.31 -45.80
N THR A 418 -5.29 2.79 -46.80
CA THR A 418 -6.71 3.06 -46.97
C THR A 418 -7.48 1.75 -46.98
N GLU A 419 -8.68 1.77 -46.40
CA GLU A 419 -9.51 0.57 -46.38
C GLU A 419 -9.82 0.12 -47.80
N VAL A 420 -9.85 -1.19 -48.00
CA VAL A 420 -10.19 -1.76 -49.30
C VAL A 420 -11.53 -2.47 -49.19
N ALA A 421 -12.22 -2.55 -50.32
CA ALA A 421 -13.55 -3.16 -50.36
C ALA A 421 -13.46 -4.66 -50.05
N ASP A 422 -14.53 -5.19 -49.45
CA ASP A 422 -14.63 -6.63 -49.28
C ASP A 422 -14.39 -7.33 -50.60
N GLY A 423 -13.60 -8.39 -50.57
CA GLY A 423 -13.18 -9.09 -51.76
C GLY A 423 -11.83 -8.67 -52.29
N THR A 424 -11.26 -7.59 -51.76
CA THR A 424 -9.92 -7.14 -52.11
C THR A 424 -8.96 -7.55 -51.00
N ILE A 425 -7.84 -8.15 -51.40
CA ILE A 425 -6.84 -8.60 -50.43
C ILE A 425 -6.09 -7.39 -49.91
N GLY A 426 -5.88 -7.36 -48.59
CA GLY A 426 -5.10 -6.30 -47.97
C GLY A 426 -4.45 -6.74 -46.67
N GLU A 427 -3.80 -5.81 -45.98
CA GLU A 427 -3.27 -6.12 -44.66
C GLU A 427 -4.37 -5.99 -43.63
N LEU A 428 -4.43 -6.94 -42.71
CA LEU A 428 -5.38 -6.84 -41.60
C LEU A 428 -4.92 -5.80 -40.59
N TRP A 429 -5.78 -4.84 -40.27
CA TRP A 429 -5.55 -3.85 -39.23
C TRP A 429 -6.62 -4.00 -38.16
N ALA A 430 -6.20 -3.98 -36.89
CA ALA A 430 -7.10 -4.16 -35.77
C ALA A 430 -7.10 -2.92 -34.89
N HIS A 431 -8.25 -2.65 -34.26
CA HIS A 431 -8.40 -1.56 -33.33
C HIS A 431 -9.25 -2.06 -32.17
N GLY A 432 -8.76 -1.88 -30.94
CA GLY A 432 -9.55 -2.31 -29.80
C GLY A 432 -8.71 -2.33 -28.54
N GLU A 433 -9.40 -2.44 -27.42
CA GLU A 433 -8.71 -2.37 -26.14
C GLU A 433 -8.04 -3.68 -25.73
N ASN A 434 -8.18 -4.73 -26.54
CA ASN A 434 -7.37 -5.93 -26.34
C ASN A 434 -5.95 -5.78 -26.90
N MET A 435 -5.67 -4.71 -27.64
CA MET A 435 -4.36 -4.55 -28.24
C MET A 435 -3.29 -4.36 -27.17
N ALA A 436 -2.10 -4.88 -27.44
CA ALA A 436 -1.01 -4.69 -26.51
C ALA A 436 -0.56 -3.22 -26.53
N ALA A 437 0.19 -2.85 -25.49
CA ALA A 437 0.65 -1.48 -25.36
C ALA A 437 1.84 -1.18 -26.27
N GLY A 438 2.58 -2.19 -26.70
CA GLY A 438 3.74 -1.98 -27.53
C GLY A 438 4.76 -3.08 -27.30
N TYR A 439 5.93 -2.88 -27.90
CA TYR A 439 7.09 -3.75 -27.71
C TYR A 439 8.04 -3.11 -26.69
N LEU A 440 8.42 -3.87 -25.68
CA LEU A 440 9.19 -3.32 -24.56
C LEU A 440 10.44 -2.59 -25.03
N ASP A 441 10.51 -1.28 -24.73
CA ASP A 441 11.70 -0.46 -24.99
C ASP A 441 12.08 -0.43 -26.46
N ARG A 442 11.12 -0.61 -27.37
CA ARG A 442 11.36 -0.56 -28.80
C ARG A 442 10.43 0.51 -29.39
N PRO A 443 10.80 1.79 -29.28
CA PRO A 443 9.85 2.85 -29.64
C PRO A 443 9.49 2.87 -31.12
N GLU A 444 10.45 2.61 -32.02
CA GLU A 444 10.16 2.68 -33.45
C GLU A 444 9.34 1.47 -33.89
N ASP A 445 9.72 0.27 -33.43
CA ASP A 445 8.94 -0.92 -33.75
C ASP A 445 7.52 -0.81 -33.20
N THR A 446 7.40 -0.31 -31.97
CA THR A 446 6.08 -0.04 -31.41
C THR A 446 5.28 0.89 -32.31
N ALA A 447 5.90 1.99 -32.76
CA ALA A 447 5.19 2.93 -33.62
C ALA A 447 4.75 2.26 -34.92
N GLU A 448 5.66 1.50 -35.54
CA GLU A 448 5.31 0.87 -36.82
C GLU A 448 4.11 -0.04 -36.66
N THR A 449 4.11 -0.90 -35.63
CA THR A 449 3.08 -1.92 -35.51
C THR A 449 1.81 -1.40 -34.86
N PHE A 450 1.93 -0.58 -33.82
CA PHE A 450 0.77 -0.23 -32.99
C PHE A 450 0.19 1.15 -33.24
N HIS A 451 0.92 2.05 -33.88
CA HIS A 451 0.48 3.45 -33.97
C HIS A 451 0.28 3.82 -35.43
N ASN A 452 -0.73 3.20 -36.04
CA ASN A 452 -1.06 3.46 -37.43
C ASN A 452 -2.34 4.29 -37.51
N THR A 453 -2.42 5.09 -38.56
CA THR A 453 -3.57 5.94 -38.83
C THR A 453 -4.22 5.44 -40.10
N LEU A 454 -5.55 5.30 -40.07
CA LEU A 454 -6.29 4.89 -41.26
C LEU A 454 -6.49 6.13 -42.13
N ALA A 455 -5.82 6.18 -43.27
CA ALA A 455 -5.81 7.39 -44.10
C ALA A 455 -7.08 7.60 -44.89
N GLY A 456 -7.91 6.57 -45.04
CA GLY A 456 -9.15 6.68 -45.77
C GLY A 456 -9.99 5.44 -45.56
N ARG A 457 -11.33 5.59 -45.63
CA ARG A 457 -12.27 4.51 -45.38
C ARG A 457 -13.33 4.46 -46.48
N LEU A 458 -14.03 3.33 -46.54
CA LEU A 458 -15.15 3.17 -47.44
C LEU A 458 -16.40 3.80 -46.85
N GLU A 459 -17.40 4.00 -47.71
CA GLU A 459 -18.67 4.55 -47.26
C GLU A 459 -19.26 3.70 -46.15
N ASN A 460 -19.25 2.38 -46.35
CA ASN A 460 -19.71 1.43 -45.33
C ASN A 460 -18.44 0.78 -44.78
N SER A 461 -17.89 1.37 -43.72
CA SER A 461 -16.54 1.02 -43.25
C SER A 461 -16.57 0.00 -42.13
N ARG A 462 -15.66 -0.98 -42.21
CA ARG A 462 -15.42 -1.84 -41.05
C ARG A 462 -14.72 -1.10 -39.92
N ALA A 463 -14.30 0.14 -40.14
CA ALA A 463 -13.73 0.99 -39.09
C ALA A 463 -14.79 1.83 -38.39
N ALA A 464 -16.06 1.63 -38.69
CA ALA A 464 -17.10 2.44 -38.04
C ALA A 464 -17.05 2.23 -36.53
N GLY A 465 -17.19 3.34 -35.80
CA GLY A 465 -17.05 3.36 -34.36
C GLY A 465 -15.69 3.82 -33.86
N VAL A 466 -14.69 3.90 -34.73
CA VAL A 466 -13.35 4.35 -34.37
C VAL A 466 -13.17 5.79 -34.83
N PRO A 467 -12.75 6.70 -33.96
CA PRO A 467 -12.43 8.06 -34.41
C PRO A 467 -11.54 8.06 -35.64
N GLU A 468 -11.88 8.90 -36.62
CA GLU A 468 -11.15 8.91 -37.88
C GLU A 468 -9.68 9.30 -37.70
N GLU A 469 -9.37 10.05 -36.64
CA GLU A 469 -8.00 10.49 -36.40
C GLU A 469 -7.20 9.52 -35.52
N SER A 470 -7.77 8.39 -35.12
CA SER A 470 -7.08 7.52 -34.19
C SER A 470 -5.73 7.12 -34.75
N THR A 471 -4.70 7.17 -33.91
CA THR A 471 -3.38 6.69 -34.28
C THR A 471 -3.06 5.33 -33.67
N LYS A 472 -4.09 4.56 -33.32
CA LYS A 472 -3.93 3.33 -32.56
C LYS A 472 -4.32 2.10 -33.35
N TRP A 473 -4.27 2.15 -34.68
CA TRP A 473 -4.50 0.95 -35.47
C TRP A 473 -3.25 0.07 -35.42
N MET A 474 -3.47 -1.22 -35.17
CA MET A 474 -2.40 -2.20 -35.10
C MET A 474 -2.32 -2.93 -36.43
N ALA A 475 -1.19 -2.78 -37.12
CA ALA A 475 -0.97 -3.42 -38.41
C ALA A 475 -0.38 -4.81 -38.16
N THR A 476 -1.15 -5.85 -38.49
CA THR A 476 -0.80 -7.22 -38.09
C THR A 476 0.38 -7.79 -38.88
N GLY A 477 0.69 -7.24 -40.05
CA GLY A 477 1.63 -7.91 -40.94
C GLY A 477 1.07 -9.12 -41.65
N ASP A 478 -0.22 -9.39 -41.51
CA ASP A 478 -0.88 -10.53 -42.13
C ASP A 478 -1.76 -10.06 -43.29
N LEU A 479 -1.73 -10.80 -44.39
CA LEU A 479 -2.56 -10.49 -45.54
C LEU A 479 -3.82 -11.36 -45.51
N GLY A 480 -4.91 -10.80 -45.99
CA GLY A 480 -6.16 -11.54 -45.99
C GLY A 480 -7.22 -10.79 -46.75
N VAL A 481 -8.45 -11.29 -46.65
CA VAL A 481 -9.58 -10.72 -47.38
C VAL A 481 -10.85 -11.13 -46.68
N ILE A 482 -11.85 -10.27 -46.72
CA ILE A 482 -13.17 -10.58 -46.19
C ILE A 482 -14.12 -10.75 -47.38
N VAL A 483 -14.75 -11.93 -47.45
CA VAL A 483 -15.69 -12.27 -48.52
C VAL A 483 -16.97 -12.76 -47.88
N ASP A 484 -18.09 -12.16 -48.25
CA ASP A 484 -19.40 -12.53 -47.70
C ASP A 484 -19.36 -12.54 -46.18
N GLY A 485 -18.73 -11.52 -45.58
CA GLY A 485 -18.68 -11.36 -44.14
C GLY A 485 -17.66 -12.23 -43.41
N GLU A 486 -16.92 -13.07 -44.11
CA GLU A 486 -16.02 -14.04 -43.51
C GLU A 486 -14.58 -13.64 -43.78
N LEU A 487 -13.74 -13.71 -42.75
CA LEU A 487 -12.31 -13.42 -42.92
C LEU A 487 -11.56 -14.65 -43.42
N TYR A 488 -10.67 -14.44 -44.38
CA TYR A 488 -9.73 -15.45 -44.81
C TYR A 488 -8.31 -14.90 -44.69
N ILE A 489 -7.39 -15.73 -44.22
CA ILE A 489 -5.97 -15.37 -44.14
C ILE A 489 -5.25 -15.97 -45.35
N THR A 490 -4.57 -15.14 -46.12
CA THR A 490 -3.79 -15.62 -47.24
C THR A 490 -2.33 -15.85 -46.90
N GLY A 491 -1.71 -14.99 -46.12
CA GLY A 491 -0.34 -15.25 -45.67
C GLY A 491 0.25 -14.03 -44.98
N ARG A 492 1.49 -14.20 -44.54
CA ARG A 492 2.22 -13.11 -43.92
C ARG A 492 2.76 -12.15 -44.99
N LEU A 493 2.48 -10.86 -44.81
CA LEU A 493 2.92 -9.85 -45.78
C LEU A 493 4.39 -10.00 -46.12
N LYS A 494 5.26 -10.12 -45.12
CA LYS A 494 6.69 -10.18 -45.37
C LYS A 494 7.13 -11.43 -46.13
N ASP A 495 6.35 -12.50 -46.10
CA ASP A 495 6.77 -13.77 -46.69
C ASP A 495 6.01 -14.09 -47.97
N LEU A 496 5.32 -13.11 -48.54
CA LEU A 496 4.69 -13.25 -49.83
C LEU A 496 5.72 -13.65 -50.88
N VAL A 497 5.32 -14.55 -51.79
CA VAL A 497 6.18 -15.01 -52.88
C VAL A 497 5.76 -14.24 -54.13
N ILE A 498 6.53 -13.21 -54.48
CA ILE A 498 6.21 -12.33 -55.60
C ILE A 498 7.26 -12.56 -56.68
N ILE A 499 6.81 -13.12 -57.81
CA ILE A 499 7.68 -13.46 -58.93
C ILE A 499 7.04 -12.92 -60.20
N ALA A 500 7.78 -12.09 -60.93
CA ALA A 500 7.31 -11.53 -62.20
C ALA A 500 5.95 -10.84 -62.03
N GLY A 501 5.85 -10.02 -60.98
CA GLY A 501 4.65 -9.23 -60.74
C GLY A 501 3.43 -10.00 -60.28
N ARG A 502 3.58 -11.28 -59.94
CA ARG A 502 2.46 -12.11 -59.50
C ARG A 502 2.70 -12.54 -58.06
N ASN A 503 1.64 -12.45 -57.24
CA ASN A 503 1.70 -12.85 -55.83
C ASN A 503 1.35 -14.32 -55.70
N HIS A 504 2.24 -15.09 -55.06
CA HIS A 504 2.02 -16.49 -54.79
C HIS A 504 2.03 -16.74 -53.29
N TYR A 505 1.08 -17.53 -52.82
CA TYR A 505 1.03 -17.73 -51.37
C TYR A 505 1.60 -19.08 -50.98
N PRO A 506 2.55 -19.10 -50.04
CA PRO A 506 3.12 -20.38 -49.58
C PRO A 506 2.10 -21.47 -49.30
N GLN A 507 0.99 -21.15 -48.61
CA GLN A 507 0.05 -22.21 -48.28
C GLN A 507 -0.55 -22.82 -49.54
N ASP A 508 -0.78 -21.99 -50.56
CA ASP A 508 -1.24 -22.47 -51.87
C ASP A 508 -0.19 -23.39 -52.50
N ILE A 509 1.07 -22.91 -52.55
CA ILE A 509 2.14 -23.71 -53.11
C ILE A 509 2.31 -25.01 -52.32
N GLU A 510 2.25 -24.92 -50.99
CA GLU A 510 2.49 -26.09 -50.17
C GLU A 510 1.43 -27.17 -50.41
N TYR A 511 0.18 -26.77 -50.68
CA TYR A 511 -0.82 -27.79 -51.04
C TYR A 511 -0.43 -28.48 -52.35
N THR A 512 -0.06 -27.69 -53.35
CA THR A 512 0.36 -28.27 -54.63
C THR A 512 1.49 -29.27 -54.42
N VAL A 513 2.48 -28.92 -53.61
CA VAL A 513 3.60 -29.82 -53.39
C VAL A 513 3.12 -31.10 -52.72
N ASP A 514 2.38 -30.95 -51.61
CA ASP A 514 1.84 -32.09 -50.88
C ASP A 514 1.04 -33.00 -51.81
N HIS A 515 0.12 -32.42 -52.58
CA HIS A 515 -0.75 -33.21 -53.45
C HIS A 515 0.00 -33.85 -54.62
N ALA A 516 1.22 -33.37 -54.92
CA ALA A 516 1.92 -33.77 -56.15
C ALA A 516 2.52 -35.17 -56.07
N SER A 517 2.68 -35.73 -54.87
CA SER A 517 3.30 -37.04 -54.77
C SER A 517 3.10 -37.65 -53.38
N GLU A 518 2.70 -38.93 -53.35
CA GLU A 518 2.58 -39.63 -52.07
C GLU A 518 3.94 -39.97 -51.47
N HIS A 519 5.03 -39.60 -52.15
CA HIS A 519 6.36 -39.72 -51.56
C HIS A 519 6.57 -38.69 -50.44
N ILE A 520 5.78 -37.63 -50.43
CA ILE A 520 5.96 -36.52 -49.50
C ILE A 520 5.11 -36.76 -48.26
N ARG A 521 5.69 -36.49 -47.11
CA ARG A 521 4.95 -36.60 -45.85
C ARG A 521 3.85 -35.55 -45.80
N PRO A 522 2.62 -35.92 -45.44
CA PRO A 522 1.51 -34.96 -45.46
C PRO A 522 1.81 -33.72 -44.62
N ALA A 523 1.53 -32.54 -45.20
CA ALA A 523 1.63 -31.27 -44.47
C ALA A 523 3.05 -31.04 -43.94
N ALA A 524 4.05 -31.63 -44.60
CA ALA A 524 5.43 -31.41 -44.18
C ALA A 524 6.19 -30.71 -45.29
N VAL A 525 5.69 -29.56 -45.73
CA VAL A 525 6.29 -28.77 -46.79
C VAL A 525 6.44 -27.34 -46.31
N ALA A 526 7.61 -26.76 -46.58
CA ALA A 526 7.84 -25.33 -46.42
C ALA A 526 8.19 -24.75 -47.78
N ALA A 527 7.37 -23.83 -48.26
CA ALA A 527 7.66 -23.08 -49.47
C ALA A 527 7.96 -21.62 -49.12
N PHE A 528 8.99 -21.06 -49.73
CA PHE A 528 9.34 -19.68 -49.48
C PHE A 528 10.16 -19.14 -50.64
N ALA A 529 10.26 -17.82 -50.69
CA ALA A 529 11.04 -17.12 -51.69
C ALA A 529 12.33 -16.61 -51.09
N ILE A 530 13.38 -16.57 -51.92
CA ILE A 530 14.63 -15.92 -51.58
C ILE A 530 15.01 -15.02 -52.76
N GLU A 531 15.81 -14.01 -52.44
CA GLU A 531 16.30 -13.04 -53.44
C GLU A 531 17.27 -13.78 -54.36
N GLY A 532 17.10 -13.64 -55.68
CA GLY A 532 17.99 -14.29 -56.65
C GLY A 532 19.01 -13.30 -57.21
N ASP A 533 19.29 -13.37 -58.51
CA ASP A 533 20.26 -12.44 -59.16
C ASP A 533 19.58 -11.08 -59.34
N ALA A 534 18.44 -11.06 -60.05
CA ALA A 534 17.67 -9.83 -60.29
C ALA A 534 16.18 -10.16 -60.20
N VAL A 535 15.84 -11.16 -59.39
CA VAL A 535 14.42 -11.62 -59.21
C VAL A 535 14.34 -12.44 -57.90
N GLU A 536 13.15 -12.97 -57.59
CA GLU A 536 12.89 -13.78 -56.39
C GLU A 536 12.87 -15.24 -56.87
N GLN A 537 13.46 -16.14 -56.10
CA GLN A 537 13.46 -17.57 -56.39
C GLN A 537 12.54 -18.31 -55.41
N LEU A 538 11.80 -19.28 -55.93
CA LEU A 538 10.93 -20.13 -55.13
C LEU A 538 11.71 -21.36 -54.66
N ILE A 539 11.83 -21.51 -53.34
CA ILE A 539 12.48 -22.66 -52.73
C ILE A 539 11.41 -23.53 -52.07
N ILE A 540 11.57 -24.84 -52.18
CA ILE A 540 10.62 -25.78 -51.61
C ILE A 540 11.40 -26.82 -50.83
N LEU A 541 11.09 -26.95 -49.54
CA LEU A 541 11.61 -28.02 -48.68
C LEU A 541 10.47 -28.95 -48.33
N ALA A 542 10.71 -30.26 -48.44
CA ALA A 542 9.67 -31.23 -48.14
C ALA A 542 10.31 -32.49 -47.57
N GLU A 543 9.67 -33.05 -46.55
CA GLU A 543 10.09 -34.32 -45.98
C GLU A 543 9.45 -35.47 -46.75
N ARG A 544 10.23 -36.52 -47.01
CA ARG A 544 9.66 -37.76 -47.51
C ARG A 544 8.93 -38.48 -46.38
N ASP A 545 7.84 -39.16 -46.73
CA ASP A 545 7.00 -39.75 -45.71
C ASP A 545 7.75 -40.85 -44.95
N LEU A 546 7.09 -41.35 -43.90
CA LEU A 546 7.80 -42.17 -42.91
C LEU A 546 8.30 -43.48 -43.50
N ASP A 547 7.59 -44.06 -44.47
CA ASP A 547 7.92 -45.38 -44.99
C ASP A 547 8.81 -45.32 -46.23
N ARG A 548 9.20 -44.13 -46.66
CA ARG A 548 9.88 -43.95 -47.97
C ARG A 548 11.41 -43.98 -47.94
N ASP A 549 11.98 -44.43 -49.05
CA ASP A 549 13.44 -44.47 -49.22
C ASP A 549 13.89 -43.28 -50.04
N PRO A 550 15.07 -42.69 -49.76
CA PRO A 550 15.66 -41.64 -50.56
C PRO A 550 15.74 -41.96 -52.06
N SER A 551 15.64 -43.24 -52.45
CA SER A 551 15.66 -43.56 -53.88
C SER A 551 14.46 -42.98 -54.62
N GLY A 552 13.36 -42.73 -53.90
CA GLY A 552 12.20 -42.10 -54.52
C GLY A 552 12.27 -40.60 -54.62
N ASP A 553 13.33 -39.99 -54.09
CA ASP A 553 13.44 -38.53 -54.10
C ASP A 553 13.44 -37.97 -55.52
N ALA A 554 14.25 -38.55 -56.40
CA ALA A 554 14.38 -38.02 -57.76
C ALA A 554 13.02 -37.94 -58.45
N GLU A 555 12.25 -39.02 -58.36
CA GLU A 555 10.91 -39.01 -58.95
C GLU A 555 10.02 -37.95 -58.33
N ALA A 556 10.01 -37.86 -56.99
CA ALA A 556 9.16 -36.89 -56.32
C ALA A 556 9.56 -35.47 -56.69
N ILE A 557 10.86 -35.20 -56.80
CA ILE A 557 11.31 -33.86 -57.19
C ILE A 557 10.78 -33.50 -58.56
N ASP A 558 10.97 -34.37 -59.55
CA ASP A 558 10.45 -34.12 -60.88
C ASP A 558 8.94 -33.88 -60.86
N ALA A 559 8.20 -34.70 -60.11
CA ALA A 559 6.75 -34.53 -60.01
C ALA A 559 6.39 -33.23 -59.30
N ILE A 560 7.13 -32.86 -58.26
CA ILE A 560 6.84 -31.60 -57.58
C ILE A 560 7.09 -30.43 -58.52
N ARG A 561 8.20 -30.46 -59.25
CA ARG A 561 8.54 -29.36 -60.16
C ARG A 561 7.44 -29.17 -61.20
N ALA A 562 7.01 -30.26 -61.85
CA ALA A 562 5.99 -30.16 -62.88
C ALA A 562 4.67 -29.66 -62.29
N ALA A 563 4.27 -30.21 -61.14
CA ALA A 563 2.98 -29.83 -60.55
C ALA A 563 2.95 -28.35 -60.17
N VAL A 564 4.04 -27.84 -59.59
CA VAL A 564 4.06 -26.45 -59.17
C VAL A 564 4.13 -25.52 -60.38
N THR A 565 4.92 -25.89 -61.39
CA THR A 565 5.01 -25.08 -62.60
C THR A 565 3.65 -24.96 -63.27
N GLU A 566 2.93 -26.08 -63.39
CA GLU A 566 1.64 -26.05 -64.08
C GLU A 566 0.59 -25.26 -63.29
N ALA A 567 0.57 -25.43 -61.97
CA ALA A 567 -0.48 -24.81 -61.18
C ALA A 567 -0.21 -23.33 -60.93
N HIS A 568 1.05 -22.97 -60.66
CA HIS A 568 1.40 -21.59 -60.31
C HIS A 568 2.18 -20.86 -61.38
N GLY A 569 2.72 -21.55 -62.37
CA GLY A 569 3.48 -20.87 -63.41
C GLY A 569 4.86 -20.44 -62.98
N VAL A 570 5.46 -21.12 -62.01
CA VAL A 570 6.82 -20.84 -61.55
C VAL A 570 7.57 -22.17 -61.46
N VAL A 571 8.78 -22.20 -61.99
CA VAL A 571 9.66 -23.37 -61.88
C VAL A 571 10.49 -23.18 -60.61
N PRO A 572 10.29 -24.01 -59.58
CA PRO A 572 11.07 -23.85 -58.35
C PRO A 572 12.55 -23.76 -58.63
N ALA A 573 13.22 -22.81 -57.98
CA ALA A 573 14.67 -22.72 -58.11
C ALA A 573 15.36 -23.91 -57.46
N ASP A 574 14.75 -24.48 -56.43
CA ASP A 574 15.32 -25.61 -55.72
C ASP A 574 14.20 -26.38 -55.05
N ILE A 575 14.34 -27.70 -55.03
CA ILE A 575 13.43 -28.59 -54.33
C ILE A 575 14.30 -29.55 -53.53
N ARG A 576 14.27 -29.43 -52.22
CA ARG A 576 15.08 -30.27 -51.35
C ARG A 576 14.16 -31.22 -50.61
N ILE A 577 14.44 -32.52 -50.71
CA ILE A 577 13.70 -33.54 -49.97
C ILE A 577 14.60 -34.05 -48.86
N VAL A 578 14.06 -34.13 -47.66
CA VAL A 578 14.83 -34.49 -46.47
C VAL A 578 14.06 -35.52 -45.67
N ALA A 579 14.71 -36.02 -44.62
CA ALA A 579 14.14 -37.09 -43.84
C ALA A 579 13.04 -36.58 -42.93
N PRO A 580 12.15 -37.46 -42.48
CA PRO A 580 11.11 -37.06 -41.54
C PRO A 580 11.70 -36.35 -40.33
N ASP A 581 11.03 -35.30 -39.88
CA ASP A 581 11.38 -34.48 -38.73
C ASP A 581 12.61 -33.61 -38.96
N GLU A 582 13.14 -33.58 -40.19
CA GLU A 582 14.30 -32.75 -40.47
C GLU A 582 13.94 -31.30 -40.73
N ILE A 583 12.74 -31.04 -41.22
CA ILE A 583 12.27 -29.65 -41.33
C ILE A 583 12.12 -29.10 -39.92
N LEU A 584 12.68 -27.91 -39.70
CA LEU A 584 12.69 -27.32 -38.36
C LEU A 584 11.28 -26.90 -37.93
N ARG A 585 10.97 -27.12 -36.67
CA ARG A 585 9.63 -26.92 -36.14
C ARG A 585 9.67 -26.17 -34.81
N SER A 586 8.54 -25.52 -34.50
CA SER A 586 8.36 -24.81 -33.25
C SER A 586 8.18 -25.79 -32.09
N SER A 587 8.16 -25.23 -30.87
CA SER A 587 7.87 -26.01 -29.67
C SER A 587 6.48 -26.63 -29.71
N SER A 588 5.56 -26.02 -30.46
CA SER A 588 4.23 -26.60 -30.59
C SER A 588 4.18 -27.73 -31.62
N GLY A 589 5.23 -27.88 -32.42
CA GLY A 589 5.28 -28.91 -33.44
C GLY A 589 5.02 -28.42 -34.85
N LYS A 590 4.72 -27.15 -35.05
CA LYS A 590 4.39 -26.66 -36.39
C LYS A 590 5.65 -26.25 -37.12
N ILE A 591 5.60 -26.37 -38.45
CA ILE A 591 6.72 -25.96 -39.29
C ILE A 591 7.02 -24.48 -39.04
N ALA A 592 8.30 -24.17 -38.83
CA ALA A 592 8.76 -22.80 -38.60
C ALA A 592 9.39 -22.30 -39.90
N ARG A 593 8.58 -21.66 -40.74
CA ARG A 593 9.00 -21.38 -42.12
C ARG A 593 10.20 -20.43 -42.15
N ARG A 594 10.12 -19.32 -41.42
CA ARG A 594 11.18 -18.32 -41.48
C ARG A 594 12.48 -18.89 -40.93
N VAL A 595 12.40 -19.72 -39.89
CA VAL A 595 13.60 -20.36 -39.36
C VAL A 595 14.22 -21.29 -40.40
N ASN A 596 13.39 -22.04 -41.12
CA ASN A 596 13.92 -22.91 -42.17
C ASN A 596 14.53 -22.08 -43.31
N LYS A 597 13.84 -21.02 -43.72
CA LYS A 597 14.38 -20.16 -44.78
C LYS A 597 15.75 -19.62 -44.40
N LYS A 598 15.92 -19.19 -43.15
CA LYS A 598 17.23 -18.71 -42.72
C LYS A 598 18.29 -19.80 -42.83
N ALA A 599 17.95 -21.00 -42.34
CA ALA A 599 18.91 -22.10 -42.38
C ALA A 599 19.29 -22.45 -43.81
N TYR A 600 18.32 -22.41 -44.73
CA TYR A 600 18.62 -22.67 -46.13
C TYR A 600 19.59 -21.64 -46.70
N GLN A 601 19.40 -20.36 -46.36
CA GLN A 601 20.27 -19.32 -46.87
C GLN A 601 21.70 -19.47 -46.32
N GLU A 602 21.81 -19.89 -45.05
CA GLU A 602 23.12 -20.12 -44.46
C GLU A 602 23.77 -21.42 -44.95
N SER A 603 23.11 -22.12 -45.87
CA SER A 603 23.73 -23.18 -46.66
C SER A 603 23.77 -22.84 -48.15
N HIS A 604 23.13 -21.75 -48.57
CA HIS A 604 23.09 -21.36 -49.97
C HIS A 604 22.50 -22.45 -50.85
N ASP B 2 -13.35 21.94 -7.29
CA ASP B 2 -14.49 22.12 -6.38
C ASP B 2 -14.36 21.25 -5.13
N LEU B 3 -14.42 21.92 -3.98
CA LEU B 3 -14.23 21.23 -2.70
C LEU B 3 -15.37 20.26 -2.41
N HIS B 4 -16.61 20.73 -2.57
CA HIS B 4 -17.74 20.12 -1.87
C HIS B 4 -18.05 18.71 -2.36
N LYS B 5 -17.91 18.46 -3.67
CA LYS B 5 -18.12 17.10 -4.14
C LYS B 5 -16.88 16.23 -3.93
N ALA B 6 -15.69 16.84 -3.98
CA ALA B 6 -14.49 16.10 -3.62
C ALA B 6 -14.56 15.60 -2.17
N MET B 7 -15.05 16.44 -1.26
CA MET B 7 -15.19 16.04 0.14
C MET B 7 -16.29 15.02 0.35
N GLY B 8 -17.29 14.97 -0.54
CA GLY B 8 -18.34 13.98 -0.44
C GLY B 8 -18.05 12.66 -1.10
N GLN B 9 -16.98 12.58 -1.90
CA GLN B 9 -16.68 11.38 -2.66
C GLN B 9 -16.48 10.15 -1.79
N PHE B 10 -16.13 10.34 -0.51
CA PHE B 10 -15.87 9.21 0.37
C PHE B 10 -17.12 8.72 1.10
N PHE B 11 -18.24 9.44 0.97
CA PHE B 11 -19.49 9.03 1.59
C PHE B 11 -20.28 8.13 0.64
N ASP B 12 -21.15 7.31 1.22
CA ASP B 12 -22.11 6.53 0.45
C ASP B 12 -23.51 7.08 0.69
N ALA B 13 -24.49 6.46 0.06
CA ALA B 13 -25.86 6.95 0.15
C ALA B 13 -26.34 7.00 1.60
N LYS B 14 -25.98 6.01 2.40
CA LYS B 14 -26.42 5.92 3.79
C LYS B 14 -25.65 6.85 4.72
N GLY B 15 -24.73 7.65 4.20
CA GLY B 15 -23.98 8.58 5.02
C GLY B 15 -22.70 8.04 5.62
N ASN B 16 -22.28 6.84 5.23
CA ASN B 16 -21.09 6.23 5.79
C ASN B 16 -19.86 6.53 4.94
N ILE B 17 -18.70 6.54 5.60
CA ILE B 17 -17.43 6.86 4.97
C ILE B 17 -16.73 5.55 4.64
N ALA B 18 -16.17 5.47 3.44
CA ALA B 18 -15.33 4.34 3.05
C ALA B 18 -14.01 4.90 2.54
N LEU B 19 -12.92 4.64 3.27
CA LEU B 19 -11.63 5.13 2.83
C LEU B 19 -10.85 3.99 2.18
N PRO B 20 -10.34 4.18 0.96
CA PRO B 20 -9.51 3.15 0.36
C PRO B 20 -8.24 2.93 1.15
N PRO B 21 -7.65 1.75 1.08
CA PRO B 21 -6.52 1.43 1.97
C PRO B 21 -5.31 2.30 1.76
N GLN B 22 -5.15 2.89 0.58
CA GLN B 22 -3.97 3.68 0.26
C GLN B 22 -4.07 5.14 0.69
N ILE B 23 -5.20 5.56 1.26
CA ILE B 23 -5.39 6.97 1.62
C ILE B 23 -4.44 7.36 2.75
N THR B 24 -3.78 8.50 2.60
CA THR B 24 -3.06 9.15 3.69
C THR B 24 -3.37 10.64 3.65
N LEU B 25 -3.18 11.31 4.80
CA LEU B 25 -3.34 12.75 4.88
C LEU B 25 -2.52 13.46 3.80
N ALA B 26 -1.26 13.03 3.63
CA ALA B 26 -0.38 13.68 2.66
C ALA B 26 -0.81 13.39 1.23
N GLY B 27 -1.25 12.16 0.95
CA GLY B 27 -1.77 11.86 -0.38
C GLY B 27 -3.03 12.64 -0.68
N LEU B 28 -3.90 12.78 0.33
CA LEU B 28 -5.09 13.61 0.17
C LEU B 28 -4.72 15.07 -0.07
N SER B 29 -3.74 15.58 0.67
CA SER B 29 -3.29 16.96 0.45
C SER B 29 -2.79 17.15 -0.98
N GLU B 30 -1.89 16.27 -1.43
CA GLU B 30 -1.34 16.41 -2.78
C GLU B 30 -2.42 16.21 -3.85
N LEU B 31 -3.38 15.32 -3.60
CA LEU B 31 -4.51 15.14 -4.50
C LEU B 31 -5.29 16.44 -4.67
N PHE B 32 -5.68 17.05 -3.54
CA PHE B 32 -6.43 18.30 -3.61
C PHE B 32 -5.61 19.40 -4.27
N TYR B 33 -4.30 19.39 -4.09
CA TYR B 33 -3.45 20.42 -4.67
C TYR B 33 -3.39 20.30 -6.20
N GLN B 34 -3.11 19.11 -6.71
CA GLN B 34 -3.00 18.94 -8.17
C GLN B 34 -4.32 19.20 -8.87
N SER B 35 -5.44 18.90 -8.22
CA SER B 35 -6.76 19.07 -8.82
C SER B 35 -7.35 20.46 -8.61
N ASP B 36 -6.72 21.30 -7.79
CA ASP B 36 -7.25 22.63 -7.50
C ASP B 36 -7.17 23.51 -8.74
N VAL B 37 -8.28 24.18 -9.07
CA VAL B 37 -8.35 24.97 -10.29
C VAL B 37 -8.46 26.46 -10.01
N ASP B 38 -8.20 26.88 -8.76
CA ASP B 38 -8.39 28.27 -8.37
C ASP B 38 -7.10 29.10 -8.43
N GLY B 39 -5.97 28.50 -8.79
CA GLY B 39 -4.79 29.29 -9.03
C GLY B 39 -3.68 29.13 -8.02
N GLY B 40 -2.49 28.72 -8.47
CA GLY B 40 -1.35 28.64 -7.59
C GLY B 40 -0.96 29.95 -6.94
N ASP B 41 -1.32 31.08 -7.56
CA ASP B 41 -0.99 32.39 -7.02
C ASP B 41 -2.02 32.90 -6.02
N ARG B 42 -3.14 32.18 -5.87
CA ARG B 42 -4.12 32.49 -4.84
C ARG B 42 -3.45 32.68 -3.49
N HIS B 43 -3.77 33.79 -2.82
CA HIS B 43 -3.30 33.98 -1.45
C HIS B 43 -3.95 32.97 -0.52
N CYS B 44 -3.14 32.37 0.36
CA CYS B 44 -3.64 31.28 1.19
C CYS B 44 -3.34 31.45 2.68
N MET B 45 -2.22 32.09 3.02
CA MET B 45 -1.82 32.19 4.42
C MET B 45 -1.14 33.52 4.68
N ARG B 46 -1.61 34.23 5.69
CA ARG B 46 -0.96 35.40 6.24
C ARG B 46 -0.55 35.11 7.67
N TYR B 47 0.74 35.26 7.96
CA TYR B 47 1.28 35.10 9.30
C TYR B 47 1.71 36.47 9.81
N TRP B 48 1.28 36.82 11.03
CA TRP B 48 1.62 38.11 11.63
C TRP B 48 2.80 37.92 12.57
N ASP B 49 3.85 38.70 12.35
CA ASP B 49 5.02 38.74 13.21
C ASP B 49 4.92 40.01 14.06
N TYR B 50 4.78 39.84 15.37
CA TYR B 50 4.59 40.96 16.28
C TYR B 50 5.78 41.18 17.20
N SER B 51 6.99 40.85 16.74
CA SER B 51 8.18 41.39 17.40
C SER B 51 8.12 42.91 17.40
N THR B 52 7.58 43.49 16.33
CA THR B 52 7.23 44.89 16.26
C THR B 52 5.84 45.11 16.85
N GLU B 53 5.63 46.30 17.43
CA GLU B 53 4.31 46.65 17.91
C GLU B 53 3.29 46.68 16.77
N GLY B 54 3.65 47.30 15.64
CA GLY B 54 2.76 47.34 14.50
C GLY B 54 2.58 46.00 13.82
N GLY B 55 3.51 45.08 14.02
CA GLY B 55 3.42 43.76 13.41
C GLY B 55 3.76 43.76 11.93
N VAL B 56 4.42 42.70 11.46
CA VAL B 56 4.80 42.55 10.06
C VAL B 56 4.09 41.30 9.52
N ALA B 57 3.39 41.46 8.40
CA ALA B 57 2.68 40.36 7.78
C ALA B 57 3.56 39.64 6.77
N ARG B 58 3.48 38.31 6.76
CA ARG B 58 4.16 37.46 5.80
C ARG B 58 3.09 36.64 5.07
N ASP B 59 3.03 36.77 3.75
CA ASP B 59 1.99 36.13 2.96
C ASP B 59 2.57 35.01 2.11
N TYR B 60 1.77 33.96 1.91
CA TYR B 60 2.13 32.82 1.09
C TYR B 60 0.94 32.44 0.23
N ASN B 61 1.19 32.14 -1.04
CA ASN B 61 0.11 31.66 -1.90
C ASN B 61 0.10 30.14 -1.94
N ARG B 62 -0.91 29.61 -2.64
CA ARG B 62 -1.11 28.17 -2.71
C ARG B 62 0.17 27.45 -3.13
N ARG B 63 0.80 27.93 -4.21
CA ARG B 63 1.99 27.25 -4.71
C ARG B 63 3.15 27.36 -3.73
N GLU B 64 3.32 28.53 -3.09
CA GLU B 64 4.46 28.71 -2.19
C GLU B 64 4.38 27.75 -1.01
N ILE B 65 3.18 27.59 -0.44
CA ILE B 65 3.01 26.65 0.67
C ILE B 65 3.41 25.24 0.23
N ASN B 66 2.91 24.81 -0.93
CA ASN B 66 3.23 23.49 -1.45
C ASN B 66 4.74 23.31 -1.66
N THR B 67 5.41 24.33 -2.18
CA THR B 67 6.84 24.25 -2.40
C THR B 67 7.62 24.15 -1.08
N ARG B 68 7.22 24.94 -0.08
CA ARG B 68 7.88 24.85 1.22
C ARG B 68 7.69 23.46 1.83
N ILE B 69 6.47 22.93 1.76
CA ILE B 69 6.20 21.59 2.29
C ILE B 69 7.11 20.57 1.62
N LYS B 70 7.24 20.65 0.29
CA LYS B 70 8.05 19.65 -0.41
C LYS B 70 9.54 19.87 -0.20
N SER B 71 9.95 21.11 0.11
CA SER B 71 11.35 21.36 0.47
C SER B 71 11.70 20.65 1.78
N VAL B 72 10.84 20.80 2.79
CA VAL B 72 11.04 20.08 4.05
C VAL B 72 11.06 18.57 3.80
N ALA B 73 10.05 18.07 3.07
CA ALA B 73 9.96 16.63 2.80
C ALA B 73 11.22 16.11 2.12
N ALA B 74 11.71 16.83 1.11
CA ALA B 74 12.92 16.38 0.43
C ALA B 74 14.09 16.27 1.40
N ARG B 75 14.27 17.29 2.25
CA ARG B 75 15.36 17.24 3.22
C ARG B 75 15.20 16.06 4.16
N LEU B 76 13.98 15.83 4.67
CA LEU B 76 13.75 14.67 5.53
C LEU B 76 14.13 13.38 4.83
N GLN B 77 13.80 13.27 3.54
CA GLN B 77 14.09 12.04 2.80
C GLN B 77 15.59 11.80 2.64
N GLN B 78 16.44 12.80 2.88
CA GLN B 78 17.88 12.62 2.80
C GLN B 78 18.48 12.07 4.08
N VAL B 79 17.78 12.19 5.21
CA VAL B 79 18.36 11.87 6.52
C VAL B 79 17.51 10.90 7.32
N ALA B 80 16.35 10.46 6.82
CA ALA B 80 15.45 9.64 7.62
C ALA B 80 14.60 8.78 6.70
N GLN B 81 13.80 7.91 7.30
CA GLN B 81 12.98 6.93 6.61
C GLN B 81 11.51 7.09 6.98
N PRO B 82 10.60 6.61 6.15
CA PRO B 82 9.18 6.60 6.53
C PRO B 82 9.00 5.86 7.85
N GLY B 83 8.15 6.42 8.71
CA GLY B 83 7.89 5.87 10.02
C GLY B 83 8.67 6.53 11.14
N ASP B 84 9.83 7.12 10.83
CA ASP B 84 10.56 7.86 11.85
C ASP B 84 9.73 9.01 12.39
N ARG B 85 9.91 9.30 13.68
CA ARG B 85 9.22 10.40 14.33
C ARG B 85 10.09 11.65 14.31
N VAL B 86 9.44 12.81 14.14
CA VAL B 86 10.15 14.09 14.08
C VAL B 86 9.40 15.08 14.95
N ALA B 87 10.06 15.62 15.96
CA ALA B 87 9.46 16.65 16.79
C ALA B 87 9.51 18.00 16.09
N ILE B 88 8.43 18.77 16.22
CA ILE B 88 8.38 20.16 15.75
C ILE B 88 8.54 21.03 16.99
N LEU B 89 9.73 21.61 17.17
CA LEU B 89 10.03 22.51 18.28
C LEU B 89 10.22 23.92 17.72
N ALA B 90 9.12 24.68 17.65
CA ALA B 90 9.18 26.04 17.15
C ALA B 90 7.95 26.79 17.64
N ASN B 91 8.06 28.12 17.64
CA ASN B 91 6.91 28.99 17.87
C ASN B 91 5.94 28.91 16.70
N ASN B 92 4.69 29.34 16.95
CA ASN B 92 3.73 29.50 15.86
C ASN B 92 4.36 30.30 14.72
N SER B 93 4.30 29.75 13.52
CA SER B 93 5.04 30.32 12.39
C SER B 93 4.72 29.53 11.13
N PRO B 94 4.93 30.13 9.95
CA PRO B 94 4.79 29.34 8.72
C PRO B 94 5.65 28.09 8.72
N GLU B 95 6.87 28.19 9.25
CA GLU B 95 7.77 27.04 9.32
C GLU B 95 7.13 25.88 10.07
N TYR B 96 6.41 26.18 11.16
CA TYR B 96 5.78 25.11 11.94
C TYR B 96 4.88 24.25 11.06
N LEU B 97 4.05 24.90 10.23
CA LEU B 97 3.15 24.18 9.35
C LEU B 97 3.91 23.44 8.26
N PHE B 98 4.87 24.12 7.63
CA PHE B 98 5.67 23.47 6.59
C PHE B 98 6.37 22.24 7.16
N GLY B 99 6.88 22.32 8.38
CA GLY B 99 7.55 21.17 8.98
C GLY B 99 6.59 20.02 9.23
N PHE B 100 5.45 20.31 9.85
CA PHE B 100 4.45 19.28 10.14
C PHE B 100 4.00 18.58 8.85
N ILE B 101 3.53 19.34 7.87
CA ILE B 101 2.98 18.71 6.66
C ILE B 101 4.11 18.12 5.82
N GLY B 102 5.27 18.78 5.80
CA GLY B 102 6.43 18.20 5.13
C GLY B 102 6.80 16.84 5.69
N ALA B 103 6.74 16.69 7.02
CA ALA B 103 6.98 15.37 7.62
C ALA B 103 5.99 14.35 7.08
N LEU B 104 4.71 14.72 6.99
CA LEU B 104 3.72 13.80 6.43
C LEU B 104 4.07 13.41 5.00
N TYR B 105 4.46 14.40 4.18
CA TYR B 105 4.80 14.11 2.78
C TYR B 105 5.95 13.13 2.68
N ALA B 106 6.91 13.23 3.60
CA ALA B 106 8.03 12.30 3.62
C ALA B 106 7.71 11.00 4.34
N GLY B 107 6.48 10.83 4.82
CA GLY B 107 6.11 9.61 5.53
C GLY B 107 6.60 9.55 6.95
N LEU B 108 7.10 10.65 7.50
CA LEU B 108 7.50 10.67 8.89
C LEU B 108 6.28 10.95 9.77
N VAL B 109 6.45 10.75 11.07
CA VAL B 109 5.38 10.97 12.04
C VAL B 109 5.76 12.19 12.87
N PRO B 110 5.17 13.35 12.61
CA PRO B 110 5.56 14.54 13.37
C PRO B 110 4.96 14.51 14.77
N VAL B 111 5.67 15.19 15.68
CA VAL B 111 5.25 15.32 17.07
C VAL B 111 5.19 16.83 17.35
N PRO B 112 4.03 17.47 17.16
CA PRO B 112 3.98 18.93 17.29
C PRO B 112 4.18 19.37 18.73
N LEU B 113 5.29 20.06 18.98
CA LEU B 113 5.57 20.59 20.31
C LEU B 113 5.78 22.09 20.24
N TYR B 114 6.67 22.65 21.05
CA TYR B 114 6.70 24.09 21.23
C TYR B 114 8.13 24.59 21.24
N ASP B 115 8.26 25.92 21.21
CA ASP B 115 9.54 26.57 21.42
C ASP B 115 10.06 26.20 22.80
N PRO B 116 11.19 25.52 22.92
CA PRO B 116 11.66 25.09 24.25
C PRO B 116 12.05 26.25 25.13
N SER B 117 12.30 27.43 24.57
CA SER B 117 12.61 28.62 25.34
C SER B 117 11.38 29.23 26.00
N GLU B 118 10.18 28.75 25.69
CA GLU B 118 8.99 29.25 26.37
C GLU B 118 8.85 28.56 27.74
N PRO B 119 8.44 29.29 28.77
CA PRO B 119 8.50 28.76 30.13
C PRO B 119 7.37 27.79 30.45
N GLY B 120 7.66 26.88 31.37
CA GLY B 120 6.69 25.91 31.83
C GLY B 120 6.67 24.60 31.07
N HIS B 121 7.75 24.27 30.35
CA HIS B 121 7.77 23.11 29.48
C HIS B 121 8.95 22.17 29.74
N ALA B 122 9.88 22.54 30.63
CA ALA B 122 11.12 21.79 30.77
C ALA B 122 10.86 20.31 31.06
N ASP B 123 10.05 20.02 32.08
CA ASP B 123 9.80 18.64 32.45
C ASP B 123 8.93 17.94 31.42
N HIS B 124 7.88 18.61 30.95
CA HIS B 124 7.04 18.01 29.91
C HIS B 124 7.87 17.62 28.70
N LEU B 125 8.58 18.59 28.11
CA LEU B 125 9.41 18.32 26.95
C LEU B 125 10.34 17.15 27.20
N THR B 126 10.99 17.12 28.36
CA THR B 126 11.94 16.04 28.65
C THR B 126 11.25 14.69 28.63
N ALA B 127 10.06 14.58 29.26
CA ALA B 127 9.35 13.32 29.25
C ALA B 127 8.87 12.96 27.85
N VAL B 128 8.40 13.94 27.08
CA VAL B 128 7.91 13.67 25.74
C VAL B 128 9.04 13.11 24.88
N MET B 129 10.20 13.76 24.91
CA MET B 129 11.33 13.29 24.13
C MET B 129 11.74 11.88 24.53
N ALA B 130 11.69 11.58 25.83
CA ALA B 130 12.02 10.22 26.26
C ALA B 130 10.92 9.23 25.86
N ASP B 131 9.68 9.70 25.76
CA ASP B 131 8.58 8.82 25.37
C ASP B 131 8.64 8.54 23.86
N ALA B 132 8.64 9.58 23.04
CA ALA B 132 8.58 9.42 21.58
C ALA B 132 9.93 9.16 20.93
N GLN B 133 11.03 9.58 21.55
CA GLN B 133 12.38 9.32 21.07
C GLN B 133 12.56 9.66 19.59
N PRO B 134 12.20 10.88 19.17
CA PRO B 134 12.40 11.25 17.76
C PRO B 134 13.87 11.37 17.45
N ALA B 135 14.26 10.88 16.28
CA ALA B 135 15.65 11.03 15.86
C ALA B 135 15.91 12.38 15.21
N ILE B 136 14.85 13.10 14.84
CA ILE B 136 14.96 14.36 14.12
C ILE B 136 14.10 15.41 14.81
N VAL B 137 14.58 16.64 14.83
CA VAL B 137 13.83 17.81 15.28
C VAL B 137 13.75 18.79 14.13
N LEU B 138 12.54 19.24 13.83
CA LEU B 138 12.34 20.36 12.91
C LEU B 138 12.12 21.62 13.72
N THR B 139 12.80 22.70 13.33
CA THR B 139 12.70 23.96 14.05
C THR B 139 12.75 25.10 13.03
N ASN B 140 12.84 26.33 13.50
CA ASN B 140 13.07 27.47 12.62
C ASN B 140 14.27 28.27 13.13
N ASN B 141 14.74 29.19 12.30
CA ASN B 141 15.88 30.02 12.69
C ASN B 141 15.62 30.71 14.02
N ALA B 142 14.38 31.16 14.25
CA ALA B 142 14.08 31.87 15.49
C ALA B 142 14.23 30.97 16.71
N SER B 143 14.01 29.66 16.56
CA SER B 143 14.00 28.74 17.69
C SER B 143 15.22 27.85 17.76
N ALA B 144 16.09 27.84 16.74
CA ALA B 144 17.12 26.82 16.65
C ALA B 144 18.05 26.85 17.86
N ALA B 145 18.37 28.05 18.37
CA ALA B 145 19.30 28.15 19.49
C ALA B 145 18.69 27.57 20.77
N ALA B 146 17.41 27.82 21.01
CA ALA B 146 16.77 27.21 22.17
C ALA B 146 16.77 25.70 22.06
N VAL B 147 16.60 25.18 20.84
CA VAL B 147 16.58 23.72 20.66
C VAL B 147 17.94 23.12 20.98
N ARG B 148 19.00 23.69 20.41
CA ARG B 148 20.34 23.16 20.67
C ARG B 148 20.66 23.20 22.16
N ARG B 149 20.14 24.19 22.88
CA ARG B 149 20.35 24.27 24.33
C ARG B 149 19.60 23.15 25.05
N PHE B 150 18.36 22.87 24.64
CA PHE B 150 17.59 21.84 25.34
C PHE B 150 18.31 20.49 25.33
N PHE B 151 19.08 20.19 24.29
CA PHE B 151 19.73 18.90 24.17
C PHE B 151 21.20 18.93 24.61
N SER B 152 21.67 20.04 25.16
CA SER B 152 23.09 20.20 25.50
C SER B 152 23.52 19.35 26.68
N ALA B 153 22.60 18.80 27.47
CA ALA B 153 22.97 17.92 28.56
C ALA B 153 23.09 16.46 28.15
N LEU B 154 22.83 16.16 26.89
CA LEU B 154 23.00 14.81 26.38
C LEU B 154 24.31 14.68 25.63
N PRO B 155 24.88 13.49 25.56
CA PRO B 155 26.05 13.28 24.70
C PRO B 155 25.70 13.65 23.26
N GLY B 156 26.62 14.36 22.61
CA GLY B 156 26.38 14.78 21.23
C GLY B 156 25.83 13.67 20.37
N ALA B 157 26.41 12.46 20.48
CA ALA B 157 26.00 11.36 19.61
C ALA B 157 24.57 10.92 19.83
N GLN B 158 23.97 11.25 20.97
CA GLN B 158 22.60 10.86 21.26
C GLN B 158 21.59 11.96 20.99
N ARG B 159 22.04 13.12 20.52
CA ARG B 159 21.16 14.23 20.19
C ARG B 159 20.52 14.01 18.84
N PRO B 160 19.24 14.35 18.68
CA PRO B 160 18.62 14.24 17.36
C PRO B 160 19.18 15.28 16.41
N ARG B 161 19.14 14.93 15.12
CA ARG B 161 19.49 15.90 14.08
C ARG B 161 18.50 17.06 14.10
N ILE B 162 19.02 18.28 14.07
CA ILE B 162 18.21 19.49 14.12
C ILE B 162 18.23 20.14 12.74
N ILE B 163 17.03 20.35 12.17
CA ILE B 163 16.87 20.91 10.84
C ILE B 163 16.06 22.19 10.97
N SER B 164 16.66 23.32 10.60
CA SER B 164 15.96 24.61 10.63
C SER B 164 15.27 24.84 9.30
N ILE B 165 13.94 24.93 9.34
CA ILE B 165 13.13 24.89 8.12
C ILE B 165 13.45 26.07 7.21
N ASP B 166 13.49 27.28 7.77
CA ASP B 166 13.73 28.43 6.90
C ASP B 166 15.21 28.59 6.53
N SER B 167 16.03 27.58 6.79
CA SER B 167 17.36 27.51 6.22
C SER B 167 17.41 26.63 4.98
N LEU B 168 16.28 26.03 4.60
CA LEU B 168 16.19 25.16 3.44
C LEU B 168 15.71 25.97 2.24
N PRO B 169 16.40 25.88 1.10
CA PRO B 169 15.97 26.62 -0.09
C PRO B 169 14.82 25.94 -0.81
N ASP B 170 14.05 26.75 -1.54
CA ASP B 170 12.95 26.22 -2.34
C ASP B 170 13.45 25.22 -3.38
N THR B 171 14.73 25.30 -3.77
CA THR B 171 15.24 24.37 -4.77
C THR B 171 15.19 22.93 -4.28
N LEU B 172 15.30 22.72 -2.96
CA LEU B 172 15.17 21.37 -2.42
C LEU B 172 13.89 20.68 -2.89
N ALA B 173 12.83 21.46 -3.10
CA ALA B 173 11.55 20.87 -3.50
C ALA B 173 11.66 20.07 -4.78
N GLN B 174 12.56 20.46 -5.68
CA GLN B 174 12.74 19.70 -6.91
C GLN B 174 13.42 18.36 -6.67
N SER B 175 14.01 18.17 -5.50
CA SER B 175 14.59 16.89 -5.11
C SER B 175 13.63 16.03 -4.29
N TYR B 176 12.40 16.50 -4.07
CA TYR B 176 11.41 15.69 -3.37
C TYR B 176 11.05 14.48 -4.22
N GLN B 177 11.04 13.30 -3.60
CA GLN B 177 10.71 12.06 -4.28
C GLN B 177 9.26 11.69 -3.97
N ILE B 178 8.45 11.63 -5.01
CA ILE B 178 7.02 11.30 -4.89
C ILE B 178 6.93 9.86 -4.40
N PRO B 179 5.87 9.48 -3.70
CA PRO B 179 5.64 8.05 -3.47
C PRO B 179 5.66 7.29 -4.79
N THR B 180 6.07 6.03 -4.72
CA THR B 180 6.23 5.25 -5.94
C THR B 180 4.94 5.29 -6.76
N PRO B 181 5.03 5.39 -8.09
CA PRO B 181 3.83 5.23 -8.92
C PRO B 181 3.36 3.77 -8.97
N SER B 182 4.20 2.83 -8.59
CA SER B 182 3.83 1.42 -8.64
C SER B 182 2.92 1.05 -7.47
N MET B 183 2.33 -0.13 -7.58
CA MET B 183 1.51 -0.64 -6.49
C MET B 183 2.40 -1.05 -5.32
N ALA B 184 1.78 -1.28 -4.17
CA ALA B 184 2.50 -1.62 -2.96
C ALA B 184 1.77 -2.73 -2.22
N ALA B 185 2.54 -3.53 -1.47
CA ALA B 185 1.99 -4.54 -0.59
C ALA B 185 2.57 -4.33 0.81
N ALA B 186 1.72 -4.47 1.82
CA ALA B 186 2.17 -4.37 3.21
C ALA B 186 1.11 -4.97 4.12
N ALA B 187 1.56 -5.40 5.31
CA ALA B 187 0.64 -5.94 6.29
C ALA B 187 -0.35 -4.88 6.77
N ILE B 188 0.12 -3.65 6.96
CA ILE B 188 -0.70 -2.56 7.47
C ILE B 188 -0.94 -1.58 6.32
N ASN B 189 -2.20 -1.34 6.01
CA ASN B 189 -2.54 -0.40 4.95
C ASN B 189 -2.08 1.01 5.31
N PRO B 190 -1.63 1.81 4.34
CA PRO B 190 -1.25 3.19 4.67
C PRO B 190 -2.29 3.96 5.47
N VAL B 191 -3.57 3.79 5.17
CA VAL B 191 -4.62 4.54 5.88
C VAL B 191 -4.59 4.26 7.38
N ASP B 192 -4.12 3.07 7.78
CA ASP B 192 -4.11 2.69 9.19
C ASP B 192 -2.78 2.98 9.88
N LEU B 193 -1.84 3.64 9.19
CA LEU B 193 -0.58 4.00 9.83
C LEU B 193 -0.76 5.25 10.70
N PRO B 194 0.09 5.40 11.72
CA PRO B 194 0.11 6.66 12.48
C PRO B 194 0.33 7.85 11.56
N ALA B 195 -0.44 8.92 11.79
CA ALA B 195 -0.20 10.17 11.08
C ALA B 195 0.64 11.12 11.92
N PHE B 196 0.24 11.40 13.16
CA PHE B 196 1.09 12.20 14.04
C PHE B 196 0.75 11.86 15.48
N LEU B 197 1.62 12.31 16.38
CA LEU B 197 1.51 12.06 17.81
C LEU B 197 1.17 13.36 18.51
N GLN B 198 0.09 13.37 19.28
CA GLN B 198 -0.41 14.57 19.94
C GLN B 198 -0.30 14.40 21.45
N TYR B 199 0.64 15.11 22.05
CA TYR B 199 0.80 15.12 23.50
C TYR B 199 -0.01 16.28 24.06
N THR B 200 -1.00 15.98 24.91
CA THR B 200 -1.81 17.04 25.47
C THR B 200 -1.10 17.70 26.65
N SER B 201 -1.71 18.77 27.16
CA SER B 201 -1.18 19.54 28.26
C SER B 201 -2.26 19.76 29.30
N GLY B 202 -1.85 20.25 30.47
CA GLY B 202 -2.74 20.58 31.55
C GLY B 202 -2.85 19.52 32.63
N SER B 203 -2.26 18.34 32.43
CA SER B 203 -2.39 17.27 33.40
C SER B 203 -1.15 17.16 34.27
N THR B 204 -1.38 16.78 35.52
CA THR B 204 -0.28 16.54 36.44
C THR B 204 0.61 15.39 35.99
N ARG B 205 0.05 14.42 35.28
CA ARG B 205 0.68 13.11 35.14
C ARG B 205 1.66 13.09 33.96
N THR B 206 2.33 11.96 33.80
CA THR B 206 3.27 11.79 32.70
C THR B 206 2.56 12.01 31.37
N PRO B 207 3.10 12.84 30.48
CA PRO B 207 2.44 13.06 29.18
C PRO B 207 2.33 11.77 28.38
N ALA B 208 1.17 11.57 27.77
CA ALA B 208 0.89 10.42 26.92
C ALA B 208 0.67 10.90 25.48
N GLY B 209 1.20 10.16 24.53
CA GLY B 209 1.04 10.52 23.13
C GLY B 209 -0.21 9.94 22.50
N VAL B 210 -1.19 10.79 22.17
CA VAL B 210 -2.34 10.33 21.41
C VAL B 210 -1.89 10.02 19.99
N VAL B 211 -2.09 8.78 19.56
CA VAL B 211 -1.65 8.36 18.25
C VAL B 211 -2.82 8.53 17.28
N LEU B 212 -2.75 9.56 16.45
CA LEU B 212 -3.76 9.80 15.42
C LEU B 212 -3.30 9.13 14.14
N THR B 213 -4.17 8.32 13.56
CA THR B 213 -3.84 7.65 12.31
C THR B 213 -4.32 8.48 11.12
N ASN B 214 -3.84 8.11 9.93
CA ASN B 214 -4.41 8.69 8.72
C ASN B 214 -5.93 8.53 8.74
N ARG B 215 -6.40 7.34 9.09
CA ARG B 215 -7.84 7.12 9.15
C ARG B 215 -8.51 8.09 10.11
N SER B 216 -7.95 8.26 11.32
CA SER B 216 -8.63 9.07 12.32
C SER B 216 -8.74 10.53 11.87
N ILE B 217 -7.68 11.08 11.30
CA ILE B 217 -7.70 12.51 10.94
C ILE B 217 -8.53 12.73 9.67
N VAL B 218 -8.30 11.90 8.65
CA VAL B 218 -9.10 12.03 7.43
C VAL B 218 -10.58 11.93 7.76
N THR B 219 -10.95 10.96 8.60
CA THR B 219 -12.36 10.81 8.97
C THR B 219 -12.89 12.05 9.68
N ASN B 220 -12.12 12.61 10.62
CA ASN B 220 -12.62 13.77 11.35
C ASN B 220 -12.69 14.99 10.44
N VAL B 221 -11.75 15.12 9.51
CA VAL B 221 -11.79 16.21 8.53
C VAL B 221 -13.09 16.12 7.72
N LEU B 222 -13.46 14.92 7.29
CA LEU B 222 -14.68 14.73 6.52
C LEU B 222 -15.91 14.99 7.37
N GLN B 223 -15.92 14.52 8.61
CA GLN B 223 -17.03 14.82 9.52
C GLN B 223 -17.18 16.32 9.72
N ILE B 224 -16.06 17.00 9.97
CA ILE B 224 -16.10 18.44 10.23
C ILE B 224 -16.69 19.17 9.04
N PHE B 225 -16.14 18.92 7.85
CA PHE B 225 -16.60 19.61 6.65
C PHE B 225 -18.09 19.40 6.43
N ALA B 226 -18.58 18.17 6.60
CA ALA B 226 -19.99 17.90 6.35
C ALA B 226 -20.89 18.48 7.43
N ALA B 227 -20.40 18.60 8.67
CA ALA B 227 -21.25 19.15 9.72
C ALA B 227 -21.17 20.67 9.80
N ALA B 228 -20.07 21.28 9.35
CA ALA B 228 -19.85 22.69 9.57
C ALA B 228 -20.60 23.60 8.61
N GLN B 229 -21.18 23.06 7.54
CA GLN B 229 -21.99 23.85 6.61
C GLN B 229 -21.23 25.10 6.17
N LEU B 230 -20.02 24.87 5.66
CA LEU B 230 -19.09 25.96 5.40
C LEU B 230 -19.50 26.77 4.18
N LYS B 231 -19.23 28.07 4.24
CA LYS B 231 -19.39 28.97 3.10
C LYS B 231 -18.02 29.23 2.50
N THR B 232 -17.81 28.81 1.26
CA THR B 232 -16.53 28.96 0.60
C THR B 232 -16.63 29.94 -0.57
N PRO B 233 -15.53 30.63 -0.91
CA PRO B 233 -14.27 30.52 -0.18
C PRO B 233 -14.34 31.20 1.19
N LEU B 234 -13.37 30.89 2.05
CA LEU B 234 -13.36 31.42 3.40
C LEU B 234 -11.92 31.67 3.82
N ARG B 235 -11.77 32.49 4.85
CA ARG B 235 -10.52 32.58 5.57
C ARG B 235 -10.79 32.29 7.03
N LEU B 236 -9.90 31.50 7.63
CA LEU B 236 -9.96 31.18 9.05
C LEU B 236 -8.91 31.99 9.77
N VAL B 237 -9.32 32.69 10.83
CA VAL B 237 -8.42 33.41 11.72
C VAL B 237 -8.16 32.55 12.93
N SER B 238 -6.89 32.37 13.29
CA SER B 238 -6.56 31.56 14.46
C SER B 238 -5.26 32.04 15.08
N TRP B 239 -5.26 32.18 16.41
CA TRP B 239 -4.03 32.40 17.16
C TRP B 239 -3.74 31.24 18.10
N LEU B 240 -4.44 30.12 17.96
CA LEU B 240 -4.27 28.98 18.85
C LEU B 240 -2.85 28.43 18.76
N PRO B 241 -2.32 27.88 19.86
CA PRO B 241 -1.00 27.25 19.77
C PRO B 241 -1.02 26.06 18.83
N LEU B 242 0.00 25.99 17.96
CA LEU B 242 0.05 24.89 17.01
C LEU B 242 0.42 23.57 17.66
N HIS B 243 0.85 23.58 18.91
CA HIS B 243 1.08 22.32 19.60
C HIS B 243 -0.17 21.80 20.29
N HIS B 244 -1.25 22.59 20.29
CA HIS B 244 -2.53 22.13 20.83
C HIS B 244 -3.34 21.43 19.76
N ASP B 245 -4.12 20.44 20.21
CA ASP B 245 -5.00 19.69 19.31
C ASP B 245 -5.81 20.62 18.42
N MET B 246 -6.47 21.60 19.04
CA MET B 246 -7.34 22.51 18.30
C MET B 246 -6.54 23.33 17.28
N GLY B 247 -5.29 23.67 17.62
CA GLY B 247 -4.51 24.53 16.74
C GLY B 247 -4.02 23.83 15.50
N ILE B 248 -3.34 22.70 15.66
CA ILE B 248 -2.64 22.09 14.54
C ILE B 248 -3.64 21.46 13.57
N ILE B 249 -4.69 20.82 14.09
CA ILE B 249 -5.62 20.15 13.18
C ILE B 249 -6.37 21.18 12.33
N LEU B 250 -6.82 22.27 12.96
CA LEU B 250 -7.46 23.36 12.23
C LEU B 250 -6.57 23.89 11.12
N ALA B 251 -5.30 24.15 11.43
CA ALA B 251 -4.41 24.73 10.43
C ALA B 251 -4.09 23.74 9.32
N VAL B 252 -4.02 22.44 9.65
CA VAL B 252 -3.82 21.44 8.62
C VAL B 252 -5.09 21.26 7.79
N PHE B 253 -6.26 21.31 8.45
CA PHE B 253 -7.55 21.29 7.76
C PHE B 253 -7.63 22.42 6.73
N ILE B 254 -7.26 23.64 7.13
CA ILE B 254 -7.37 24.77 6.22
C ILE B 254 -6.37 24.65 5.09
N THR B 255 -5.12 24.30 5.40
CA THR B 255 -4.08 24.17 4.39
C THR B 255 -4.40 23.04 3.41
N LEU B 256 -4.82 21.89 3.94
CA LEU B 256 -5.14 20.74 3.11
C LEU B 256 -6.20 21.06 2.07
N LEU B 257 -7.18 21.90 2.43
CA LEU B 257 -8.25 22.27 1.53
C LEU B 257 -7.91 23.46 0.66
N GLY B 258 -6.74 24.07 0.84
CA GLY B 258 -6.38 25.23 0.04
C GLY B 258 -7.16 26.48 0.38
N LEU B 259 -7.65 26.59 1.61
CA LEU B 259 -8.41 27.75 2.00
C LEU B 259 -7.47 28.80 2.60
N GLU B 260 -8.03 29.96 2.95
CA GLU B 260 -7.25 31.08 3.47
C GLU B 260 -7.12 30.99 5.00
N PHE B 261 -5.89 31.14 5.49
CA PHE B 261 -5.55 30.97 6.89
C PHE B 261 -4.77 32.20 7.35
N GLU B 262 -5.16 32.77 8.48
CA GLU B 262 -4.46 33.94 9.04
C GLU B 262 -4.08 33.65 10.48
N MET B 263 -2.78 33.68 10.76
CA MET B 263 -2.24 33.12 11.99
C MET B 263 -1.38 34.14 12.75
N MET B 264 -1.47 34.09 14.08
CA MET B 264 -0.51 34.72 14.97
C MET B 264 -0.36 33.82 16.20
N SER B 265 0.33 34.29 17.21
CA SER B 265 0.53 33.45 18.38
C SER B 265 -0.41 33.87 19.51
N PRO B 266 -0.69 32.97 20.46
CA PRO B 266 -1.56 33.34 21.59
C PRO B 266 -1.07 34.57 22.32
N ARG B 267 0.24 34.68 22.52
CA ARG B 267 0.83 35.88 23.10
C ARG B 267 0.37 37.15 22.40
N ASP B 268 0.35 37.17 21.06
CA ASP B 268 -0.05 38.37 20.36
C ASP B 268 -1.50 38.74 20.67
N PHE B 269 -2.38 37.74 20.74
CA PHE B 269 -3.77 38.00 21.09
C PHE B 269 -3.88 38.54 22.51
N ILE B 270 -3.25 37.86 23.47
CA ILE B 270 -3.41 38.26 24.87
C ILE B 270 -2.85 39.66 25.09
N GLN B 271 -1.74 39.99 24.42
CA GLN B 271 -1.15 41.30 24.59
C GLN B 271 -2.07 42.40 24.06
N GLN B 272 -2.74 42.16 22.94
CA GLN B 272 -3.68 43.13 22.39
C GLN B 272 -4.80 42.39 21.68
N PRO B 273 -5.90 42.08 22.39
CA PRO B 273 -7.02 41.37 21.74
C PRO B 273 -7.58 42.11 20.53
N LYS B 274 -7.43 43.44 20.46
CA LYS B 274 -7.94 44.17 19.31
C LYS B 274 -7.37 43.65 18.00
N ARG B 275 -6.14 43.14 18.01
CA ARG B 275 -5.57 42.59 16.79
C ARG B 275 -6.46 41.50 16.22
N TRP B 276 -7.07 40.70 17.09
CA TRP B 276 -7.95 39.62 16.64
C TRP B 276 -9.24 40.18 16.05
N ILE B 277 -9.90 41.10 16.76
CA ILE B 277 -11.12 41.71 16.25
C ILE B 277 -10.84 42.42 14.92
N ASP B 278 -9.68 43.06 14.80
CA ASP B 278 -9.30 43.69 13.54
C ASP B 278 -9.20 42.67 12.42
N GLN B 279 -8.66 41.48 12.72
CA GLN B 279 -8.52 40.45 11.69
C GLN B 279 -9.88 39.92 11.22
N LEU B 280 -10.88 39.90 12.11
CA LEU B 280 -12.22 39.49 11.72
C LEU B 280 -12.96 40.57 10.94
N ASP B 281 -12.50 41.81 11.01
CA ASP B 281 -13.12 42.92 10.29
C ASP B 281 -13.22 42.61 8.81
N ARG B 282 -14.33 43.01 8.20
CA ARG B 282 -14.60 42.67 6.81
C ARG B 282 -13.62 43.37 5.88
N ARG B 283 -13.03 42.61 4.96
CA ARG B 283 -12.17 43.12 3.91
C ARG B 283 -12.92 43.10 2.58
N GLU B 284 -12.35 43.82 1.60
CA GLU B 284 -13.03 43.99 0.32
C GLU B 284 -13.32 42.66 -0.34
N GLY B 285 -12.31 41.80 -0.45
CA GLY B 285 -12.49 40.51 -1.10
C GLY B 285 -12.91 39.42 -0.14
N ASP B 286 -13.82 39.75 0.78
CA ASP B 286 -14.23 38.84 1.85
C ASP B 286 -15.56 38.19 1.49
N ASN B 287 -15.59 36.86 1.55
CA ASN B 287 -16.82 36.10 1.41
C ASN B 287 -17.31 35.58 2.75
N ALA B 288 -16.52 34.74 3.42
CA ALA B 288 -16.87 34.16 4.72
C ALA B 288 -15.65 34.16 5.62
N VAL B 289 -15.85 34.53 6.89
CA VAL B 289 -14.78 34.61 7.87
C VAL B 289 -15.14 33.69 9.04
N TYR B 290 -14.19 32.85 9.46
CA TYR B 290 -14.36 31.92 10.56
C TYR B 290 -13.28 32.14 11.61
N ALA B 291 -13.62 31.83 12.87
CA ALA B 291 -12.70 31.94 13.99
C ALA B 291 -12.97 30.81 14.97
N VAL B 292 -11.94 30.45 15.74
CA VAL B 292 -12.01 29.36 16.72
C VAL B 292 -11.24 29.79 17.96
N VAL B 293 -11.93 29.85 19.10
CA VAL B 293 -11.31 30.36 20.31
C VAL B 293 -11.83 29.61 21.52
N PRO B 294 -11.07 29.61 22.61
CA PRO B 294 -11.58 29.14 23.89
C PRO B 294 -12.44 30.23 24.55
N ASN B 295 -13.20 29.80 25.56
CA ASN B 295 -14.19 30.69 26.17
C ASN B 295 -13.58 31.99 26.68
N PHE B 296 -12.45 31.89 27.39
CA PHE B 296 -11.92 33.10 28.04
C PHE B 296 -11.65 34.21 27.03
N ALA B 297 -11.39 33.87 25.77
CA ALA B 297 -11.09 34.89 24.78
C ALA B 297 -12.28 35.83 24.56
N LEU B 298 -13.51 35.32 24.74
CA LEU B 298 -14.69 36.18 24.59
C LEU B 298 -14.71 37.29 25.63
N GLU B 299 -14.38 36.97 26.88
CA GLU B 299 -14.35 37.99 27.93
C GLU B 299 -13.20 38.96 27.69
N LEU B 300 -12.03 38.46 27.32
CA LEU B 300 -10.89 39.34 27.05
C LEU B 300 -11.20 40.31 25.91
N ALA B 301 -11.75 39.79 24.81
CA ALA B 301 -12.06 40.66 23.68
C ALA B 301 -13.16 41.66 24.03
N ALA B 302 -14.18 41.21 24.76
CA ALA B 302 -15.29 42.09 25.11
C ALA B 302 -14.83 43.24 25.98
N ARG B 303 -13.83 43.02 26.83
CA ARG B 303 -13.36 44.07 27.71
C ARG B 303 -12.32 44.96 27.04
N TYR B 304 -11.39 44.38 26.28
CA TYR B 304 -10.19 45.09 25.86
C TYR B 304 -10.10 45.30 24.35
N ALA B 305 -11.02 44.76 23.56
CA ALA B 305 -11.00 45.00 22.13
C ALA B 305 -12.14 45.95 21.75
N THR B 306 -12.06 47.19 22.24
CA THR B 306 -13.17 48.10 22.07
C THR B 306 -13.36 48.44 20.59
N PRO B 307 -14.59 48.41 20.08
CA PRO B 307 -14.82 48.59 18.64
C PRO B 307 -15.08 50.03 18.27
N SER B 308 -14.64 50.39 17.07
CA SER B 308 -14.88 51.69 16.46
C SER B 308 -15.88 51.55 15.32
N GLU B 309 -16.48 52.69 14.95
CA GLU B 309 -17.67 52.67 14.10
C GLU B 309 -17.44 51.94 12.78
N GLY B 310 -16.23 51.99 12.24
CA GLY B 310 -15.97 51.35 10.96
C GLY B 310 -15.96 49.82 11.01
N LEU B 311 -15.88 49.25 12.20
CA LEU B 311 -15.76 47.80 12.34
C LEU B 311 -16.99 47.09 11.80
N ASP B 312 -16.77 46.07 10.96
CA ASP B 312 -17.87 45.31 10.36
C ASP B 312 -17.58 43.81 10.49
N LEU B 313 -18.26 43.16 11.44
CA LEU B 313 -18.12 41.74 11.69
C LEU B 313 -19.22 40.93 11.02
N SER B 314 -19.93 41.53 10.05
CA SER B 314 -21.01 40.86 9.36
C SER B 314 -20.53 39.71 8.47
N ALA B 315 -19.24 39.63 8.18
CA ALA B 315 -18.71 38.54 7.38
C ALA B 315 -18.37 37.31 8.21
N VAL B 316 -18.41 37.40 9.54
CA VAL B 316 -18.08 36.27 10.39
C VAL B 316 -19.23 35.28 10.34
N GLU B 317 -19.01 34.15 9.67
CA GLU B 317 -19.98 33.08 9.51
C GLU B 317 -19.95 32.08 10.66
N GLY B 318 -18.82 31.97 11.35
CA GLY B 318 -18.73 31.05 12.47
C GLY B 318 -17.66 31.45 13.46
N LEU B 319 -18.07 31.72 14.70
CA LEU B 319 -17.18 31.88 15.83
C LEU B 319 -17.33 30.60 16.65
N ILE B 320 -16.45 29.63 16.42
CA ILE B 320 -16.47 28.37 17.16
C ILE B 320 -15.78 28.58 18.50
N ILE B 321 -16.46 28.20 19.58
CA ILE B 321 -15.95 28.35 20.94
C ILE B 321 -15.86 26.98 21.59
N GLY B 322 -14.68 26.64 22.10
CA GLY B 322 -14.49 25.33 22.70
C GLY B 322 -13.13 25.20 23.35
N SER B 323 -12.88 24.00 23.89
CA SER B 323 -11.68 23.58 24.60
C SER B 323 -11.84 23.77 26.11
N GLU B 324 -12.88 24.45 26.55
CA GLU B 324 -13.17 24.63 27.97
C GLU B 324 -14.64 24.97 28.10
N PRO B 325 -15.21 24.86 29.30
CA PRO B 325 -16.64 25.18 29.45
C PRO B 325 -16.94 26.57 28.87
N VAL B 326 -17.96 26.63 28.02
CA VAL B 326 -18.41 27.88 27.43
C VAL B 326 -19.50 28.46 28.31
N THR B 327 -19.33 29.71 28.73
CA THR B 327 -20.17 30.29 29.77
C THR B 327 -21.14 31.31 29.19
N GLU B 328 -22.36 31.33 29.73
CA GLU B 328 -23.32 32.35 29.35
C GLU B 328 -22.72 33.74 29.49
N LYS B 329 -22.02 33.98 30.59
CA LYS B 329 -21.45 35.31 30.85
C LYS B 329 -20.52 35.73 29.72
N ALA B 330 -19.60 34.85 29.32
CA ALA B 330 -18.69 35.18 28.23
C ALA B 330 -19.45 35.33 26.92
N VAL B 331 -20.37 34.41 26.62
CA VAL B 331 -21.12 34.50 25.37
C VAL B 331 -21.84 35.83 25.28
N GLU B 332 -22.54 36.22 26.36
CA GLU B 332 -23.37 37.41 26.29
C GLU B 332 -22.53 38.68 26.30
N ALA B 333 -21.45 38.70 27.08
CA ALA B 333 -20.54 39.85 27.02
C ALA B 333 -20.08 40.09 25.59
N PHE B 334 -19.63 39.02 24.92
CA PHE B 334 -19.15 39.16 23.55
C PHE B 334 -20.27 39.58 22.60
N ALA B 335 -21.44 38.95 22.74
CA ALA B 335 -22.54 39.26 21.84
C ALA B 335 -23.01 40.70 22.01
N GLU B 336 -23.03 41.19 23.25
CA GLU B 336 -23.52 42.54 23.51
C GLU B 336 -22.51 43.59 23.04
N THR B 337 -21.22 43.31 23.21
CA THR B 337 -20.20 44.27 22.83
C THR B 337 -20.11 44.42 21.31
N PHE B 338 -20.24 43.32 20.58
CA PHE B 338 -19.93 43.31 19.16
C PHE B 338 -21.12 43.13 18.25
N GLY B 339 -22.30 42.81 18.79
CA GLY B 339 -23.51 42.80 18.00
C GLY B 339 -23.82 44.10 17.30
N PRO B 340 -23.65 45.25 17.96
CA PRO B 340 -23.85 46.54 17.26
C PRO B 340 -22.92 46.76 16.09
N TYR B 341 -21.84 45.99 15.97
CA TYR B 341 -20.89 46.17 14.88
C TYR B 341 -20.96 45.04 13.87
N GLY B 342 -22.11 44.38 13.77
CA GLY B 342 -22.34 43.38 12.75
C GLY B 342 -22.10 41.96 13.16
N LEU B 343 -21.73 41.70 14.42
CA LEU B 343 -21.48 40.33 14.87
C LEU B 343 -22.83 39.67 15.13
N ASN B 344 -23.16 38.68 14.30
CA ASN B 344 -24.43 37.96 14.40
C ASN B 344 -24.32 36.91 15.50
N ARG B 345 -25.07 37.10 16.60
CA ARG B 345 -25.00 36.19 17.74
C ARG B 345 -25.20 34.75 17.30
N GLN B 346 -26.06 34.52 16.31
CA GLN B 346 -26.39 33.18 15.84
C GLN B 346 -25.22 32.49 15.13
N ASN B 347 -24.12 33.19 14.89
CA ASN B 347 -22.93 32.57 14.32
C ASN B 347 -21.94 32.13 15.40
N MET B 348 -22.28 32.35 16.67
CA MET B 348 -21.50 31.84 17.79
C MET B 348 -21.85 30.38 18.02
N ARG B 349 -20.86 29.50 17.91
CA ARG B 349 -21.11 28.07 17.76
C ARG B 349 -20.27 27.28 18.78
N PRO B 350 -20.73 27.20 20.02
CA PRO B 350 -20.00 26.41 21.02
C PRO B 350 -19.93 24.96 20.58
N SER B 351 -18.74 24.37 20.71
CA SER B 351 -18.43 23.05 20.17
C SER B 351 -17.56 22.27 21.16
N TYR B 352 -17.55 20.94 21.02
CA TYR B 352 -16.88 20.07 21.98
C TYR B 352 -16.07 18.99 21.26
N GLY B 353 -14.90 18.68 21.82
CA GLY B 353 -14.08 17.59 21.30
C GLY B 353 -12.87 17.39 22.18
N LEU B 354 -12.00 16.48 21.74
CA LEU B 354 -10.78 16.17 22.49
C LEU B 354 -9.86 15.39 21.57
N ALA B 355 -8.57 15.37 21.92
CA ALA B 355 -7.57 14.79 21.04
C ALA B 355 -7.84 13.32 20.77
N GLU B 356 -8.41 12.62 21.76
CA GLU B 356 -8.71 11.19 21.61
C GLU B 356 -9.69 10.94 20.50
N ALA B 357 -10.49 11.94 20.14
CA ALA B 357 -11.42 11.87 19.02
C ALA B 357 -10.88 12.59 17.80
N SER B 358 -9.56 12.79 17.75
CA SER B 358 -8.85 13.58 16.75
C SER B 358 -9.05 15.05 17.03
N LEU B 359 -10.27 15.56 16.85
CA LEU B 359 -10.55 16.93 17.23
C LEU B 359 -12.01 17.12 17.64
N LEU B 360 -12.95 16.94 16.70
CA LEU B 360 -14.32 17.39 16.89
C LEU B 360 -15.29 16.24 17.13
N VAL B 361 -16.10 16.37 18.18
CA VAL B 361 -17.14 15.40 18.50
C VAL B 361 -18.54 15.98 18.22
N THR B 362 -18.83 17.18 18.75
CA THR B 362 -20.13 17.82 18.56
C THR B 362 -19.96 19.29 18.17
N THR B 363 -20.91 19.77 17.36
CA THR B 363 -20.96 21.18 16.97
C THR B 363 -22.40 21.47 16.56
N PRO B 364 -22.88 22.69 16.78
CA PRO B 364 -24.25 23.01 16.36
C PRO B 364 -24.46 22.72 14.89
N GLN B 365 -25.49 21.94 14.58
CA GLN B 365 -25.87 21.65 13.20
C GLN B 365 -27.31 22.06 12.90
N THR B 366 -27.95 22.82 13.79
CA THR B 366 -29.23 23.46 13.54
C THR B 366 -29.08 24.97 13.70
N PRO B 367 -30.07 25.75 13.26
CA PRO B 367 -30.00 27.21 13.47
C PRO B 367 -30.12 27.62 14.93
N GLN B 368 -30.50 26.71 15.82
CA GLN B 368 -30.68 27.03 17.24
C GLN B 368 -29.33 26.96 17.95
N ARG B 369 -28.55 28.03 17.79
CA ARG B 369 -27.30 28.24 18.51
C ARG B 369 -27.06 29.73 18.57
N PRO B 370 -26.35 30.23 19.59
CA PRO B 370 -25.85 29.44 20.72
C PRO B 370 -26.95 29.15 21.73
N VAL B 371 -26.98 27.93 22.22
CA VAL B 371 -28.00 27.52 23.18
C VAL B 371 -27.48 27.77 24.60
N ILE B 372 -28.30 28.43 25.41
CA ILE B 372 -28.04 28.59 26.83
C ILE B 372 -29.30 28.14 27.56
N SER B 373 -29.15 27.19 28.49
CA SER B 373 -30.27 26.63 29.21
C SER B 373 -29.98 26.65 30.70
N TYR B 374 -31.05 26.64 31.49
CA TYR B 374 -30.96 26.86 32.92
C TYR B 374 -31.49 25.62 33.63
N PHE B 375 -30.69 25.08 34.54
CA PHE B 375 -30.97 23.79 35.17
C PHE B 375 -31.01 23.96 36.68
N ASP B 376 -31.97 23.27 37.32
CA ASP B 376 -32.11 23.33 38.77
C ASP B 376 -30.83 22.85 39.45
N ARG B 377 -30.26 23.71 40.30
CA ARG B 377 -28.96 23.39 40.89
C ARG B 377 -29.03 22.15 41.76
N GLU B 378 -30.11 22.00 42.54
CA GLU B 378 -30.22 20.86 43.45
C GLU B 378 -30.32 19.55 42.66
N GLN B 379 -31.17 19.52 41.65
CA GLN B 379 -31.27 18.32 40.81
C GLN B 379 -29.94 17.99 40.16
N LEU B 380 -29.29 19.00 39.56
CA LEU B 380 -27.99 18.78 38.92
C LEU B 380 -27.02 18.09 39.87
N ALA B 381 -26.98 18.53 41.13
CA ALA B 381 -26.16 17.85 42.13
C ALA B 381 -26.54 16.39 42.30
N ALA B 382 -27.71 15.97 41.79
CA ALA B 382 -28.16 14.59 41.84
C ALA B 382 -28.23 13.97 40.45
N ASN B 383 -27.46 14.49 39.49
CA ASN B 383 -27.29 13.89 38.18
C ASN B 383 -28.55 13.95 37.32
N ARG B 384 -29.43 14.92 37.58
CA ARG B 384 -30.63 15.12 36.79
C ARG B 384 -30.63 16.54 36.26
N ALA B 385 -30.87 16.68 34.97
CA ALA B 385 -30.95 17.98 34.31
C ALA B 385 -32.43 18.34 34.19
N VAL B 386 -32.87 19.33 34.96
CA VAL B 386 -34.26 19.76 34.97
C VAL B 386 -34.31 21.23 34.60
N ILE B 387 -34.94 21.55 33.48
CA ILE B 387 -34.94 22.91 32.96
C ILE B 387 -35.86 23.78 33.81
N VAL B 388 -35.32 24.91 34.28
CA VAL B 388 -36.07 25.84 35.12
C VAL B 388 -35.96 27.24 34.52
N ASP B 389 -36.52 28.21 35.24
CA ASP B 389 -36.47 29.59 34.82
C ASP B 389 -35.13 30.22 35.20
N LYS B 390 -34.69 31.15 34.37
CA LYS B 390 -33.46 31.89 34.64
C LYS B 390 -33.45 32.43 36.06
N GLY B 391 -32.29 32.34 36.70
CA GLY B 391 -32.11 32.95 38.01
C GLY B 391 -33.03 32.44 39.10
N ASP B 392 -33.31 31.14 39.11
CA ASP B 392 -34.10 30.50 40.17
C ASP B 392 -33.29 29.33 40.73
N ASN B 393 -32.24 29.66 41.49
CA ASN B 393 -31.27 28.66 41.92
C ASN B 393 -30.85 27.80 40.73
N ALA B 394 -30.65 28.44 39.59
CA ALA B 394 -30.44 27.77 38.33
C ALA B 394 -28.98 27.87 37.88
N VAL B 395 -28.48 26.78 37.33
CA VAL B 395 -27.15 26.72 36.74
C VAL B 395 -27.28 26.92 35.25
N ALA B 396 -26.54 27.89 34.71
CA ALA B 396 -26.54 28.17 33.27
C ALA B 396 -25.49 27.29 32.60
N LEU B 397 -25.92 26.48 31.63
CA LEU B 397 -25.02 25.65 30.85
C LEU B 397 -25.23 25.91 29.37
N THR B 398 -24.14 25.87 28.61
CA THR B 398 -24.16 26.16 27.19
C THR B 398 -24.25 24.88 26.38
N GLY B 399 -25.14 24.87 25.40
CA GLY B 399 -25.26 23.72 24.51
C GLY B 399 -24.13 23.72 23.49
N VAL B 400 -23.55 22.53 23.29
CA VAL B 400 -22.44 22.39 22.35
C VAL B 400 -22.86 21.56 21.13
N GLY B 401 -24.16 21.46 20.85
CA GLY B 401 -24.59 20.95 19.56
C GLY B 401 -24.80 19.45 19.45
N GLN B 402 -24.55 18.90 18.27
CA GLN B 402 -24.85 17.52 17.95
C GLN B 402 -23.60 16.81 17.45
N VAL B 403 -23.58 15.49 17.60
CA VAL B 403 -22.41 14.72 17.17
C VAL B 403 -22.25 14.83 15.66
N VAL B 404 -21.00 14.88 15.21
CA VAL B 404 -20.70 15.04 13.78
C VAL B 404 -20.53 13.65 13.16
N ARG B 405 -21.51 13.25 12.36
CA ARG B 405 -21.60 11.90 11.83
C ARG B 405 -20.68 11.71 10.64
N PRO B 406 -20.32 10.46 10.32
CA PRO B 406 -20.76 9.25 11.05
C PRO B 406 -19.98 9.00 12.33
N GLN B 407 -20.69 8.87 13.45
CA GLN B 407 -20.09 8.85 14.78
C GLN B 407 -21.22 8.79 15.81
N ASN B 408 -21.00 8.11 16.93
CA ASN B 408 -22.02 8.01 17.97
C ASN B 408 -21.52 8.68 19.23
N LEU B 409 -22.45 9.30 19.96
CA LEU B 409 -22.16 9.98 21.21
C LEU B 409 -23.23 9.58 22.20
N VAL B 410 -22.82 8.86 23.25
CA VAL B 410 -23.75 8.29 24.22
C VAL B 410 -23.37 8.79 25.60
N ILE B 411 -24.38 8.96 26.45
CA ILE B 411 -24.17 9.35 27.84
C ILE B 411 -24.32 8.09 28.68
N VAL B 412 -23.28 7.76 29.44
CA VAL B 412 -23.18 6.44 30.03
C VAL B 412 -22.94 6.58 31.53
N ASP B 413 -23.63 5.77 32.31
CA ASP B 413 -23.32 5.65 33.72
C ASP B 413 -21.95 5.00 33.84
N PRO B 414 -20.92 5.71 34.31
CA PRO B 414 -19.58 5.11 34.29
C PRO B 414 -19.43 3.92 35.22
N GLU B 415 -20.31 3.78 36.22
CA GLU B 415 -20.19 2.67 37.15
C GLU B 415 -20.81 1.39 36.60
N THR B 416 -21.92 1.50 35.87
CA THR B 416 -22.56 0.32 35.28
C THR B 416 -22.27 0.17 33.79
N ARG B 417 -21.63 1.16 33.17
CA ARG B 417 -21.35 1.13 31.73
C ARG B 417 -22.63 0.89 30.93
N THR B 418 -23.72 1.52 31.37
CA THR B 418 -25.00 1.43 30.68
C THR B 418 -25.48 2.82 30.30
N GLU B 419 -26.05 2.92 29.09
CA GLU B 419 -26.59 4.20 28.63
C GLU B 419 -27.63 4.72 29.61
N VAL B 420 -27.64 6.03 29.82
CA VAL B 420 -28.66 6.68 30.64
C VAL B 420 -29.58 7.48 29.73
N ALA B 421 -30.78 7.74 30.23
CA ALA B 421 -31.78 8.48 29.47
C ALA B 421 -31.37 9.94 29.32
N ASP B 422 -31.75 10.54 28.20
CA ASP B 422 -31.58 11.97 28.03
C ASP B 422 -32.13 12.70 29.24
N GLY B 423 -31.41 13.73 29.68
CA GLY B 423 -31.75 14.41 30.91
C GLY B 423 -31.05 13.88 32.15
N THR B 424 -30.38 12.73 32.05
CA THR B 424 -29.53 12.21 33.12
C THR B 424 -28.07 12.49 32.81
N ILE B 425 -27.35 13.02 33.80
CA ILE B 425 -25.92 13.31 33.63
C ILE B 425 -25.14 12.01 33.67
N GLY B 426 -24.22 11.84 32.70
CA GLY B 426 -23.33 10.71 32.73
C GLY B 426 -22.00 10.99 32.05
N GLU B 427 -21.20 9.95 31.82
CA GLU B 427 -19.95 10.12 31.12
C GLU B 427 -20.20 10.04 29.62
N LEU B 428 -19.60 10.96 28.87
CA LEU B 428 -19.69 10.92 27.43
C LEU B 428 -18.83 9.78 26.88
N TRP B 429 -19.44 8.93 26.07
CA TRP B 429 -18.75 7.89 25.34
C TRP B 429 -18.97 8.12 23.86
N ALA B 430 -17.90 7.98 23.07
CA ALA B 430 -17.94 8.20 21.64
C ALA B 430 -17.48 6.96 20.90
N HIS B 431 -18.01 6.79 19.70
CA HIS B 431 -17.68 5.66 18.84
C HIS B 431 -17.60 6.17 17.41
N GLY B 432 -16.51 5.87 16.73
CA GLY B 432 -16.36 6.33 15.36
C GLY B 432 -14.93 6.19 14.90
N GLU B 433 -14.76 6.28 13.58
CA GLU B 433 -13.45 6.09 13.00
C GLU B 433 -12.57 7.33 13.08
N ASN B 434 -13.06 8.43 13.66
CA ASN B 434 -12.18 9.54 14.03
C ASN B 434 -11.43 9.30 15.34
N MET B 435 -11.77 8.24 16.07
CA MET B 435 -11.09 7.98 17.34
C MET B 435 -9.61 7.69 17.10
N ALA B 436 -8.78 8.17 18.02
CA ALA B 436 -7.37 7.84 17.96
C ALA B 436 -7.15 6.35 18.19
N ALA B 437 -5.97 5.88 17.80
CA ALA B 437 -5.65 4.46 17.91
C ALA B 437 -5.24 4.06 19.32
N GLY B 438 -4.80 5.01 20.14
CA GLY B 438 -4.41 4.71 21.51
C GLY B 438 -3.39 5.72 22.00
N TYR B 439 -2.83 5.42 23.18
CA TYR B 439 -1.75 6.21 23.74
C TYR B 439 -0.44 5.45 23.54
N LEU B 440 0.54 6.12 22.94
CA LEU B 440 1.79 5.48 22.53
C LEU B 440 2.40 4.67 23.67
N ASP B 441 2.51 3.35 23.44
CA ASP B 441 3.21 2.44 24.35
C ASP B 441 2.61 2.42 25.74
N ARG B 442 1.31 2.67 25.86
CA ARG B 442 0.60 2.62 27.13
C ARG B 442 -0.59 1.68 26.97
N PRO B 443 -0.35 0.38 27.02
CA PRO B 443 -1.43 -0.56 26.70
C PRO B 443 -2.61 -0.48 27.67
N GLU B 444 -2.33 -0.35 28.96
CA GLU B 444 -3.42 -0.35 29.95
C GLU B 444 -4.24 0.93 29.84
N ASP B 445 -3.56 2.08 29.77
CA ASP B 445 -4.28 3.34 29.60
C ASP B 445 -5.07 3.35 28.31
N THR B 446 -4.49 2.79 27.24
CA THR B 446 -5.22 2.66 25.98
C THR B 446 -6.46 1.79 26.15
N ALA B 447 -6.31 0.63 26.80
CA ALA B 447 -7.48 -0.21 27.05
C ALA B 447 -8.54 0.56 27.82
N GLU B 448 -8.14 1.27 28.87
CA GLU B 448 -9.09 1.97 29.72
C GLU B 448 -9.87 3.02 28.94
N THR B 449 -9.17 3.87 28.18
CA THR B 449 -9.83 4.98 27.51
C THR B 449 -10.51 4.55 26.21
N PHE B 450 -9.91 3.67 25.42
CA PHE B 450 -10.37 3.45 24.05
C PHE B 450 -11.13 2.15 23.83
N HIS B 451 -11.02 1.17 24.71
CA HIS B 451 -11.58 -0.17 24.48
C HIS B 451 -12.62 -0.46 25.55
N ASN B 452 -13.70 0.32 25.54
CA ASN B 452 -14.81 0.12 26.45
C ASN B 452 -15.95 -0.56 25.71
N THR B 453 -16.75 -1.30 26.46
CA THR B 453 -17.89 -2.04 25.93
C THR B 453 -19.15 -1.47 26.57
N LEU B 454 -20.16 -1.22 25.76
CA LEU B 454 -21.42 -0.67 26.24
C LEU B 454 -22.27 -1.82 26.79
N ALA B 455 -22.40 -1.89 28.11
CA ALA B 455 -23.00 -3.06 28.75
C ALA B 455 -24.51 -3.12 28.58
N GLY B 456 -25.15 -1.99 28.27
CA GLY B 456 -26.59 -1.96 28.08
C GLY B 456 -27.02 -0.63 27.47
N ARG B 457 -28.14 -0.64 26.75
CA ARG B 457 -28.65 0.54 26.06
C ARG B 457 -30.12 0.75 26.40
N LEU B 458 -30.63 1.92 26.01
CA LEU B 458 -32.06 2.21 26.07
C LEU B 458 -32.74 1.68 24.81
N GLU B 459 -34.08 1.62 24.87
CA GLU B 459 -34.83 1.11 23.72
C GLU B 459 -34.54 1.95 22.47
N ASN B 460 -34.54 3.26 22.62
CA ASN B 460 -34.15 4.20 21.55
C ASN B 460 -32.79 4.75 21.95
N SER B 461 -31.72 4.10 21.46
CA SER B 461 -30.38 4.34 21.99
C SER B 461 -29.58 5.26 21.07
N ARG B 462 -28.79 6.14 21.67
CA ARG B 462 -27.86 6.91 20.85
C ARG B 462 -26.73 6.04 20.32
N ALA B 463 -26.65 4.78 20.75
CA ALA B 463 -25.68 3.82 20.23
C ALA B 463 -26.17 3.11 18.98
N ALA B 464 -27.40 3.36 18.54
CA ALA B 464 -27.94 2.69 17.36
C ALA B 464 -26.98 2.82 16.18
N GLY B 465 -26.74 1.69 15.50
CA GLY B 465 -25.79 1.62 14.40
C GLY B 465 -24.45 1.02 14.77
N VAL B 466 -24.11 0.99 16.05
CA VAL B 466 -22.86 0.38 16.52
C VAL B 466 -23.16 -1.05 16.93
N PRO B 467 -22.38 -2.03 16.49
CA PRO B 467 -22.57 -3.41 16.98
C PRO B 467 -22.64 -3.45 18.50
N GLU B 468 -23.58 -4.23 19.03
CA GLU B 468 -23.76 -4.29 20.48
C GLU B 468 -22.51 -4.84 21.17
N GLU B 469 -21.73 -5.67 20.50
CA GLU B 469 -20.55 -6.25 21.12
C GLU B 469 -19.30 -5.38 20.99
N SER B 470 -19.41 -4.21 20.35
CA SER B 470 -18.20 -3.42 20.09
C SER B 470 -17.43 -3.13 21.36
N THR B 471 -16.12 -3.33 21.30
CA THR B 471 -15.20 -3.01 22.38
C THR B 471 -14.41 -1.73 22.12
N LYS B 472 -14.92 -0.87 21.24
CA LYS B 472 -14.16 0.29 20.78
C LYS B 472 -14.82 1.61 21.18
N TRP B 473 -15.56 1.61 22.28
CA TRP B 473 -16.10 2.85 22.82
C TRP B 473 -14.99 3.61 23.54
N MET B 474 -14.90 4.90 23.27
CA MET B 474 -13.90 5.76 23.89
C MET B 474 -14.56 6.54 25.02
N ALA B 475 -14.07 6.34 26.24
CA ALA B 475 -14.60 7.03 27.42
C ALA B 475 -13.86 8.35 27.61
N THR B 476 -14.57 9.45 27.36
CA THR B 476 -13.94 10.77 27.31
C THR B 476 -13.38 11.23 28.66
N GLY B 477 -13.89 10.69 29.78
CA GLY B 477 -13.61 11.30 31.06
C GLY B 477 -14.36 12.59 31.34
N ASP B 478 -15.28 12.97 30.45
CA ASP B 478 -16.08 14.17 30.61
C ASP B 478 -17.51 13.81 30.99
N LEU B 479 -18.09 14.60 31.87
CA LEU B 479 -19.48 14.44 32.29
C LEU B 479 -20.36 15.45 31.56
N GLY B 480 -21.55 15.02 31.21
CA GLY B 480 -22.49 15.92 30.56
C GLY B 480 -23.85 15.28 30.50
N VAL B 481 -24.71 15.89 29.68
CA VAL B 481 -26.10 15.47 29.58
C VAL B 481 -26.60 15.95 28.23
N ILE B 482 -27.53 15.20 27.67
CA ILE B 482 -28.23 15.59 26.46
C ILE B 482 -29.66 15.94 26.86
N VAL B 483 -30.09 17.17 26.55
CA VAL B 483 -31.43 17.66 26.85
C VAL B 483 -32.01 18.23 25.58
N ASP B 484 -33.16 17.69 25.16
CA ASP B 484 -33.83 18.15 23.94
C ASP B 484 -32.91 18.04 22.73
N GLY B 485 -32.12 16.96 22.66
CA GLY B 485 -31.22 16.75 21.53
C GLY B 485 -29.92 17.54 21.58
N GLU B 486 -29.71 18.34 22.61
CA GLU B 486 -28.54 19.20 22.72
C GLU B 486 -27.60 18.67 23.80
N LEU B 487 -26.31 18.64 23.51
CA LEU B 487 -25.30 18.22 24.47
C LEU B 487 -24.86 19.39 25.33
N TYR B 488 -24.74 19.15 26.64
CA TYR B 488 -24.15 20.10 27.56
C TYR B 488 -23.03 19.41 28.32
N ILE B 489 -21.95 20.16 28.59
CA ILE B 489 -20.82 19.66 29.37
C ILE B 489 -20.91 20.21 30.79
N THR B 490 -20.92 19.32 31.79
CA THR B 490 -20.94 19.79 33.16
C THR B 490 -19.55 19.89 33.76
N GLY B 491 -18.67 18.94 33.46
CA GLY B 491 -17.31 19.04 33.95
C GLY B 491 -16.52 17.78 33.65
N ARG B 492 -15.27 17.78 34.11
CA ARG B 492 -14.41 16.61 34.00
C ARG B 492 -14.73 15.65 35.14
N LEU B 493 -14.85 14.36 34.82
CA LEU B 493 -15.21 13.36 35.83
C LEU B 493 -14.26 13.41 37.02
N LYS B 494 -12.95 13.31 36.75
CA LYS B 494 -11.97 13.19 37.83
C LYS B 494 -11.87 14.45 38.68
N ASP B 495 -12.40 15.59 38.22
CA ASP B 495 -12.30 16.84 38.96
C ASP B 495 -13.64 17.28 39.53
N LEU B 496 -14.60 16.38 39.60
CA LEU B 496 -15.88 16.68 40.23
C LEU B 496 -15.67 17.10 41.68
N VAL B 497 -16.44 18.09 42.12
CA VAL B 497 -16.42 18.57 43.49
C VAL B 497 -17.59 17.89 44.20
N ILE B 498 -17.30 16.88 45.00
CA ILE B 498 -18.31 16.12 45.72
C ILE B 498 -18.07 16.33 47.21
N ILE B 499 -19.01 17.00 47.88
CA ILE B 499 -18.95 17.26 49.31
C ILE B 499 -20.28 16.88 49.93
N ALA B 500 -20.26 15.95 50.89
CA ALA B 500 -21.47 15.50 51.57
C ALA B 500 -22.46 14.89 50.59
N GLY B 501 -21.95 14.05 49.68
CA GLY B 501 -22.79 13.36 48.73
C GLY B 501 -23.46 14.25 47.71
N ARG B 502 -23.06 15.51 47.58
CA ARG B 502 -23.59 16.42 46.59
C ARG B 502 -22.51 16.77 45.58
N ASN B 503 -22.90 16.80 44.30
CA ASN B 503 -21.97 17.07 43.20
C ASN B 503 -21.98 18.56 42.87
N HIS B 504 -20.85 19.23 43.09
CA HIS B 504 -20.67 20.62 42.73
C HIS B 504 -19.71 20.73 41.55
N TYR B 505 -20.05 21.58 40.58
CA TYR B 505 -19.23 21.70 39.39
C TYR B 505 -18.42 22.99 39.43
N PRO B 506 -17.10 22.90 39.21
CA PRO B 506 -16.28 24.12 39.25
C PRO B 506 -16.80 25.28 38.41
N GLN B 507 -17.24 25.03 37.17
CA GLN B 507 -17.74 26.14 36.36
C GLN B 507 -18.90 26.84 37.05
N ASP B 508 -19.74 26.06 37.76
CA ASP B 508 -20.85 26.64 38.49
C ASP B 508 -20.36 27.49 39.67
N ILE B 509 -19.46 26.93 40.48
CA ILE B 509 -18.91 27.66 41.62
C ILE B 509 -18.13 28.89 41.15
N GLU B 510 -17.39 28.74 40.04
CA GLU B 510 -16.57 29.86 39.58
C GLU B 510 -17.42 31.05 39.17
N TYR B 511 -18.60 30.81 38.59
CA TYR B 511 -19.48 31.94 38.30
C TYR B 511 -19.85 32.70 39.57
N THR B 512 -20.16 31.97 40.65
CA THR B 512 -20.58 32.64 41.88
C THR B 512 -19.47 33.53 42.44
N VAL B 513 -18.23 33.02 42.43
CA VAL B 513 -17.11 33.84 42.89
C VAL B 513 -16.93 35.06 41.99
N ASP B 514 -16.86 34.83 40.68
CA ASP B 514 -16.75 35.95 39.75
C ASP B 514 -17.85 36.98 39.99
N HIS B 515 -19.11 36.53 40.05
CA HIS B 515 -20.24 37.43 40.24
C HIS B 515 -20.28 38.04 41.64
N ALA B 516 -19.61 37.43 42.61
CA ALA B 516 -19.73 37.86 44.00
C ALA B 516 -19.03 39.18 44.29
N SER B 517 -18.13 39.63 43.44
CA SER B 517 -17.38 40.84 43.78
C SER B 517 -16.69 41.40 42.54
N GLU B 518 -16.77 42.73 42.38
CA GLU B 518 -16.03 43.43 41.35
C GLU B 518 -14.56 43.57 41.67
N HIS B 519 -14.13 43.20 42.88
CA HIS B 519 -12.71 43.10 43.19
C HIS B 519 -12.04 42.00 42.39
N ILE B 520 -12.79 41.00 41.92
CA ILE B 520 -12.23 39.81 41.30
C ILE B 520 -12.18 40.00 39.79
N ARG B 521 -11.05 39.64 39.19
CA ARG B 521 -10.88 39.76 37.75
C ARG B 521 -11.85 38.81 37.02
N PRO B 522 -12.52 39.28 35.98
CA PRO B 522 -13.51 38.42 35.29
C PRO B 522 -12.90 37.13 34.76
N ALA B 523 -13.60 36.03 34.99
CA ALA B 523 -13.22 34.69 34.50
C ALA B 523 -11.81 34.29 34.93
N ALA B 524 -11.30 34.88 36.01
CA ALA B 524 -10.00 34.48 36.54
C ALA B 524 -10.18 33.76 37.87
N VAL B 525 -10.92 32.66 37.86
CA VAL B 525 -11.27 31.91 39.06
C VAL B 525 -11.04 30.43 38.80
N ALA B 526 -10.37 29.76 39.73
CA ALA B 526 -10.15 28.31 39.71
C ALA B 526 -10.69 27.74 41.02
N ALA B 527 -11.76 26.94 40.93
CA ALA B 527 -12.32 26.26 42.08
C ALA B 527 -12.06 24.76 41.96
N PHE B 528 -11.54 24.15 43.02
CA PHE B 528 -11.28 22.73 43.02
C PHE B 528 -11.41 22.18 44.43
N ALA B 529 -11.38 20.85 44.54
CA ALA B 529 -11.49 20.15 45.81
C ALA B 529 -10.19 19.41 46.09
N ILE B 530 -9.87 19.28 47.38
CA ILE B 530 -8.75 18.45 47.84
C ILE B 530 -9.21 17.62 49.01
N GLU B 531 -8.41 16.62 49.34
CA GLU B 531 -8.74 15.73 50.45
C GLU B 531 -7.83 16.01 51.64
N GLU B 536 -13.61 16.13 51.79
CA GLU B 536 -13.37 16.98 50.63
C GLU B 536 -13.49 18.46 50.97
N GLN B 537 -12.45 19.22 50.62
CA GLN B 537 -12.39 20.66 50.90
C GLN B 537 -12.58 21.45 49.61
N LEU B 538 -13.36 22.53 49.70
CA LEU B 538 -13.57 23.43 48.56
C LEU B 538 -12.51 24.52 48.62
N ILE B 539 -11.63 24.56 47.64
CA ILE B 539 -10.59 25.57 47.52
C ILE B 539 -10.95 26.51 46.38
N ILE B 540 -10.73 27.80 46.59
CA ILE B 540 -11.03 28.81 45.57
C ILE B 540 -9.81 29.71 45.42
N LEU B 541 -9.29 29.78 44.19
CA LEU B 541 -8.23 30.71 43.81
C LEU B 541 -8.83 31.72 42.85
N ALA B 542 -8.55 32.99 43.07
CA ALA B 542 -9.06 34.04 42.21
C ALA B 542 -8.06 35.19 42.15
N GLU B 543 -7.90 35.77 40.97
CA GLU B 543 -7.05 36.95 40.82
C GLU B 543 -7.89 38.20 41.10
N ARG B 544 -7.28 39.16 41.78
CA ARG B 544 -7.89 40.49 41.85
C ARG B 544 -7.74 41.17 40.50
N ASP B 545 -8.67 42.08 40.19
CA ASP B 545 -8.66 42.72 38.88
C ASP B 545 -7.49 43.70 38.76
N LEU B 546 -7.35 44.26 37.55
CA LEU B 546 -6.10 44.92 37.18
C LEU B 546 -5.85 46.21 37.97
N ASP B 547 -6.90 46.90 38.40
CA ASP B 547 -6.74 48.15 39.14
C ASP B 547 -6.74 47.94 40.64
N ARG B 548 -6.89 46.68 41.03
CA ARG B 548 -7.17 46.38 42.45
C ARG B 548 -5.91 46.25 43.28
N ASP B 549 -6.04 46.58 44.55
CA ASP B 549 -4.94 46.47 45.51
C ASP B 549 -5.23 45.35 46.52
N PRO B 550 -4.19 44.68 47.07
CA PRO B 550 -4.38 43.74 48.17
C PRO B 550 -5.26 44.22 49.35
N SER B 551 -5.22 45.50 49.76
CA SER B 551 -6.08 45.92 50.88
C SER B 551 -7.53 45.59 50.61
N GLY B 552 -7.91 45.42 49.36
CA GLY B 552 -9.27 45.02 49.04
C GLY B 552 -9.55 43.54 49.14
N ASP B 553 -8.54 42.73 49.45
CA ASP B 553 -8.72 41.29 49.45
C ASP B 553 -9.65 40.84 50.58
N ALA B 554 -9.52 41.46 51.76
CA ALA B 554 -10.26 41.01 52.93
C ALA B 554 -11.76 41.07 52.69
N GLU B 555 -12.26 42.20 52.17
CA GLU B 555 -13.69 42.32 51.91
C GLU B 555 -14.13 41.39 50.78
N ALA B 556 -13.31 41.24 49.74
CA ALA B 556 -13.68 40.36 48.64
C ALA B 556 -13.79 38.92 49.11
N ILE B 557 -12.90 38.50 50.00
CA ILE B 557 -12.95 37.12 50.50
C ILE B 557 -14.24 36.86 51.25
N ASP B 558 -14.63 37.80 52.13
CA ASP B 558 -15.86 37.63 52.89
C ASP B 558 -17.08 37.54 51.98
N ALA B 559 -17.16 38.43 50.98
CA ALA B 559 -18.28 38.39 50.06
C ALA B 559 -18.30 37.10 49.25
N ILE B 560 -17.12 36.60 48.87
CA ILE B 560 -17.03 35.34 48.15
C ILE B 560 -17.54 34.20 49.02
N ARG B 561 -17.05 34.12 50.25
CA ARG B 561 -17.53 33.09 51.18
C ARG B 561 -19.04 33.13 51.31
N ALA B 562 -19.60 34.34 51.46
CA ALA B 562 -21.04 34.47 51.64
C ALA B 562 -21.80 33.98 50.41
N ALA B 563 -21.40 34.45 49.23
CA ALA B 563 -22.13 34.10 48.01
C ALA B 563 -22.06 32.61 47.73
N VAL B 564 -20.91 31.98 47.99
CA VAL B 564 -20.76 30.56 47.70
C VAL B 564 -21.56 29.72 48.70
N THR B 565 -21.56 30.14 49.97
CA THR B 565 -22.34 29.40 50.97
C THR B 565 -23.83 29.39 50.60
N GLU B 566 -24.37 30.56 50.22
CA GLU B 566 -25.79 30.62 49.92
C GLU B 566 -26.13 29.87 48.64
N ALA B 567 -25.32 30.05 47.59
CA ALA B 567 -25.65 29.47 46.29
C ALA B 567 -25.50 27.95 46.28
N HIS B 568 -24.41 27.45 46.87
CA HIS B 568 -24.10 26.02 46.80
C HIS B 568 -24.19 25.32 48.14
N GLY B 569 -24.36 26.05 49.24
CA GLY B 569 -24.45 25.41 50.54
C GLY B 569 -23.17 24.76 51.00
N VAL B 570 -22.02 25.29 50.59
CA VAL B 570 -20.73 24.80 51.05
C VAL B 570 -19.88 26.01 51.45
N VAL B 571 -19.17 25.88 52.57
CA VAL B 571 -18.29 26.93 53.06
C VAL B 571 -16.88 26.63 52.53
N PRO B 572 -16.33 27.46 51.65
CA PRO B 572 -14.98 27.19 51.13
C PRO B 572 -13.98 27.00 52.27
N ALA B 573 -13.19 25.93 52.17
CA ALA B 573 -12.14 25.70 53.15
C ALA B 573 -11.02 26.73 53.01
N ASP B 574 -10.86 27.30 51.82
CA ASP B 574 -9.85 28.33 51.60
C ASP B 574 -10.27 29.20 50.43
N ILE B 575 -10.04 30.50 50.56
CA ILE B 575 -10.25 31.46 49.48
C ILE B 575 -8.95 32.25 49.36
N ARG B 576 -8.20 32.01 48.28
CA ARG B 576 -6.90 32.62 48.08
C ARG B 576 -6.98 33.60 46.92
N ILE B 577 -6.56 34.83 47.16
CA ILE B 577 -6.60 35.89 46.16
C ILE B 577 -5.17 36.28 45.84
N VAL B 578 -4.86 36.39 44.55
CA VAL B 578 -3.50 36.64 44.09
C VAL B 578 -3.54 37.66 42.95
N ALA B 579 -2.35 38.10 42.55
CA ALA B 579 -2.25 39.19 41.59
C ALA B 579 -2.60 38.69 40.18
N PRO B 580 -2.94 39.61 39.28
CA PRO B 580 -3.27 39.21 37.91
C PRO B 580 -2.16 38.37 37.29
N ASP B 581 -2.55 37.28 36.63
CA ASP B 581 -1.67 36.38 35.90
C ASP B 581 -0.93 35.39 36.78
N GLU B 582 -1.25 35.29 38.07
CA GLU B 582 -0.57 34.31 38.92
C GLU B 582 -1.29 32.98 38.97
N ILE B 583 -2.59 32.93 38.65
CA ILE B 583 -3.22 31.65 38.37
C ILE B 583 -2.56 31.06 37.14
N LEU B 584 -2.11 29.81 37.24
CA LEU B 584 -1.33 29.23 36.15
C LEU B 584 -2.21 28.93 34.95
N ARG B 585 -1.69 29.24 33.77
CA ARG B 585 -2.48 29.16 32.54
C ARG B 585 -1.74 28.34 31.49
N SER B 586 -2.51 27.79 30.55
CA SER B 586 -1.95 26.97 29.49
C SER B 586 -1.33 27.86 28.42
N SER B 587 -0.78 27.20 27.40
CA SER B 587 -0.19 27.93 26.27
C SER B 587 -1.22 28.74 25.52
N SER B 588 -2.50 28.33 25.55
CA SER B 588 -3.52 29.10 24.87
C SER B 588 -4.00 30.28 25.70
N GLY B 589 -3.58 30.39 26.96
CA GLY B 589 -4.02 31.44 27.85
C GLY B 589 -5.18 31.07 28.75
N LYS B 590 -5.66 29.83 28.71
CA LYS B 590 -6.78 29.42 29.54
C LYS B 590 -6.28 28.88 30.87
N ILE B 591 -7.10 29.06 31.91
CA ILE B 591 -6.77 28.61 33.25
C ILE B 591 -6.55 27.11 33.26
N ALA B 592 -5.45 26.67 33.85
CA ALA B 592 -5.11 25.25 33.94
C ALA B 592 -5.43 24.78 35.36
N ARG B 593 -6.66 24.28 35.55
CA ARG B 593 -7.15 23.97 36.89
C ARG B 593 -6.26 22.95 37.59
N ARG B 594 -6.06 21.79 36.96
CA ARG B 594 -5.30 20.73 37.60
C ARG B 594 -3.86 21.14 37.89
N VAL B 595 -3.27 21.97 37.03
CA VAL B 595 -1.93 22.48 37.31
C VAL B 595 -1.96 23.36 38.55
N ASN B 596 -3.02 24.13 38.71
CA ASN B 596 -3.14 25.01 39.88
C ASN B 596 -3.43 24.21 41.15
N LYS B 597 -4.22 23.14 41.03
CA LYS B 597 -4.53 22.32 42.19
C LYS B 597 -3.27 21.68 42.76
N LYS B 598 -2.40 21.14 41.89
CA LYS B 598 -1.18 20.52 42.38
C LYS B 598 -0.27 21.55 43.03
N ALA B 599 -0.11 22.72 42.40
CA ALA B 599 0.71 23.77 42.99
C ALA B 599 0.20 24.16 44.37
N TYR B 600 -1.12 24.21 44.54
CA TYR B 600 -1.70 24.59 45.83
C TYR B 600 -1.40 23.53 46.89
N GLN B 601 -1.53 22.25 46.54
CA GLN B 601 -1.36 21.18 47.52
C GLN B 601 0.06 21.17 48.09
N GLU B 602 1.06 21.58 47.30
CA GLU B 602 2.44 21.54 47.75
C GLU B 602 2.88 22.85 48.39
N ASP C 2 14.73 -28.61 18.30
CA ASP C 2 15.72 -28.03 19.20
C ASP C 2 15.13 -26.84 19.98
N LEU C 3 14.25 -27.17 20.93
CA LEU C 3 13.66 -26.16 21.81
C LEU C 3 14.70 -25.17 22.35
N HIS C 4 15.77 -25.72 22.95
CA HIS C 4 16.58 -24.94 23.88
C HIS C 4 17.25 -23.74 23.23
N LYS C 5 17.54 -23.83 21.93
CA LYS C 5 18.13 -22.67 21.25
C LYS C 5 17.05 -21.69 20.82
N ALA C 6 15.95 -22.20 20.27
CA ALA C 6 14.82 -21.33 19.94
C ALA C 6 14.37 -20.53 21.15
N MET C 7 14.28 -21.17 22.32
CA MET C 7 13.88 -20.44 23.51
C MET C 7 14.99 -19.50 23.98
N GLY C 8 16.24 -19.95 23.95
CA GLY C 8 17.34 -19.08 24.37
C GLY C 8 17.48 -17.81 23.55
N GLN C 9 16.95 -17.81 22.33
CA GLN C 9 17.07 -16.65 21.45
C GLN C 9 16.49 -15.38 22.06
N PHE C 10 15.58 -15.50 23.02
CA PHE C 10 14.91 -14.34 23.59
C PHE C 10 15.56 -13.83 24.87
N PHE C 11 16.57 -14.52 25.38
CA PHE C 11 17.32 -14.05 26.54
C PHE C 11 18.62 -13.40 26.07
N ASP C 12 19.16 -12.54 26.93
CA ASP C 12 20.45 -11.92 26.67
C ASP C 12 21.46 -12.43 27.69
N ALA C 13 22.62 -11.77 27.74
CA ALA C 13 23.72 -12.25 28.57
C ALA C 13 23.34 -12.23 30.05
N LYS C 14 22.75 -11.14 30.52
CA LYS C 14 22.42 -10.99 31.92
C LYS C 14 21.14 -11.72 32.33
N GLY C 15 20.54 -12.48 31.42
CA GLY C 15 19.30 -13.17 31.73
C GLY C 15 18.04 -12.37 31.53
N ASN C 16 18.14 -11.18 30.95
CA ASN C 16 16.95 -10.41 30.64
C ASN C 16 16.25 -11.01 29.43
N ILE C 17 14.95 -10.75 29.34
CA ILE C 17 14.15 -11.18 28.21
C ILE C 17 13.92 -9.98 27.31
N ALA C 18 14.07 -10.19 26.01
CA ALA C 18 13.77 -9.17 25.01
C ALA C 18 12.85 -9.79 23.97
N LEU C 19 11.63 -9.26 23.86
CA LEU C 19 10.80 -9.80 22.80
C LEU C 19 10.70 -8.82 21.66
N PRO C 20 10.77 -9.27 20.42
CA PRO C 20 10.51 -8.37 19.29
C PRO C 20 9.08 -7.84 19.38
N PRO C 21 8.88 -6.56 19.11
CA PRO C 21 7.56 -5.96 19.38
C PRO C 21 6.44 -6.58 18.60
N GLN C 22 6.71 -7.20 17.46
CA GLN C 22 5.66 -7.71 16.61
C GLN C 22 5.25 -9.14 16.95
N ILE C 23 5.95 -9.79 17.88
CA ILE C 23 5.67 -11.20 18.18
C ILE C 23 4.34 -11.31 18.91
N THR C 24 3.62 -12.39 18.63
CA THR C 24 2.43 -12.77 19.37
C THR C 24 2.53 -14.25 19.70
N LEU C 25 1.66 -14.72 20.61
CA LEU C 25 1.57 -16.15 20.88
C LEU C 25 1.35 -16.93 19.59
N ALA C 26 0.42 -16.46 18.76
CA ALA C 26 0.15 -17.15 17.50
C ALA C 26 1.32 -17.01 16.53
N GLY C 27 1.98 -15.85 16.51
CA GLY C 27 3.18 -15.70 15.70
C GLY C 27 4.29 -16.63 16.15
N LEU C 28 4.50 -16.73 17.47
CA LEU C 28 5.50 -17.66 18.00
C LEU C 28 5.17 -19.10 17.63
N SER C 29 3.93 -19.50 17.87
CA SER C 29 3.48 -20.83 17.47
C SER C 29 3.83 -21.13 16.02
N GLU C 30 3.48 -20.24 15.10
CA GLU C 30 3.71 -20.51 13.69
C GLU C 30 5.20 -20.45 13.35
N LEU C 31 5.95 -19.57 14.01
CA LEU C 31 7.40 -19.58 13.87
C LEU C 31 7.97 -20.96 14.17
N PHE C 32 7.63 -21.51 15.34
CA PHE C 32 8.17 -22.80 15.73
C PHE C 32 7.69 -23.91 14.80
N TYR C 33 6.40 -23.89 14.43
CA TYR C 33 5.89 -24.92 13.52
C TYR C 33 6.63 -24.90 12.20
N GLN C 34 6.90 -23.70 11.66
CA GLN C 34 7.52 -23.61 10.34
C GLN C 34 9.01 -23.96 10.39
N SER C 35 9.65 -23.80 11.55
CA SER C 35 11.04 -24.23 11.71
C SER C 35 11.14 -25.72 11.96
N ASP C 36 10.03 -26.37 12.32
CA ASP C 36 9.97 -27.80 12.59
C ASP C 36 9.70 -28.60 11.32
N VAL C 37 10.48 -28.33 10.25
CA VAL C 37 10.29 -29.11 9.03
C VAL C 37 10.85 -30.51 9.28
N ASP C 38 10.19 -31.52 8.73
CA ASP C 38 10.40 -32.93 8.99
C ASP C 38 9.63 -33.38 10.23
N GLY C 39 9.11 -32.47 11.04
CA GLY C 39 8.35 -32.83 12.22
C GLY C 39 6.85 -32.95 12.01
N GLY C 40 6.37 -32.70 10.79
CA GLY C 40 4.94 -32.74 10.54
C GLY C 40 4.29 -34.04 10.96
N ASP C 41 4.99 -35.16 10.75
CA ASP C 41 4.46 -36.49 11.07
C ASP C 41 4.64 -36.87 12.54
N ARG C 42 5.42 -36.11 13.30
CA ARG C 42 5.74 -36.49 14.67
C ARG C 42 4.48 -36.47 15.53
N HIS C 43 4.27 -37.53 16.30
CA HIS C 43 3.15 -37.57 17.22
C HIS C 43 3.29 -36.48 18.28
N CYS C 44 2.18 -35.78 18.55
CA CYS C 44 2.19 -34.70 19.53
C CYS C 44 1.16 -34.90 20.63
N MET C 45 -0.11 -35.13 20.30
CA MET C 45 -1.16 -35.14 21.29
C MET C 45 -1.94 -36.45 21.22
N ARG C 46 -2.09 -37.09 22.37
CA ARG C 46 -3.00 -38.22 22.52
C ARG C 46 -4.08 -37.80 23.51
N TYR C 47 -5.33 -37.85 23.08
CA TYR C 47 -6.47 -37.53 23.91
C TYR C 47 -7.24 -38.80 24.22
N TRP C 48 -7.50 -39.04 25.49
CA TRP C 48 -8.25 -40.20 25.95
C TRP C 48 -9.70 -39.84 26.15
N ASP C 49 -10.60 -40.59 25.52
CA ASP C 49 -12.02 -40.56 25.82
C ASP C 49 -12.39 -41.85 26.55
N TYR C 50 -13.05 -41.73 27.69
CA TYR C 50 -13.33 -42.88 28.53
C TYR C 50 -14.81 -43.27 28.54
N SER C 51 -15.55 -42.94 27.48
CA SER C 51 -16.89 -43.49 27.36
C SER C 51 -16.86 -44.96 26.94
N THR C 52 -15.72 -45.43 26.44
CA THR C 52 -15.49 -46.85 26.20
C THR C 52 -14.54 -47.38 27.27
N GLU C 53 -14.94 -48.48 27.91
CA GLU C 53 -14.29 -48.97 29.12
C GLU C 53 -12.76 -48.92 29.05
N GLY C 54 -12.18 -49.46 27.99
CA GLY C 54 -10.74 -49.35 27.86
C GLY C 54 -10.22 -47.92 27.80
N GLY C 55 -11.05 -46.98 27.37
CA GLY C 55 -10.55 -45.70 26.93
C GLY C 55 -10.09 -45.80 25.50
N VAL C 56 -10.44 -44.82 24.66
CA VAL C 56 -10.06 -44.80 23.26
C VAL C 56 -9.22 -43.56 23.01
N ALA C 57 -8.04 -43.76 22.44
CA ALA C 57 -7.11 -42.67 22.21
C ALA C 57 -7.35 -42.05 20.84
N ARG C 58 -7.37 -40.72 20.80
CA ARG C 58 -7.35 -39.96 19.56
C ARG C 58 -5.99 -39.30 19.46
N ASP C 59 -5.26 -39.61 18.39
CA ASP C 59 -3.88 -39.15 18.23
C ASP C 59 -3.81 -38.07 17.17
N TYR C 60 -2.91 -37.10 17.40
CA TYR C 60 -2.67 -35.99 16.48
C TYR C 60 -1.19 -35.76 16.35
N ASN C 61 -0.70 -35.70 15.11
CA ASN C 61 0.68 -35.34 14.86
C ASN C 61 0.82 -33.83 14.71
N ARG C 62 2.07 -33.37 14.60
CA ARG C 62 2.35 -31.95 14.55
C ARG C 62 1.50 -31.24 13.52
N ARG C 63 1.35 -31.83 12.34
CA ARG C 63 0.67 -31.16 11.24
C ARG C 63 -0.85 -31.16 11.43
N GLU C 64 -1.40 -32.25 11.96
CA GLU C 64 -2.84 -32.30 12.18
C GLU C 64 -3.29 -31.24 13.16
N ILE C 65 -2.51 -31.03 14.23
CA ILE C 65 -2.85 -30.00 15.21
C ILE C 65 -2.82 -28.63 14.54
N ASN C 66 -1.77 -28.37 13.77
CA ASN C 66 -1.66 -27.09 13.09
C ASN C 66 -2.82 -26.88 12.14
N THR C 67 -3.25 -27.95 11.47
CA THR C 67 -4.35 -27.88 10.50
C THR C 67 -5.69 -27.58 11.17
N ARG C 68 -5.96 -28.20 12.33
CA ARG C 68 -7.22 -27.92 13.01
C ARG C 68 -7.25 -26.49 13.53
N ILE C 69 -6.13 -26.02 14.08
CA ILE C 69 -6.03 -24.65 14.55
C ILE C 69 -6.33 -23.69 13.41
N LYS C 70 -5.74 -23.92 12.24
CA LYS C 70 -5.93 -23.00 11.12
C LYS C 70 -7.32 -23.13 10.52
N SER C 71 -7.92 -24.33 10.59
CA SER C 71 -9.32 -24.45 10.16
C SER C 71 -10.25 -23.62 11.05
N VAL C 72 -10.06 -23.70 12.37
CA VAL C 72 -10.84 -22.84 13.27
C VAL C 72 -10.60 -21.37 12.93
N ALA C 73 -9.33 -20.98 12.80
CA ALA C 73 -9.02 -19.58 12.52
C ALA C 73 -9.66 -19.13 11.22
N ALA C 74 -9.52 -19.93 10.16
CA ALA C 74 -10.11 -19.57 8.87
C ALA C 74 -11.61 -19.36 8.98
N ARG C 75 -12.31 -20.23 9.73
CA ARG C 75 -13.74 -20.05 9.92
C ARG C 75 -14.04 -18.75 10.66
N LEU C 76 -13.31 -18.48 11.74
CA LEU C 76 -13.50 -17.22 12.45
C LEU C 76 -13.34 -16.03 11.50
N GLN C 77 -12.37 -16.12 10.59
CA GLN C 77 -12.09 -15.02 9.68
C GLN C 77 -13.19 -14.82 8.65
N GLN C 78 -14.11 -15.78 8.51
CA GLN C 78 -15.30 -15.57 7.68
C GLN C 78 -16.36 -14.72 8.36
N VAL C 79 -16.36 -14.66 9.70
CA VAL C 79 -17.48 -14.08 10.43
C VAL C 79 -17.06 -13.04 11.45
N ALA C 80 -15.75 -12.84 11.65
CA ALA C 80 -15.31 -11.98 12.74
C ALA C 80 -14.02 -11.26 12.34
N GLN C 81 -13.58 -10.35 13.20
CA GLN C 81 -12.42 -9.50 12.95
C GLN C 81 -11.43 -9.59 14.10
N PRO C 82 -10.15 -9.35 13.82
CA PRO C 82 -9.16 -9.29 14.91
C PRO C 82 -9.63 -8.35 16.02
N GLY C 83 -9.41 -8.78 17.28
CA GLY C 83 -9.87 -8.06 18.45
C GLY C 83 -11.22 -8.50 18.97
N ASP C 84 -12.02 -9.20 18.15
CA ASP C 84 -13.31 -9.69 18.59
C ASP C 84 -13.14 -10.75 19.65
N ARG C 85 -14.05 -10.76 20.63
CA ARG C 85 -14.00 -11.76 21.69
C ARG C 85 -14.82 -12.98 21.29
N VAL C 86 -14.36 -14.16 21.69
CA VAL C 86 -15.04 -15.41 21.38
C VAL C 86 -14.95 -16.34 22.59
N ALA C 87 -16.11 -16.82 23.05
CA ALA C 87 -16.15 -17.75 24.19
C ALA C 87 -15.89 -19.18 23.71
N ILE C 88 -15.13 -19.92 24.51
CA ILE C 88 -14.94 -21.36 24.29
C ILE C 88 -15.83 -22.08 25.30
N LEU C 89 -16.92 -22.67 24.80
CA LEU C 89 -17.92 -23.36 25.60
C LEU C 89 -17.90 -24.83 25.19
N ALA C 90 -16.94 -25.58 25.74
CA ALA C 90 -16.88 -27.00 25.44
C ALA C 90 -16.31 -27.74 26.63
N ASN C 91 -16.56 -29.04 26.68
CA ASN C 91 -15.85 -29.91 27.60
C ASN C 91 -14.38 -30.03 27.22
N ASN C 92 -13.57 -30.49 28.18
CA ASN C 92 -12.18 -30.79 27.90
C ASN C 92 -12.09 -31.75 26.71
N SER C 93 -11.33 -31.35 25.70
CA SER C 93 -11.34 -32.03 24.41
C SER C 93 -10.20 -31.46 23.56
N PRO C 94 -9.73 -32.23 22.57
CA PRO C 94 -8.85 -31.62 21.56
C PRO C 94 -9.49 -30.39 20.94
N GLU C 95 -10.79 -30.45 20.67
CA GLU C 95 -11.49 -29.32 20.07
C GLU C 95 -11.31 -28.06 20.89
N TYR C 96 -11.41 -28.17 22.23
CA TYR C 96 -11.23 -27.01 23.09
C TYR C 96 -9.91 -26.31 22.79
N LEU C 97 -8.82 -27.08 22.70
CA LEU C 97 -7.50 -26.51 22.41
C LEU C 97 -7.44 -25.90 21.02
N PHE C 98 -7.98 -26.60 20.02
CA PHE C 98 -7.97 -26.06 18.67
C PHE C 98 -8.79 -24.77 18.60
N GLY C 99 -9.89 -24.71 19.33
CA GLY C 99 -10.68 -23.48 19.35
C GLY C 99 -9.94 -22.34 20.02
N PHE C 100 -9.29 -22.62 21.15
CA PHE C 100 -8.55 -21.57 21.85
C PHE C 100 -7.40 -21.04 21.01
N ILE C 101 -6.57 -21.94 20.47
CA ILE C 101 -5.41 -21.48 19.72
C ILE C 101 -5.85 -20.97 18.35
N GLY C 102 -6.91 -21.54 17.77
CA GLY C 102 -7.43 -21.03 16.53
C GLY C 102 -7.94 -19.60 16.65
N ALA C 103 -8.55 -19.26 17.79
CA ALA C 103 -8.94 -17.89 18.05
C ALA C 103 -7.72 -16.96 18.04
N LEU C 104 -6.65 -17.37 18.73
CA LEU C 104 -5.43 -16.58 18.71
C LEU C 104 -4.88 -16.42 17.30
N TYR C 105 -4.91 -17.50 16.49
CA TYR C 105 -4.39 -17.42 15.13
C TYR C 105 -5.17 -16.42 14.28
N ALA C 106 -6.46 -16.25 14.54
CA ALA C 106 -7.27 -15.28 13.83
C ALA C 106 -7.19 -13.88 14.43
N GLY C 107 -6.39 -13.67 15.46
CA GLY C 107 -6.33 -12.38 16.12
C GLY C 107 -7.50 -12.10 17.05
N LEU C 108 -8.34 -13.09 17.31
CA LEU C 108 -9.45 -12.92 18.24
C LEU C 108 -8.98 -13.16 19.67
N VAL C 109 -9.82 -12.74 20.63
CA VAL C 109 -9.47 -12.80 22.04
C VAL C 109 -10.36 -13.88 22.66
N PRO C 110 -9.84 -15.07 22.91
CA PRO C 110 -10.69 -16.15 23.42
C PRO C 110 -10.99 -15.96 24.90
N VAL C 111 -12.13 -16.51 25.31
CA VAL C 111 -12.59 -16.50 26.70
C VAL C 111 -12.86 -17.94 27.08
N PRO C 112 -11.89 -18.65 27.66
CA PRO C 112 -12.08 -20.08 27.91
C PRO C 112 -13.08 -20.30 29.04
N LEU C 113 -14.17 -21.00 28.71
CA LEU C 113 -15.17 -21.36 29.70
C LEU C 113 -15.40 -22.87 29.63
N TYR C 114 -16.64 -23.34 29.55
CA TYR C 114 -16.86 -24.76 29.77
C TYR C 114 -18.22 -25.17 29.21
N ASP C 115 -18.44 -26.47 29.17
CA ASP C 115 -19.73 -27.05 28.81
C ASP C 115 -20.80 -26.49 29.73
N PRO C 116 -21.83 -25.82 29.20
CA PRO C 116 -22.89 -25.29 30.08
C PRO C 116 -23.65 -26.36 30.82
N SER C 117 -23.59 -27.61 30.36
CA SER C 117 -24.23 -28.73 31.07
C SER C 117 -23.67 -28.86 32.48
N GLU C 118 -22.34 -29.05 32.58
CA GLU C 118 -21.64 -29.31 33.84
C GLU C 118 -22.23 -28.45 34.95
N PRO C 119 -22.49 -29.02 36.12
CA PRO C 119 -23.42 -28.39 37.06
C PRO C 119 -22.83 -27.19 37.78
N GLY C 120 -23.73 -26.35 38.29
CA GLY C 120 -23.36 -25.14 39.01
C GLY C 120 -22.49 -24.23 38.17
N HIS C 121 -23.08 -23.63 37.14
CA HIS C 121 -22.32 -22.86 36.16
C HIS C 121 -23.23 -21.92 35.37
N ALA C 122 -24.53 -22.22 35.33
CA ALA C 122 -25.46 -21.40 34.56
C ALA C 122 -25.35 -19.93 34.96
N ASP C 123 -25.32 -19.66 36.27
CA ASP C 123 -25.23 -18.29 36.75
C ASP C 123 -23.89 -17.67 36.41
N HIS C 124 -22.80 -18.40 36.65
CA HIS C 124 -21.47 -17.91 36.34
C HIS C 124 -21.34 -17.62 34.85
N LEU C 125 -21.84 -18.52 34.01
CA LEU C 125 -21.74 -18.33 32.56
C LEU C 125 -22.54 -17.12 32.11
N THR C 126 -23.75 -16.95 32.64
CA THR C 126 -24.55 -15.78 32.32
C THR C 126 -23.80 -14.50 32.67
N ALA C 127 -23.17 -14.46 33.85
CA ALA C 127 -22.45 -13.27 34.28
C ALA C 127 -21.22 -13.01 33.40
N VAL C 128 -20.49 -14.06 33.01
CA VAL C 128 -19.33 -13.84 32.16
C VAL C 128 -19.76 -13.35 30.79
N MET C 129 -20.79 -13.97 30.21
CA MET C 129 -21.30 -13.51 28.92
C MET C 129 -21.69 -12.05 28.99
N ALA C 130 -22.33 -11.63 30.09
CA ALA C 130 -22.69 -10.23 30.23
C ALA C 130 -21.47 -9.33 30.42
N ASP C 131 -20.42 -9.86 31.05
CA ASP C 131 -19.24 -9.04 31.29
C ASP C 131 -18.45 -8.83 30.00
N ALA C 132 -18.17 -9.93 29.26
CA ALA C 132 -17.31 -9.86 28.09
C ALA C 132 -18.08 -9.62 26.80
N GLN C 133 -19.36 -9.97 26.74
CA GLN C 133 -20.21 -9.74 25.58
C GLN C 133 -19.60 -10.23 24.27
N PRO C 134 -19.09 -11.46 24.23
CA PRO C 134 -18.63 -12.03 22.95
C PRO C 134 -19.82 -12.30 22.03
N ALA C 135 -19.65 -11.99 20.75
CA ALA C 135 -20.69 -12.26 19.78
C ALA C 135 -20.48 -13.59 19.05
N ILE C 136 -19.45 -14.33 19.45
CA ILE C 136 -19.14 -15.62 18.85
C ILE C 136 -18.84 -16.62 19.97
N VAL C 137 -19.28 -17.86 19.77
CA VAL C 137 -19.04 -18.94 20.72
C VAL C 137 -18.48 -20.13 19.94
N LEU C 138 -17.35 -20.65 20.38
CA LEU C 138 -16.80 -21.88 19.83
C LEU C 138 -17.15 -23.04 20.77
N THR C 139 -17.64 -24.14 20.19
CA THR C 139 -18.03 -25.33 20.96
C THR C 139 -17.61 -26.55 20.13
N ASN C 140 -18.00 -27.74 20.59
CA ASN C 140 -17.77 -28.96 19.84
C ASN C 140 -19.08 -29.72 19.73
N ASN C 141 -19.08 -30.76 18.89
CA ASN C 141 -20.31 -31.51 18.66
C ASN C 141 -20.84 -32.12 19.96
N ALA C 142 -19.95 -32.53 20.85
CA ALA C 142 -20.37 -33.10 22.13
C ALA C 142 -21.13 -32.08 22.98
N SER C 143 -20.77 -30.80 22.89
CA SER C 143 -21.37 -29.78 23.73
C SER C 143 -22.38 -28.90 22.99
N ALA C 144 -22.52 -29.05 21.67
CA ALA C 144 -23.28 -28.10 20.89
C ALA C 144 -24.74 -28.02 21.36
N ALA C 145 -25.37 -29.16 21.63
CA ALA C 145 -26.78 -29.13 22.04
C ALA C 145 -26.97 -28.34 23.32
N ALA C 146 -26.09 -28.56 24.30
CA ALA C 146 -26.16 -27.80 25.54
C ALA C 146 -25.93 -26.31 25.30
N VAL C 147 -25.05 -25.99 24.35
CA VAL C 147 -24.79 -24.59 24.03
C VAL C 147 -25.98 -23.96 23.31
N ARG C 148 -26.49 -24.64 22.27
CA ARG C 148 -27.66 -24.11 21.59
C ARG C 148 -28.83 -23.90 22.55
N ARG C 149 -28.98 -24.80 23.52
CA ARG C 149 -30.09 -24.68 24.46
C ARG C 149 -29.90 -23.50 25.38
N PHE C 150 -28.67 -23.28 25.85
CA PHE C 150 -28.39 -22.19 26.77
C PHE C 150 -28.74 -20.84 26.15
N PHE C 151 -28.47 -20.67 24.87
CA PHE C 151 -28.79 -19.43 24.17
C PHE C 151 -30.17 -19.48 23.51
N SER C 152 -30.76 -20.67 23.40
CA SER C 152 -32.10 -20.78 22.82
C SER C 152 -33.10 -19.87 23.53
N ALA C 153 -32.96 -19.69 24.83
CA ALA C 153 -33.95 -18.94 25.61
C ALA C 153 -33.76 -17.43 25.57
N LEU C 154 -32.87 -16.93 24.71
CA LEU C 154 -32.57 -15.52 24.55
C LEU C 154 -33.05 -15.03 23.19
N PRO C 155 -33.36 -13.74 23.07
CA PRO C 155 -33.83 -13.21 21.78
C PRO C 155 -32.80 -13.43 20.67
N GLY C 156 -33.28 -13.89 19.52
CA GLY C 156 -32.38 -14.23 18.43
C GLY C 156 -31.47 -13.09 18.02
N ALA C 157 -31.99 -11.85 18.05
CA ALA C 157 -31.17 -10.71 17.64
C ALA C 157 -29.95 -10.55 18.53
N GLN C 158 -30.05 -10.94 19.80
CA GLN C 158 -28.98 -10.81 20.78
C GLN C 158 -27.98 -11.96 20.75
N ARG C 159 -28.31 -13.06 20.07
CA ARG C 159 -27.66 -14.35 20.29
C ARG C 159 -26.28 -14.37 19.63
N PRO C 160 -25.25 -14.87 20.30
CA PRO C 160 -23.96 -15.05 19.62
C PRO C 160 -24.06 -16.13 18.54
N ARG C 161 -23.19 -16.01 17.54
CA ARG C 161 -23.06 -17.09 16.57
C ARG C 161 -22.35 -18.27 17.21
N ILE C 162 -22.86 -19.48 16.94
CA ILE C 162 -22.32 -20.71 17.52
C ILE C 162 -21.62 -21.50 16.43
N ILE C 163 -20.36 -21.84 16.67
CA ILE C 163 -19.52 -22.57 15.72
C ILE C 163 -19.00 -23.84 16.39
N SER C 164 -19.36 -25.00 15.84
CA SER C 164 -18.88 -26.28 16.36
C SER C 164 -17.59 -26.67 15.67
N ILE C 165 -16.53 -26.85 16.47
CA ILE C 165 -15.18 -26.96 15.90
C ILE C 165 -15.05 -28.22 15.05
N ASP C 166 -15.52 -29.36 15.56
CA ASP C 166 -15.31 -30.57 14.77
C ASP C 166 -16.35 -30.74 13.66
N SER C 167 -17.18 -29.73 13.39
CA SER C 167 -17.92 -29.72 12.14
C SER C 167 -17.17 -28.98 11.02
N LEU C 168 -16.00 -28.41 11.32
CA LEU C 168 -15.27 -27.63 10.32
C LEU C 168 -14.30 -28.53 9.57
N PRO C 169 -14.31 -28.51 8.23
CA PRO C 169 -13.42 -29.39 7.48
C PRO C 169 -11.96 -28.93 7.54
N ASP C 170 -11.06 -29.91 7.43
CA ASP C 170 -9.63 -29.61 7.33
C ASP C 170 -9.33 -28.66 6.19
N THR C 171 -10.11 -28.72 5.11
CA THR C 171 -9.86 -27.89 3.94
C THR C 171 -9.91 -26.40 4.25
N LEU C 172 -10.60 -26.01 5.32
CA LEU C 172 -10.68 -24.60 5.71
C LEU C 172 -9.29 -24.04 6.00
N ALA C 173 -8.39 -24.88 6.53
CA ALA C 173 -7.05 -24.41 6.88
C ALA C 173 -6.36 -23.73 5.70
N GLN C 174 -6.60 -24.19 4.48
CA GLN C 174 -5.93 -23.58 3.34
C GLN C 174 -6.33 -22.13 3.15
N SER C 175 -7.46 -21.70 3.71
CA SER C 175 -7.90 -20.32 3.56
C SER C 175 -7.34 -19.40 4.63
N TYR C 176 -6.65 -19.95 5.63
CA TYR C 176 -6.17 -19.14 6.74
C TYR C 176 -5.25 -18.03 6.25
N GLN C 177 -5.41 -16.84 6.83
CA GLN C 177 -4.54 -15.70 6.59
C GLN C 177 -3.92 -15.24 7.90
N ILE C 178 -2.67 -14.81 7.86
CA ILE C 178 -2.13 -14.10 9.02
C ILE C 178 -3.05 -12.93 9.33
N PRO C 179 -3.48 -12.74 10.58
CA PRO C 179 -4.44 -11.67 10.85
C PRO C 179 -3.85 -10.30 10.57
N THR C 180 -4.67 -9.42 10.07
CA THR C 180 -4.26 -8.02 9.93
C THR C 180 -4.06 -7.45 11.34
N PRO C 181 -3.00 -6.67 11.62
CA PRO C 181 -2.85 -6.05 12.91
C PRO C 181 -4.08 -5.23 13.32
N SER C 182 -4.41 -5.23 14.61
CA SER C 182 -5.54 -4.39 15.09
C SER C 182 -5.21 -2.91 14.93
N MET C 183 -6.23 -2.07 14.91
CA MET C 183 -6.00 -0.62 14.79
C MET C 183 -5.12 -0.09 15.93
N ALA C 184 -5.23 -0.63 17.14
CA ALA C 184 -4.39 -0.23 18.30
C ALA C 184 -2.90 -0.48 18.08
N ALA C 185 -2.51 -1.34 17.12
CA ALA C 185 -1.09 -1.61 16.76
C ALA C 185 -0.37 -0.33 16.30
N ALA C 186 -1.09 0.66 15.78
CA ALA C 186 -0.52 1.99 15.51
C ALA C 186 0.03 2.60 16.81
N ALA C 187 -0.56 2.36 18.00
CA ALA C 187 -0.12 2.93 19.27
C ALA C 187 0.65 1.94 20.15
N ILE C 188 0.23 0.69 20.15
CA ILE C 188 0.77 -0.38 21.01
C ILE C 188 1.45 -1.46 20.18
N ASN C 189 2.63 -1.93 20.63
CA ASN C 189 3.27 -3.09 20.03
C ASN C 189 2.29 -4.25 19.98
N PRO C 190 2.22 -5.00 18.88
CA PRO C 190 1.39 -6.21 18.88
C PRO C 190 1.66 -7.10 20.08
N VAL C 191 2.91 -7.20 20.55
CA VAL C 191 3.19 -8.11 21.66
C VAL C 191 2.51 -7.64 22.95
N ASP C 192 2.27 -6.33 23.08
CA ASP C 192 1.67 -5.80 24.31
C ASP C 192 0.16 -5.76 24.27
N LEU C 193 -0.46 -6.27 23.20
CA LEU C 193 -1.90 -6.29 23.16
C LEU C 193 -2.45 -7.57 23.80
N PRO C 194 -3.74 -7.57 24.13
CA PRO C 194 -4.31 -8.70 24.87
C PRO C 194 -4.25 -10.01 24.10
N ALA C 195 -4.02 -11.09 24.84
CA ALA C 195 -4.11 -12.43 24.26
C ALA C 195 -5.42 -13.12 24.59
N PHE C 196 -5.79 -13.21 25.87
CA PHE C 196 -7.07 -13.84 26.21
C PHE C 196 -7.52 -13.35 27.58
N LEU C 197 -8.80 -13.64 27.89
CA LEU C 197 -9.45 -13.23 29.11
C LEU C 197 -9.68 -14.46 30.00
N GLN C 198 -9.07 -14.46 31.18
CA GLN C 198 -9.15 -15.58 32.12
C GLN C 198 -10.10 -15.19 33.25
N TYR C 199 -11.31 -15.77 33.24
CA TYR C 199 -12.28 -15.49 34.27
C TYR C 199 -12.12 -16.46 35.43
N THR C 200 -12.77 -16.14 36.54
CA THR C 200 -12.70 -16.97 37.73
C THR C 200 -14.06 -17.59 38.06
N THR C 206 -19.11 -11.80 41.63
CA THR C 206 -18.96 -11.11 40.34
C THR C 206 -17.64 -11.50 39.68
N PRO C 207 -17.71 -12.37 38.67
CA PRO C 207 -16.49 -12.83 38.00
C PRO C 207 -15.79 -11.69 37.29
N ALA C 208 -14.49 -11.59 37.49
CA ALA C 208 -13.64 -10.61 36.85
C ALA C 208 -12.75 -11.30 35.82
N GLY C 209 -12.62 -10.69 34.65
CA GLY C 209 -11.75 -11.24 33.65
C GLY C 209 -10.34 -10.71 33.75
N VAL C 210 -9.37 -11.59 33.95
CA VAL C 210 -7.96 -11.18 33.94
C VAL C 210 -7.51 -11.05 32.49
N VAL C 211 -6.95 -9.89 32.16
CA VAL C 211 -6.48 -9.62 30.80
C VAL C 211 -5.03 -10.07 30.72
N LEU C 212 -4.82 -11.22 30.07
CA LEU C 212 -3.47 -11.68 29.79
C LEU C 212 -3.06 -11.20 28.40
N THR C 213 -1.84 -10.67 28.28
CA THR C 213 -1.35 -10.17 27.01
C THR C 213 -0.42 -11.19 26.37
N ASN C 214 -0.13 -10.95 25.09
CA ASN C 214 0.88 -11.77 24.42
C ASN C 214 2.20 -11.71 25.20
N ARG C 215 2.60 -10.52 25.66
CA ARG C 215 3.83 -10.43 26.44
C ARG C 215 3.71 -11.18 27.77
N SER C 216 2.57 -11.02 28.46
CA SER C 216 2.30 -11.81 29.67
C SER C 216 2.68 -13.25 29.48
N ILE C 217 1.99 -13.90 28.54
CA ILE C 217 2.09 -15.35 28.39
C ILE C 217 3.45 -15.74 27.83
N VAL C 218 3.88 -15.05 26.76
CA VAL C 218 5.18 -15.40 26.16
C VAL C 218 6.29 -15.27 27.20
N THR C 219 6.26 -14.20 27.99
CA THR C 219 7.25 -14.03 29.06
C THR C 219 7.20 -15.20 30.03
N ASN C 220 6.00 -15.60 30.47
CA ASN C 220 5.90 -16.65 31.48
C ASN C 220 6.28 -18.01 30.89
N VAL C 221 5.95 -18.23 29.62
CA VAL C 221 6.40 -19.43 28.93
C VAL C 221 7.92 -19.52 28.96
N LEU C 222 8.59 -18.40 28.66
CA LEU C 222 10.05 -18.35 28.69
C LEU C 222 10.59 -18.54 30.10
N GLN C 223 10.00 -17.87 31.10
CA GLN C 223 10.42 -18.09 32.48
C GLN C 223 10.23 -19.54 32.88
N ILE C 224 9.08 -20.13 32.53
CA ILE C 224 8.80 -21.52 32.88
C ILE C 224 9.84 -22.44 32.27
N PHE C 225 10.04 -22.33 30.94
CA PHE C 225 10.97 -23.22 30.25
C PHE C 225 12.34 -23.15 30.88
N ALA C 226 12.83 -21.96 31.20
CA ALA C 226 14.17 -21.81 31.72
C ALA C 226 14.28 -22.30 33.16
N ALA C 227 13.22 -22.15 33.96
CA ALA C 227 13.34 -22.51 35.37
C ALA C 227 13.09 -24.00 35.61
N ALA C 228 12.34 -24.67 34.73
CA ALA C 228 11.95 -26.06 34.96
C ALA C 228 13.09 -27.04 34.73
N GLN C 229 14.20 -26.60 34.15
CA GLN C 229 15.34 -27.47 33.90
C GLN C 229 14.88 -28.77 33.23
N LEU C 230 14.12 -28.64 32.16
CA LEU C 230 13.47 -29.78 31.53
C LEU C 230 14.47 -30.70 30.86
N LYS C 231 14.25 -32.00 31.02
CA LYS C 231 15.00 -33.02 30.29
C LYS C 231 14.26 -33.37 29.02
N THR C 232 15.00 -33.53 27.93
CA THR C 232 14.40 -33.89 26.65
C THR C 232 15.14 -35.08 26.05
N PRO C 233 14.43 -35.92 25.28
CA PRO C 233 13.01 -35.67 24.99
C PRO C 233 12.11 -35.98 26.18
N LEU C 234 10.88 -35.46 26.14
CA LEU C 234 9.93 -35.61 27.23
C LEU C 234 8.54 -35.84 26.67
N ARG C 235 7.61 -36.17 27.57
CA ARG C 235 6.20 -36.14 27.30
C ARG C 235 5.51 -35.66 28.58
N LEU C 236 4.37 -35.01 28.40
CA LEU C 236 3.63 -34.41 29.50
C LEU C 236 2.27 -35.10 29.63
N VAL C 237 1.83 -35.29 30.88
CA VAL C 237 0.52 -35.85 31.17
C VAL C 237 -0.27 -34.80 31.92
N SER C 238 -1.52 -34.60 31.54
CA SER C 238 -2.36 -33.60 32.19
C SER C 238 -3.82 -33.98 32.02
N TRP C 239 -4.59 -33.83 33.09
CA TRP C 239 -6.04 -33.92 33.05
C TRP C 239 -6.67 -32.63 33.57
N LEU C 240 -5.88 -31.56 33.70
CA LEU C 240 -6.36 -30.34 34.32
C LEU C 240 -7.53 -29.74 33.53
N PRO C 241 -8.44 -29.05 34.21
CA PRO C 241 -9.52 -28.37 33.50
C PRO C 241 -8.97 -27.23 32.65
N LEU C 242 -9.41 -27.18 31.40
CA LEU C 242 -8.94 -26.13 30.50
C LEU C 242 -9.57 -24.78 30.80
N HIS C 243 -10.66 -24.73 31.58
CA HIS C 243 -11.25 -23.45 31.99
C HIS C 243 -10.59 -22.88 33.24
N HIS C 244 -9.49 -23.48 33.70
CA HIS C 244 -8.67 -22.91 34.75
C HIS C 244 -7.35 -22.42 34.18
N ASP C 245 -6.77 -21.43 34.86
CA ASP C 245 -5.49 -20.85 34.48
C ASP C 245 -4.43 -21.94 34.23
N MET C 246 -4.27 -22.86 35.19
CA MET C 246 -3.20 -23.85 35.09
C MET C 246 -3.36 -24.74 33.86
N GLY C 247 -4.60 -25.18 33.59
CA GLY C 247 -4.80 -26.12 32.51
C GLY C 247 -4.51 -25.54 31.13
N ILE C 248 -5.09 -24.38 30.81
CA ILE C 248 -5.01 -23.87 29.44
C ILE C 248 -3.60 -23.34 29.14
N ILE C 249 -2.96 -22.68 30.09
CA ILE C 249 -1.61 -22.19 29.81
C ILE C 249 -0.63 -23.36 29.67
N LEU C 250 -0.79 -24.40 30.48
CA LEU C 250 0.02 -25.60 30.31
C LEU C 250 -0.20 -26.21 28.92
N ALA C 251 -1.47 -26.36 28.52
CA ALA C 251 -1.73 -26.95 27.21
C ALA C 251 -1.24 -26.06 26.07
N VAL C 252 -1.28 -24.74 26.23
CA VAL C 252 -0.75 -23.86 25.19
C VAL C 252 0.77 -23.95 25.15
N PHE C 253 1.40 -23.91 26.33
CA PHE C 253 2.83 -24.14 26.44
C PHE C 253 3.27 -25.37 25.64
N ILE C 254 2.68 -26.52 25.96
CA ILE C 254 3.13 -27.77 25.35
C ILE C 254 2.82 -27.79 23.85
N THR C 255 1.67 -27.25 23.45
CA THR C 255 1.29 -27.28 22.04
C THR C 255 2.16 -26.32 21.22
N LEU C 256 2.41 -25.14 21.77
CA LEU C 256 3.27 -24.17 21.09
C LEU C 256 4.66 -24.73 20.81
N LEU C 257 5.21 -25.49 21.75
CA LEU C 257 6.54 -26.06 21.60
C LEU C 257 6.56 -27.35 20.79
N GLY C 258 5.40 -27.86 20.35
CA GLY C 258 5.37 -29.09 19.59
C GLY C 258 5.79 -30.32 20.36
N LEU C 259 5.71 -30.28 21.69
CA LEU C 259 6.12 -31.41 22.51
C LEU C 259 4.98 -32.43 22.64
N GLU C 260 5.32 -33.62 23.13
CA GLU C 260 4.34 -34.69 23.26
C GLU C 260 3.47 -34.52 24.50
N PHE C 261 2.17 -34.70 24.32
CA PHE C 261 1.15 -34.33 25.28
C PHE C 261 0.10 -35.43 25.36
N GLU C 262 -0.26 -35.84 26.57
CA GLU C 262 -1.29 -36.85 26.80
C GLU C 262 -2.34 -36.28 27.74
N MET C 263 -3.60 -36.32 27.32
CA MET C 263 -4.63 -35.52 27.97
C MET C 263 -5.90 -36.35 28.18
N MET C 264 -6.58 -36.04 29.28
CA MET C 264 -7.93 -36.52 29.54
C MET C 264 -8.63 -35.49 30.39
N SER C 265 -9.90 -35.73 30.70
CA SER C 265 -10.68 -34.76 31.44
C SER C 265 -10.48 -34.93 32.94
N PRO C 266 -10.69 -33.87 33.73
CA PRO C 266 -10.63 -34.01 35.19
C PRO C 266 -11.61 -35.03 35.74
N ARG C 267 -12.80 -35.11 35.13
CA ARG C 267 -13.79 -36.09 35.58
C ARG C 267 -13.28 -37.51 35.36
N ASP C 268 -12.54 -37.75 34.27
CA ASP C 268 -11.94 -39.07 34.05
C ASP C 268 -10.97 -39.42 35.17
N PHE C 269 -10.16 -38.45 35.61
CA PHE C 269 -9.20 -38.71 36.67
C PHE C 269 -9.92 -39.05 37.97
N ILE C 270 -10.92 -38.25 38.35
CA ILE C 270 -11.58 -38.47 39.61
C ILE C 270 -12.37 -39.77 39.60
N GLN C 271 -12.94 -40.14 38.45
CA GLN C 271 -13.65 -41.41 38.36
C GLN C 271 -12.72 -42.58 38.66
N GLN C 272 -11.54 -42.60 38.04
CA GLN C 272 -10.57 -43.68 38.22
C GLN C 272 -9.16 -43.12 38.21
N PRO C 273 -8.66 -42.67 39.37
CA PRO C 273 -7.29 -42.12 39.43
C PRO C 273 -6.24 -43.00 38.79
N LYS C 274 -6.52 -44.30 38.65
CA LYS C 274 -5.53 -45.21 38.06
C LYS C 274 -5.24 -44.88 36.60
N ARG C 275 -6.18 -44.32 35.84
CA ARG C 275 -5.89 -43.88 34.49
C ARG C 275 -4.67 -42.97 34.46
N TRP C 276 -4.54 -42.12 35.49
CA TRP C 276 -3.44 -41.16 35.53
C TRP C 276 -2.12 -41.85 35.84
N ILE C 277 -2.09 -42.67 36.91
CA ILE C 277 -0.91 -43.47 37.20
C ILE C 277 -0.51 -44.32 36.01
N ASP C 278 -1.50 -44.91 35.32
CA ASP C 278 -1.19 -45.70 34.13
C ASP C 278 -0.49 -44.86 33.07
N GLN C 279 -0.85 -43.59 32.95
CA GLN C 279 -0.22 -42.75 31.93
C GLN C 279 1.20 -42.36 32.32
N LEU C 280 1.48 -42.25 33.62
CA LEU C 280 2.82 -41.98 34.09
C LEU C 280 3.73 -43.21 33.98
N ASP C 281 3.17 -44.40 33.94
CA ASP C 281 3.97 -45.61 33.87
C ASP C 281 4.96 -45.55 32.71
N ARG C 282 6.12 -46.16 32.89
CA ARG C 282 7.15 -46.08 31.86
C ARG C 282 6.73 -46.84 30.61
N ARG C 283 7.05 -46.27 29.45
CA ARG C 283 6.74 -46.88 28.16
C ARG C 283 8.01 -46.97 27.33
N GLU C 284 7.99 -47.86 26.35
CA GLU C 284 9.15 -48.05 25.49
C GLU C 284 9.59 -46.71 24.91
N GLY C 285 10.91 -46.51 24.89
CA GLY C 285 11.48 -45.25 24.43
C GLY C 285 11.35 -44.09 25.38
N ASP C 286 10.61 -44.24 26.49
CA ASP C 286 10.43 -43.15 27.44
C ASP C 286 11.78 -42.58 27.88
N ASN C 287 11.84 -41.25 27.98
CA ASN C 287 13.00 -40.58 28.58
C ASN C 287 12.59 -39.83 29.84
N ALA C 288 11.85 -38.72 29.72
CA ALA C 288 11.39 -37.97 30.87
C ALA C 288 9.89 -37.75 30.78
N VAL C 289 9.21 -37.92 31.91
CA VAL C 289 7.76 -37.78 31.99
C VAL C 289 7.44 -36.68 33.01
N TYR C 290 6.57 -35.76 32.64
CA TYR C 290 6.17 -34.66 33.50
C TYR C 290 4.66 -34.69 33.71
N ALA C 291 4.24 -34.19 34.87
CA ALA C 291 2.84 -34.10 35.23
C ALA C 291 2.65 -32.87 36.10
N VAL C 292 1.42 -32.34 36.09
CA VAL C 292 1.07 -31.13 36.83
C VAL C 292 -0.30 -31.34 37.46
N VAL C 293 -0.40 -31.25 38.78
CA VAL C 293 -1.62 -31.62 39.48
C VAL C 293 -1.89 -30.67 40.66
N PRO C 294 -3.14 -30.47 41.03
CA PRO C 294 -3.45 -29.87 42.34
C PRO C 294 -3.18 -30.88 43.46
N ASN C 295 -3.07 -30.33 44.67
CA ASN C 295 -2.70 -31.13 45.85
C ASN C 295 -3.64 -32.30 46.06
N PHE C 296 -4.94 -32.11 45.85
CA PHE C 296 -5.91 -33.16 46.18
C PHE C 296 -5.70 -34.41 45.33
N ALA C 297 -5.04 -34.27 44.18
CA ALA C 297 -4.81 -35.44 43.34
C ALA C 297 -3.89 -36.46 44.01
N LEU C 298 -2.96 -35.99 44.85
CA LEU C 298 -2.00 -36.89 45.47
C LEU C 298 -2.70 -37.90 46.37
N GLU C 299 -3.54 -37.42 47.29
CA GLU C 299 -4.24 -38.34 48.18
C GLU C 299 -5.27 -39.19 47.45
N LEU C 300 -5.87 -38.65 46.38
CA LEU C 300 -6.83 -39.43 45.60
C LEU C 300 -6.18 -40.60 44.89
N ALA C 301 -5.00 -40.38 44.30
CA ALA C 301 -4.29 -41.46 43.63
C ALA C 301 -3.72 -42.45 44.65
N ALA C 302 -3.23 -41.95 45.79
CA ALA C 302 -2.68 -42.85 46.80
C ALA C 302 -3.74 -43.82 47.31
N ARG C 303 -4.99 -43.40 47.35
CA ARG C 303 -6.04 -44.21 47.95
C ARG C 303 -6.81 -45.07 46.95
N TYR C 304 -6.93 -44.65 45.69
CA TYR C 304 -7.77 -45.36 44.74
C TYR C 304 -7.02 -45.91 43.54
N ALA C 305 -5.71 -45.70 43.45
CA ALA C 305 -4.89 -46.24 42.36
C ALA C 305 -3.90 -47.24 42.97
N THR C 306 -4.28 -48.51 42.98
CA THR C 306 -3.43 -49.55 43.54
C THR C 306 -2.26 -49.85 42.60
N PRO C 307 -1.01 -49.65 43.03
CA PRO C 307 0.12 -49.92 42.14
C PRO C 307 0.30 -51.42 41.92
N SER C 308 0.53 -51.81 40.67
CA SER C 308 0.72 -53.20 40.30
C SER C 308 2.21 -53.55 40.23
N GLU C 309 2.49 -54.85 40.22
CA GLU C 309 3.86 -55.33 40.23
C GLU C 309 4.70 -54.68 39.13
N GLY C 310 4.14 -54.55 37.93
CA GLY C 310 4.89 -54.00 36.81
C GLY C 310 4.95 -52.50 36.72
N LEU C 311 4.36 -51.77 37.66
CA LEU C 311 4.33 -50.31 37.59
C LEU C 311 5.73 -49.74 37.80
N ASP C 312 6.14 -48.84 36.90
CA ASP C 312 7.46 -48.21 36.96
C ASP C 312 7.32 -46.71 36.71
N LEU C 313 7.35 -45.94 37.80
CA LEU C 313 7.24 -44.48 37.74
C LEU C 313 8.59 -43.79 37.71
N SER C 314 9.65 -44.52 37.38
CA SER C 314 10.99 -43.95 37.46
C SER C 314 11.28 -42.97 36.33
N ALA C 315 10.47 -42.93 35.28
CA ALA C 315 10.69 -41.91 34.26
C ALA C 315 10.09 -40.56 34.62
N VAL C 316 9.31 -40.47 35.71
CA VAL C 316 8.69 -39.20 36.06
C VAL C 316 9.77 -38.24 36.56
N GLU C 317 10.10 -37.25 35.75
CA GLU C 317 11.15 -36.28 36.07
C GLU C 317 10.64 -35.07 36.82
N GLY C 318 9.33 -34.80 36.75
CA GLY C 318 8.76 -33.68 37.46
C GLY C 318 7.27 -33.87 37.69
N LEU C 319 6.88 -33.92 38.95
CA LEU C 319 5.48 -33.93 39.35
C LEU C 319 5.25 -32.57 40.00
N ILE C 320 4.79 -31.60 39.20
CA ILE C 320 4.53 -30.25 39.70
C ILE C 320 3.20 -30.24 40.42
N ILE C 321 3.18 -29.69 41.63
CA ILE C 321 1.99 -29.68 42.47
C ILE C 321 1.70 -28.25 42.86
N GLY C 322 0.51 -27.76 42.52
CA GLY C 322 0.19 -26.38 42.83
C GLY C 322 -1.25 -26.05 42.49
N SER C 323 -1.58 -24.77 42.68
CA SER C 323 -2.91 -24.19 42.50
C SER C 323 -3.65 -24.17 43.84
N GLU C 324 -3.17 -24.93 44.81
CA GLU C 324 -3.77 -24.94 46.14
C GLU C 324 -2.69 -25.33 47.14
N PRO C 325 -2.95 -25.13 48.43
CA PRO C 325 -1.95 -25.49 49.44
C PRO C 325 -1.50 -26.94 49.30
N VAL C 326 -0.18 -27.13 49.26
CA VAL C 326 0.42 -28.45 49.19
C VAL C 326 0.73 -28.92 50.61
N THR C 327 0.23 -30.09 50.96
CA THR C 327 0.26 -30.52 52.35
C THR C 327 1.25 -31.66 52.57
N GLU C 328 1.87 -31.67 53.76
CA GLU C 328 2.73 -32.77 54.13
C GLU C 328 1.99 -34.10 54.03
N LYS C 329 0.74 -34.14 54.51
CA LYS C 329 -0.04 -35.36 54.47
C LYS C 329 -0.16 -35.90 53.03
N ALA C 330 -0.49 -35.02 52.09
CA ALA C 330 -0.66 -35.44 50.70
C ALA C 330 0.67 -35.89 50.10
N VAL C 331 1.73 -35.10 50.30
CA VAL C 331 3.03 -35.43 49.73
C VAL C 331 3.48 -36.82 50.20
N GLU C 332 3.36 -37.08 51.50
CA GLU C 332 3.92 -38.33 52.04
C GLU C 332 3.03 -39.53 51.75
N ALA C 333 1.70 -39.35 51.72
CA ALA C 333 0.85 -40.44 51.28
C ALA C 333 1.21 -40.88 49.86
N PHE C 334 1.43 -39.91 48.96
CA PHE C 334 1.78 -40.24 47.59
C PHE C 334 3.19 -40.82 47.50
N ALA C 335 4.15 -40.22 48.19
CA ALA C 335 5.52 -40.73 48.15
C ALA C 335 5.62 -42.13 48.73
N GLU C 336 4.93 -42.38 49.85
CA GLU C 336 5.00 -43.70 50.47
C GLU C 336 4.30 -44.76 49.63
N THR C 337 3.19 -44.39 48.98
CA THR C 337 2.44 -45.36 48.20
C THR C 337 3.18 -45.74 46.92
N PHE C 338 3.72 -44.75 46.20
CA PHE C 338 4.29 -45.04 44.89
C PHE C 338 5.81 -45.02 44.86
N GLY C 339 6.48 -44.55 45.92
CA GLY C 339 7.92 -44.70 46.00
C GLY C 339 8.44 -46.10 45.79
N PRO C 340 7.81 -47.12 46.37
CA PRO C 340 8.26 -48.49 46.11
C PRO C 340 8.18 -48.90 44.64
N TYR C 341 7.51 -48.15 43.79
CA TYR C 341 7.38 -48.50 42.37
C TYR C 341 8.09 -47.51 41.46
N GLY C 342 9.11 -46.83 41.98
CA GLY C 342 9.95 -45.97 41.18
C GLY C 342 9.64 -44.49 41.24
N LEU C 343 8.59 -44.08 41.95
CA LEU C 343 8.30 -42.65 42.06
C LEU C 343 9.37 -42.00 42.91
N ASN C 344 10.18 -41.14 42.31
CA ASN C 344 11.24 -40.46 43.04
C ASN C 344 10.65 -39.26 43.79
N ARG C 345 10.60 -39.34 45.12
CA ARG C 345 9.99 -38.26 45.92
C ARG C 345 10.66 -36.92 45.64
N GLN C 346 11.97 -36.93 45.37
CA GLN C 346 12.67 -35.69 45.10
C GLN C 346 12.21 -35.00 43.81
N ASN C 347 11.43 -35.68 42.97
CA ASN C 347 10.88 -35.06 41.77
C ASN C 347 9.49 -34.47 41.99
N MET C 348 8.96 -34.54 43.21
CA MET C 348 7.75 -33.82 43.57
C MET C 348 8.11 -32.36 43.86
N ARG C 349 7.44 -31.44 43.17
CA ARG C 349 7.93 -30.07 43.03
C ARG C 349 6.79 -29.09 43.32
N PRO C 350 6.52 -28.82 44.59
CA PRO C 350 5.46 -27.86 44.93
C PRO C 350 5.78 -26.49 44.35
N SER C 351 4.77 -25.87 43.74
CA SER C 351 4.96 -24.63 43.00
C SER C 351 3.77 -23.70 43.25
N TYR C 352 3.98 -22.42 42.97
CA TYR C 352 3.01 -21.37 43.31
C TYR C 352 2.85 -20.35 42.18
N GLY C 353 1.62 -19.94 41.96
CA GLY C 353 1.36 -18.89 40.99
C GLY C 353 -0.12 -18.58 40.97
N LEU C 354 -0.50 -17.68 40.06
CA LEU C 354 -1.88 -17.22 39.97
C LEU C 354 -2.09 -16.59 38.60
N ALA C 355 -3.36 -16.47 38.22
CA ALA C 355 -3.68 -15.92 36.90
C ALA C 355 -3.15 -14.51 36.72
N GLU C 356 -3.15 -13.71 37.79
CA GLU C 356 -2.66 -12.35 37.69
C GLU C 356 -1.17 -12.27 37.34
N ALA C 357 -0.44 -13.38 37.47
CA ALA C 357 0.94 -13.45 37.00
C ALA C 357 1.09 -14.36 35.79
N SER C 358 -0.02 -14.56 35.07
CA SER C 358 -0.13 -15.45 33.92
C SER C 358 -0.23 -16.89 34.41
N LEU C 359 0.82 -17.41 35.05
CA LEU C 359 0.72 -18.74 35.61
C LEU C 359 1.71 -18.93 36.76
N LEU C 360 3.01 -18.94 36.48
CA LEU C 360 4.00 -19.41 37.43
C LEU C 360 4.78 -18.25 38.06
N VAL C 361 4.80 -18.22 39.39
CA VAL C 361 5.63 -17.29 40.13
C VAL C 361 6.86 -17.96 40.73
N THR C 362 6.69 -19.09 41.45
CA THR C 362 7.82 -19.80 42.06
C THR C 362 7.72 -21.30 41.79
N THR C 363 8.89 -21.92 41.67
CA THR C 363 9.00 -23.37 41.55
C THR C 363 10.39 -23.74 42.07
N PRO C 364 10.56 -24.96 42.59
CA PRO C 364 11.89 -25.37 43.06
C PRO C 364 12.89 -25.39 41.91
N GLN C 365 13.99 -24.70 42.11
CA GLN C 365 15.04 -24.64 41.09
C GLN C 365 16.36 -25.20 41.58
N THR C 366 16.37 -25.87 42.72
CA THR C 366 17.53 -26.57 43.25
C THR C 366 17.14 -27.99 43.58
N PRO C 367 18.12 -28.87 43.85
CA PRO C 367 17.79 -30.25 44.20
C PRO C 367 17.03 -30.40 45.51
N GLN C 368 16.94 -29.34 46.31
CA GLN C 368 16.33 -29.40 47.64
C GLN C 368 14.80 -29.20 47.52
N ARG C 369 14.12 -30.29 47.21
CA ARG C 369 12.64 -30.34 47.14
C ARG C 369 12.17 -31.80 47.22
N PRO C 370 10.93 -32.10 47.64
CA PRO C 370 10.01 -31.11 48.17
C PRO C 370 10.37 -30.74 49.61
N VAL C 371 10.28 -29.47 49.91
CA VAL C 371 10.65 -28.91 51.24
C VAL C 371 9.43 -28.89 52.16
N ILE C 372 9.61 -29.39 53.36
CA ILE C 372 8.56 -29.27 54.39
C ILE C 372 9.21 -28.70 55.65
N SER C 373 8.78 -27.52 56.13
CA SER C 373 9.37 -26.99 57.34
C SER C 373 8.28 -26.90 58.39
N TYR C 374 8.65 -27.15 59.64
CA TYR C 374 7.73 -27.06 60.76
C TYR C 374 7.96 -25.73 61.48
N PHE C 375 6.89 -24.96 61.63
CA PHE C 375 6.96 -23.60 62.16
C PHE C 375 6.23 -23.51 63.49
N ASP C 376 6.85 -22.84 64.46
CA ASP C 376 6.22 -22.62 65.75
C ASP C 376 4.90 -21.88 65.56
N ARG C 377 3.80 -22.51 66.01
CA ARG C 377 2.48 -21.94 65.75
C ARG C 377 2.31 -20.58 66.43
N GLU C 378 2.84 -20.42 67.64
CA GLU C 378 2.69 -19.16 68.36
C GLU C 378 3.40 -18.03 67.64
N GLN C 379 4.67 -18.25 67.24
CA GLN C 379 5.37 -17.23 66.48
C GLN C 379 4.68 -16.96 65.15
N LEU C 380 4.13 -18.01 64.53
CA LEU C 380 3.39 -17.83 63.28
C LEU C 380 2.21 -16.89 63.47
N ALA C 381 1.50 -17.01 64.60
CA ALA C 381 0.40 -16.10 64.88
C ALA C 381 0.87 -14.67 65.08
N ALA C 382 2.17 -14.45 65.30
CA ALA C 382 2.75 -13.13 65.39
C ALA C 382 3.50 -12.72 64.13
N ASN C 383 3.24 -13.40 63.01
CA ASN C 383 3.86 -13.06 61.72
C ASN C 383 5.36 -13.30 61.73
N ARG C 384 5.81 -14.30 62.47
CA ARG C 384 7.22 -14.68 62.49
C ARG C 384 7.35 -16.17 62.20
N ALA C 385 8.32 -16.52 61.36
CA ALA C 385 8.62 -17.91 61.04
C ALA C 385 9.81 -18.34 61.87
N VAL C 386 9.58 -19.25 62.81
CA VAL C 386 10.62 -19.81 63.67
C VAL C 386 10.56 -21.32 63.48
N ILE C 387 11.60 -21.90 62.90
CA ILE C 387 11.58 -23.30 62.51
C ILE C 387 11.96 -24.17 63.70
N VAL C 388 11.19 -25.23 63.92
CA VAL C 388 11.31 -26.11 65.07
C VAL C 388 11.09 -27.54 64.58
N ASP C 389 11.17 -28.48 65.50
CA ASP C 389 10.98 -29.86 65.10
C ASP C 389 9.49 -30.17 64.98
N LYS C 390 9.19 -31.15 64.14
CA LYS C 390 7.81 -31.58 63.95
C LYS C 390 7.19 -31.94 65.29
N GLY C 391 5.89 -31.68 65.42
CA GLY C 391 5.15 -32.17 66.56
C GLY C 391 4.86 -31.17 67.66
N ASP C 392 5.87 -30.43 68.12
CA ASP C 392 5.74 -29.60 69.31
C ASP C 392 5.18 -28.23 68.93
N ASN C 393 3.86 -28.12 68.92
CA ASN C 393 3.18 -26.84 68.69
C ASN C 393 3.67 -26.20 67.40
N ALA C 394 3.74 -26.98 66.34
CA ALA C 394 4.32 -26.54 65.08
C ALA C 394 3.35 -26.76 63.93
N VAL C 395 3.43 -25.87 62.95
CA VAL C 395 2.63 -25.92 61.73
C VAL C 395 3.52 -26.39 60.59
N ALA C 396 3.05 -27.38 59.84
CA ALA C 396 3.79 -27.86 58.68
C ALA C 396 3.42 -27.04 57.44
N LEU C 397 4.41 -26.37 56.85
CA LEU C 397 4.24 -25.64 55.61
C LEU C 397 5.20 -26.17 54.56
N THR C 398 4.75 -26.17 53.31
CA THR C 398 5.53 -26.73 52.20
C THR C 398 6.22 -25.60 51.44
N GLY C 399 7.51 -25.81 51.14
CA GLY C 399 8.23 -24.86 50.33
C GLY C 399 7.81 -24.95 48.87
N VAL C 400 7.61 -23.80 48.24
CA VAL C 400 7.23 -23.74 46.83
C VAL C 400 8.33 -23.15 45.98
N GLY C 401 9.57 -23.16 46.48
CA GLY C 401 10.70 -22.83 45.63
C GLY C 401 11.04 -21.36 45.56
N GLN C 402 11.58 -20.97 44.39
CA GLN C 402 12.12 -19.64 44.17
C GLN C 402 11.47 -19.02 42.95
N VAL C 403 11.51 -17.69 42.89
CA VAL C 403 10.86 -16.97 41.80
C VAL C 403 11.51 -17.35 40.48
N VAL C 404 10.69 -17.42 39.42
CA VAL C 404 11.14 -17.81 38.10
C VAL C 404 11.50 -16.53 37.34
N ARG C 405 12.80 -16.29 37.20
CA ARG C 405 13.33 -15.05 36.66
C ARG C 405 13.23 -15.00 35.14
N PRO C 406 13.30 -13.81 34.54
CA PRO C 406 13.40 -12.52 35.24
C PRO C 406 12.06 -12.05 35.82
N GLN C 407 12.05 -11.88 37.13
CA GLN C 407 10.85 -11.57 37.89
C GLN C 407 11.27 -11.31 39.34
N ASN C 408 10.50 -10.53 40.09
CA ASN C 408 10.78 -10.29 41.49
C ASN C 408 9.60 -10.73 42.34
N LEU C 409 9.93 -11.33 43.50
CA LEU C 409 8.95 -11.77 44.48
C LEU C 409 9.38 -11.21 45.82
N VAL C 410 8.56 -10.34 46.40
CA VAL C 410 8.91 -9.62 47.62
C VAL C 410 7.80 -9.83 48.63
N ILE C 411 8.18 -9.93 49.90
CA ILE C 411 7.23 -10.07 51.00
C ILE C 411 7.04 -8.69 51.61
N VAL C 412 5.80 -8.22 51.66
CA VAL C 412 5.51 -6.83 51.94
C VAL C 412 4.49 -6.72 53.06
N ASP C 413 4.74 -5.82 53.99
CA ASP C 413 3.73 -5.43 54.95
C ASP C 413 2.69 -4.59 54.22
N PRO C 414 1.46 -5.08 54.03
CA PRO C 414 0.50 -4.29 53.24
C PRO C 414 0.12 -2.97 53.88
N GLU C 415 0.15 -2.84 55.20
CA GLU C 415 -0.22 -1.55 55.79
C GLU C 415 0.78 -0.48 55.40
N THR C 416 2.07 -0.78 55.51
CA THR C 416 3.11 0.20 55.26
C THR C 416 3.72 0.11 53.87
N ARG C 417 3.38 -0.93 53.09
CA ARG C 417 3.91 -1.10 51.74
C ARG C 417 5.45 -1.11 51.72
N THR C 418 6.04 -1.72 52.75
CA THR C 418 7.49 -1.83 52.86
C THR C 418 7.90 -3.28 53.02
N GLU C 419 8.98 -3.66 52.32
CA GLU C 419 9.48 -5.03 52.40
C GLU C 419 9.74 -5.42 53.85
N VAL C 420 9.55 -6.69 54.16
CA VAL C 420 9.84 -7.21 55.50
C VAL C 420 10.97 -8.22 55.37
N ALA C 421 11.78 -8.32 56.42
CA ALA C 421 12.92 -9.22 56.40
C ALA C 421 12.45 -10.66 56.24
N ASP C 422 13.28 -11.47 55.57
CA ASP C 422 13.01 -12.89 55.48
C ASP C 422 12.83 -13.47 56.87
N GLY C 423 11.90 -14.41 56.98
CA GLY C 423 11.44 -14.88 58.28
C GLY C 423 10.21 -14.16 58.81
N THR C 424 9.80 -13.07 58.18
CA THR C 424 8.61 -12.35 58.58
C THR C 424 7.50 -12.59 57.56
N ILE C 425 6.29 -12.85 58.06
CA ILE C 425 5.14 -13.09 57.20
C ILE C 425 4.61 -11.76 56.68
N GLY C 426 4.35 -11.69 55.39
CA GLY C 426 3.76 -10.52 54.77
C GLY C 426 2.98 -10.93 53.54
N GLU C 427 2.47 -9.93 52.82
CA GLU C 427 1.79 -10.20 51.56
C GLU C 427 2.80 -10.39 50.44
N LEU C 428 2.55 -11.36 49.58
CA LEU C 428 3.41 -11.60 48.42
C LEU C 428 3.15 -10.54 47.36
N TRP C 429 4.21 -9.85 46.93
CA TRP C 429 4.16 -8.85 45.88
C TRP C 429 5.07 -9.30 44.74
N ALA C 430 4.58 -9.21 43.51
CA ALA C 430 5.35 -9.67 42.36
C ALA C 430 5.53 -8.55 41.35
N HIS C 431 6.64 -8.61 40.63
CA HIS C 431 7.00 -7.61 39.63
C HIS C 431 7.65 -8.33 38.46
N GLY C 432 7.13 -8.10 37.27
CA GLY C 432 7.73 -8.68 36.08
C GLY C 432 6.79 -8.60 34.90
N GLU C 433 7.34 -8.91 33.73
CA GLU C 433 6.57 -8.79 32.50
C GLU C 433 5.63 -9.96 32.27
N ASN C 434 5.63 -10.97 33.14
CA ASN C 434 4.57 -11.97 33.12
C ASN C 434 3.29 -11.49 33.81
N MET C 435 3.32 -10.36 34.53
CA MET C 435 2.08 -9.90 35.16
C MET C 435 1.02 -9.63 34.10
N ALA C 436 -0.21 -10.00 34.43
CA ALA C 436 -1.34 -9.65 33.58
C ALA C 436 -1.51 -8.13 33.53
N ALA C 437 -2.30 -7.68 32.55
CA ALA C 437 -2.49 -6.24 32.37
C ALA C 437 -3.53 -5.66 33.31
N GLY C 438 -4.41 -6.47 33.85
CA GLY C 438 -5.44 -5.98 34.73
C GLY C 438 -6.70 -6.81 34.58
N TYR C 439 -7.76 -6.35 35.23
CA TYR C 439 -9.07 -6.97 35.18
C TYR C 439 -9.97 -6.20 34.24
N LEU C 440 -10.66 -6.90 33.35
CA LEU C 440 -11.48 -6.26 32.34
C LEU C 440 -12.50 -5.31 32.96
N ASP C 441 -12.51 -4.06 32.51
CA ASP C 441 -13.54 -3.10 32.88
C ASP C 441 -13.65 -2.93 34.41
N ARG C 442 -12.54 -2.99 35.13
CA ARG C 442 -12.56 -2.88 36.60
C ARG C 442 -11.45 -1.97 37.08
N PRO C 443 -11.57 -0.67 36.82
CA PRO C 443 -10.43 0.24 37.06
C PRO C 443 -9.96 0.23 38.51
N GLU C 444 -10.89 0.18 39.47
CA GLU C 444 -10.50 0.21 40.88
C GLU C 444 -9.81 -1.08 41.31
N ASP C 445 -10.37 -2.24 40.97
CA ASP C 445 -9.69 -3.49 41.30
C ASP C 445 -8.33 -3.55 40.62
N THR C 446 -8.26 -3.08 39.37
CA THR C 446 -7.00 -3.16 38.62
C THR C 446 -5.92 -2.32 39.27
N ALA C 447 -6.27 -1.12 39.74
CA ALA C 447 -5.27 -0.26 40.37
C ALA C 447 -4.80 -0.84 41.70
N GLU C 448 -5.73 -1.35 42.50
CA GLU C 448 -5.36 -1.95 43.79
C GLU C 448 -4.43 -3.14 43.60
N THR C 449 -4.82 -4.06 42.71
CA THR C 449 -4.08 -5.31 42.54
C THR C 449 -2.79 -5.12 41.75
N PHE C 450 -2.84 -4.37 40.65
CA PHE C 450 -1.74 -4.36 39.68
C PHE C 450 -0.85 -3.12 39.73
N HIS C 451 -1.23 -2.07 40.46
CA HIS C 451 -0.46 -0.82 40.42
C HIS C 451 -0.14 -0.35 41.84
N ASN C 452 0.59 -1.19 42.56
CA ASN C 452 1.06 -0.87 43.91
C ASN C 452 2.47 -0.28 43.85
N THR C 453 2.75 0.60 44.80
CA THR C 453 4.08 1.18 44.96
C THR C 453 4.75 0.58 46.19
N LEU C 454 6.01 0.18 46.04
CA LEU C 454 6.81 -0.32 47.16
C LEU C 454 7.43 0.89 47.85
N ALA C 455 6.83 1.33 48.95
CA ALA C 455 7.29 2.56 49.62
C ALA C 455 8.64 2.37 50.29
N GLY C 456 8.96 1.15 50.70
CA GLY C 456 10.20 0.90 51.42
C GLY C 456 10.81 -0.45 51.11
N ARG C 457 12.14 -0.49 51.09
CA ARG C 457 12.90 -1.70 50.81
C ARG C 457 13.86 -1.97 51.96
N LEU C 458 14.40 -3.18 51.97
CA LEU C 458 15.51 -3.50 52.84
C LEU C 458 16.84 -3.18 52.15
N GLU C 459 17.90 -3.07 52.94
CA GLU C 459 19.23 -2.86 52.38
C GLU C 459 19.52 -3.88 51.30
N ASN C 460 19.36 -5.16 51.64
CA ASN C 460 19.50 -6.26 50.68
C ASN C 460 18.09 -6.75 50.38
N SER C 461 17.55 -6.31 49.24
CA SER C 461 16.13 -6.41 48.95
C SER C 461 15.85 -7.39 47.83
N ARG C 462 14.76 -8.14 47.97
CA ARG C 462 14.28 -8.95 46.86
C ARG C 462 13.68 -8.11 45.75
N ALA C 463 13.60 -6.79 45.93
CA ALA C 463 13.18 -5.88 44.88
C ALA C 463 14.33 -5.38 44.01
N ALA C 464 15.57 -5.78 44.32
CA ALA C 464 16.72 -5.35 43.53
C ALA C 464 16.49 -5.63 42.05
N GLY C 465 16.80 -4.64 41.22
CA GLY C 465 16.53 -4.72 39.80
C GLY C 465 15.28 -3.98 39.36
N VAL C 466 14.42 -3.60 40.30
CA VAL C 466 13.17 -2.91 40.00
C VAL C 466 13.33 -1.45 40.41
N PRO C 467 13.12 -0.49 39.51
CA PRO C 467 13.25 0.92 39.89
C PRO C 467 12.38 1.25 41.09
N GLU C 468 12.94 2.01 42.03
CA GLU C 468 12.25 2.29 43.28
C GLU C 468 10.95 3.06 43.07
N GLU C 469 10.80 3.75 41.94
CA GLU C 469 9.58 4.48 41.67
C GLU C 469 8.51 3.65 40.97
N SER C 470 8.78 2.38 40.67
CA SER C 470 7.82 1.57 39.94
C SER C 470 6.47 1.54 40.65
N THR C 471 5.40 1.72 39.87
CA THR C 471 4.04 1.55 40.36
C THR C 471 3.39 0.30 39.76
N LYS C 472 4.18 -0.69 39.35
CA LYS C 472 3.68 -1.89 38.69
C LYS C 472 3.82 -3.13 39.56
N TRP C 473 3.84 -2.97 40.88
CA TRP C 473 3.85 -4.13 41.77
C TRP C 473 2.45 -4.74 41.86
N MET C 474 2.38 -6.06 41.71
CA MET C 474 1.11 -6.78 41.79
C MET C 474 0.99 -7.41 43.17
N ALA C 475 -0.06 -7.03 43.89
CA ALA C 475 -0.34 -7.57 45.23
C ALA C 475 -1.19 -8.82 45.07
N THR C 476 -0.63 -9.99 45.43
CA THR C 476 -1.30 -11.26 45.18
C THR C 476 -2.52 -11.48 46.07
N GLY C 477 -2.59 -10.80 47.21
CA GLY C 477 -3.56 -11.17 48.22
C GLY C 477 -3.20 -12.42 49.01
N ASP C 478 -2.05 -13.02 48.72
CA ASP C 478 -1.56 -14.19 49.43
C ASP C 478 -0.56 -13.77 50.50
N LEU C 479 -0.62 -14.44 51.65
CA LEU C 479 0.36 -14.24 52.70
C LEU C 479 1.35 -15.41 52.70
N GLY C 480 2.59 -15.10 53.09
CA GLY C 480 3.62 -16.11 53.14
C GLY C 480 4.90 -15.50 53.67
N VAL C 481 5.97 -16.30 53.61
CA VAL C 481 7.24 -15.95 54.23
C VAL C 481 8.35 -16.61 53.43
N ILE C 482 9.50 -15.97 53.38
CA ILE C 482 10.68 -16.53 52.74
C ILE C 482 11.72 -16.83 53.81
N VAL C 483 12.20 -18.08 53.84
CA VAL C 483 13.17 -18.55 54.83
C VAL C 483 14.27 -19.25 54.04
N ASP C 484 15.48 -18.70 54.09
CA ASP C 484 16.62 -19.31 53.42
C ASP C 484 16.39 -19.39 51.91
N GLY C 485 15.76 -18.35 51.36
CA GLY C 485 15.48 -18.29 49.95
C GLY C 485 14.32 -19.13 49.48
N GLU C 486 13.60 -19.78 50.39
CA GLU C 486 12.49 -20.67 50.08
C GLU C 486 11.17 -19.99 50.47
N LEU C 487 10.24 -19.94 49.53
CA LEU C 487 8.93 -19.35 49.78
C LEU C 487 7.98 -20.39 50.38
N TYR C 488 7.22 -19.96 51.38
CA TYR C 488 6.13 -20.74 51.96
C TYR C 488 4.85 -19.91 51.91
N ILE C 489 3.73 -20.55 51.55
CA ILE C 489 2.43 -19.89 51.52
C ILE C 489 1.69 -20.20 52.82
N THR C 490 1.28 -19.16 53.56
CA THR C 490 0.52 -19.41 54.78
C THR C 490 -0.99 -19.34 54.56
N GLY C 491 -1.48 -18.44 53.72
CA GLY C 491 -2.90 -18.41 53.42
C GLY C 491 -3.27 -17.11 52.71
N ARG C 492 -4.57 -16.95 52.46
CA ARG C 492 -5.11 -15.74 51.87
C ARG C 492 -5.30 -14.66 52.94
N LEU C 493 -4.85 -13.44 52.63
CA LEU C 493 -4.91 -12.34 53.58
C LEU C 493 -6.36 -12.07 54.01
N LYS C 494 -7.29 -12.12 53.06
CA LYS C 494 -8.68 -11.86 53.40
C LYS C 494 -9.30 -12.99 54.21
N ASP C 495 -8.67 -14.17 54.27
CA ASP C 495 -9.21 -15.29 55.03
C ASP C 495 -8.81 -15.29 56.51
N LEU C 496 -7.96 -14.36 56.93
CA LEU C 496 -7.36 -14.43 58.25
C LEU C 496 -8.41 -14.48 59.36
N VAL C 497 -8.16 -15.32 60.35
CA VAL C 497 -8.96 -15.37 61.57
C VAL C 497 -8.15 -14.65 62.65
N ILE C 498 -8.50 -13.41 62.91
CA ILE C 498 -7.77 -12.57 63.85
C ILE C 498 -8.56 -12.49 65.15
N ILE C 499 -7.96 -12.98 66.23
CA ILE C 499 -8.57 -12.98 67.56
C ILE C 499 -7.52 -12.50 68.54
N ALA C 500 -7.87 -11.47 69.32
CA ALA C 500 -6.96 -10.91 70.31
C ALA C 500 -5.66 -10.44 69.68
N GLY C 501 -5.73 -9.94 68.44
CA GLY C 501 -4.53 -9.47 67.76
C GLY C 501 -3.59 -10.57 67.29
N ARG C 502 -3.98 -11.83 67.42
CA ARG C 502 -3.18 -12.94 66.93
C ARG C 502 -3.77 -13.49 65.65
N ASN C 503 -2.90 -13.79 64.68
CA ASN C 503 -3.32 -14.24 63.37
C ASN C 503 -3.47 -15.76 63.38
N HIS C 504 -4.71 -16.23 63.20
CA HIS C 504 -5.00 -17.65 63.04
C HIS C 504 -5.36 -17.92 61.58
N TYR C 505 -4.90 -19.06 61.07
CA TYR C 505 -5.23 -19.48 59.72
C TYR C 505 -6.37 -20.48 59.77
N PRO C 506 -7.52 -20.19 59.14
CA PRO C 506 -8.68 -21.07 59.30
C PRO C 506 -8.41 -22.50 58.88
N GLN C 507 -7.73 -22.71 57.75
CA GLN C 507 -7.40 -24.08 57.36
C GLN C 507 -6.56 -24.77 58.43
N ASP C 508 -5.71 -24.03 59.12
CA ASP C 508 -5.01 -24.59 60.28
C ASP C 508 -6.01 -25.01 61.35
N ILE C 509 -6.93 -24.12 61.72
CA ILE C 509 -7.94 -24.44 62.72
C ILE C 509 -8.82 -25.59 62.23
N GLU C 510 -9.21 -25.56 60.96
CA GLU C 510 -10.04 -26.63 60.41
C GLU C 510 -9.29 -27.96 60.39
N TYR C 511 -7.96 -27.92 60.28
CA TYR C 511 -7.19 -29.16 60.40
C TYR C 511 -7.37 -29.76 61.79
N THR C 512 -7.22 -28.94 62.84
CA THR C 512 -7.39 -29.42 64.20
C THR C 512 -8.79 -29.99 64.42
N VAL C 513 -9.82 -29.29 63.93
CA VAL C 513 -11.19 -29.78 64.10
C VAL C 513 -11.33 -31.17 63.50
N ASP C 514 -10.94 -31.30 62.22
CA ASP C 514 -11.09 -32.58 61.54
C ASP C 514 -10.29 -33.68 62.22
N HIS C 515 -9.06 -33.38 62.63
CA HIS C 515 -8.20 -34.37 63.27
C HIS C 515 -8.58 -34.65 64.71
N ALA C 516 -9.52 -33.90 65.28
CA ALA C 516 -9.87 -34.07 66.68
C ALA C 516 -10.93 -35.14 66.92
N SER C 517 -11.77 -35.45 65.92
CA SER C 517 -12.85 -36.40 66.13
C SER C 517 -13.17 -37.14 64.84
N GLU C 518 -13.10 -38.47 64.89
CA GLU C 518 -13.54 -39.32 63.80
C GLU C 518 -15.04 -39.22 63.53
N HIS C 519 -15.76 -38.40 64.30
CA HIS C 519 -17.17 -38.13 64.04
C HIS C 519 -17.38 -37.16 62.89
N ILE C 520 -16.37 -36.35 62.59
CA ILE C 520 -16.50 -35.27 61.60
C ILE C 520 -16.14 -35.78 60.21
N ARG C 521 -17.03 -35.52 59.28
CA ARG C 521 -16.84 -35.85 57.86
C ARG C 521 -15.52 -35.21 57.46
N PRO C 522 -14.50 -35.97 57.01
CA PRO C 522 -13.23 -35.40 56.62
C PRO C 522 -13.36 -34.19 55.71
N ALA C 523 -12.75 -33.12 56.18
CA ALA C 523 -12.69 -31.78 55.57
C ALA C 523 -14.02 -31.02 55.49
N ALA C 524 -15.14 -31.42 56.13
CA ALA C 524 -16.26 -30.50 55.98
C ALA C 524 -16.37 -29.58 57.21
N VAL C 525 -15.37 -28.73 57.38
CA VAL C 525 -15.24 -27.88 58.56
C VAL C 525 -15.01 -26.44 58.12
N ALA C 526 -15.82 -25.52 58.65
CA ALA C 526 -15.74 -24.10 58.35
C ALA C 526 -15.41 -23.34 59.63
N ALA C 527 -14.20 -22.78 59.70
CA ALA C 527 -13.74 -22.03 60.85
C ALA C 527 -13.60 -20.56 60.50
N PHE C 528 -14.36 -19.71 61.19
CA PHE C 528 -14.28 -18.26 61.04
C PHE C 528 -14.49 -17.60 62.40
N ALA C 529 -14.21 -16.30 62.45
CA ALA C 529 -14.42 -15.50 63.65
C ALA C 529 -15.44 -14.41 63.35
N ILE C 530 -16.15 -13.97 64.40
CA ILE C 530 -17.16 -12.92 64.29
C ILE C 530 -17.01 -11.96 65.46
N GLU C 531 -17.91 -10.98 65.51
CA GLU C 531 -17.82 -9.89 66.47
C GLU C 531 -18.22 -10.36 67.87
N GLY C 532 -17.31 -10.14 68.82
CA GLY C 532 -17.63 -10.27 70.22
C GLY C 532 -17.37 -8.93 70.86
N ASP C 533 -18.04 -8.69 71.99
CA ASP C 533 -17.91 -7.39 72.65
C ASP C 533 -16.48 -7.19 73.15
N ALA C 534 -16.09 -7.94 74.19
CA ALA C 534 -14.74 -7.81 74.70
C ALA C 534 -13.68 -8.32 73.72
N VAL C 535 -13.99 -9.39 72.99
CA VAL C 535 -13.00 -10.05 72.14
C VAL C 535 -13.71 -10.83 71.06
N GLU C 536 -13.01 -11.02 69.93
CA GLU C 536 -13.58 -11.77 68.81
C GLU C 536 -13.97 -13.18 69.26
N GLN C 537 -14.89 -13.78 68.50
CA GLN C 537 -15.45 -15.09 68.83
C GLN C 537 -15.13 -16.09 67.73
N LEU C 538 -14.52 -17.22 68.11
CA LEU C 538 -14.22 -18.29 67.17
C LEU C 538 -15.45 -19.20 67.05
N ILE C 539 -16.07 -19.21 65.88
CA ILE C 539 -17.18 -20.09 65.57
C ILE C 539 -16.70 -21.17 64.61
N ILE C 540 -17.19 -22.40 64.82
CA ILE C 540 -16.74 -23.55 64.06
C ILE C 540 -17.97 -24.33 63.62
N LEU C 541 -18.09 -24.57 62.32
CA LEU C 541 -19.12 -25.43 61.78
C LEU C 541 -18.45 -26.67 61.21
N ALA C 542 -18.99 -27.84 61.56
CA ALA C 542 -18.47 -29.11 61.11
C ALA C 542 -19.63 -30.03 60.79
N GLU C 543 -19.45 -30.84 59.75
CA GLU C 543 -20.46 -31.80 59.28
C GLU C 543 -20.08 -33.17 59.83
N ARG C 544 -21.05 -33.97 60.28
CA ARG C 544 -20.76 -35.32 60.74
C ARG C 544 -20.61 -36.25 59.55
N ASP C 545 -19.69 -37.20 59.66
CA ASP C 545 -19.46 -38.19 58.61
C ASP C 545 -20.76 -38.83 58.17
N LEU C 546 -20.79 -39.39 56.96
CA LEU C 546 -22.04 -39.80 56.35
C LEU C 546 -22.72 -40.94 57.09
N ASP C 547 -21.94 -41.77 57.80
CA ASP C 547 -22.46 -42.94 58.49
C ASP C 547 -22.72 -42.69 59.96
N ARG C 548 -22.76 -41.44 60.40
CA ARG C 548 -22.81 -41.10 61.81
C ARG C 548 -24.17 -40.53 62.18
N ASP C 549 -24.46 -40.57 63.49
CA ASP C 549 -25.76 -40.16 64.08
C ASP C 549 -25.64 -38.87 64.92
N PRO C 550 -26.70 -38.05 65.02
CA PRO C 550 -26.72 -36.89 65.88
C PRO C 550 -26.34 -37.33 67.29
N SER C 551 -26.61 -38.61 67.60
CA SER C 551 -26.28 -39.14 68.91
C SER C 551 -24.82 -38.93 69.30
N GLY C 552 -23.95 -38.65 68.34
CA GLY C 552 -22.54 -38.47 68.62
C GLY C 552 -22.07 -37.04 68.63
N ASP C 553 -22.96 -36.08 68.33
CA ASP C 553 -22.56 -34.69 68.18
C ASP C 553 -21.93 -34.14 69.46
N ALA C 554 -22.64 -34.28 70.59
CA ALA C 554 -22.16 -33.67 71.84
C ALA C 554 -20.74 -34.13 72.16
N GLU C 555 -20.45 -35.41 72.00
CA GLU C 555 -19.11 -35.89 72.28
C GLU C 555 -18.08 -35.27 71.34
N ALA C 556 -18.45 -35.11 70.06
CA ALA C 556 -17.53 -34.48 69.10
C ALA C 556 -17.28 -33.03 69.47
N ILE C 557 -18.33 -32.30 69.85
CA ILE C 557 -18.16 -30.92 70.29
C ILE C 557 -17.15 -30.83 71.42
N ASP C 558 -17.26 -31.74 72.39
CA ASP C 558 -16.32 -31.73 73.51
C ASP C 558 -14.89 -32.00 73.03
N ALA C 559 -14.71 -32.94 72.11
CA ALA C 559 -13.37 -33.24 71.61
C ALA C 559 -12.83 -32.09 70.77
N ILE C 560 -13.66 -31.50 69.92
CA ILE C 560 -13.22 -30.34 69.13
C ILE C 560 -12.85 -29.19 70.05
N ARG C 561 -13.69 -28.92 71.05
CA ARG C 561 -13.41 -27.84 71.99
C ARG C 561 -12.05 -28.03 72.65
N ALA C 562 -11.76 -29.25 73.13
CA ALA C 562 -10.49 -29.51 73.78
C ALA C 562 -9.33 -29.35 72.82
N ALA C 563 -9.43 -29.97 71.64
CA ALA C 563 -8.31 -29.95 70.70
C ALA C 563 -7.98 -28.53 70.24
N VAL C 564 -9.01 -27.77 69.85
CA VAL C 564 -8.77 -26.42 69.36
C VAL C 564 -8.17 -25.54 70.44
N THR C 565 -8.68 -25.64 71.67
CA THR C 565 -8.15 -24.80 72.76
C THR C 565 -6.68 -25.09 72.98
N GLU C 566 -6.31 -26.37 73.04
CA GLU C 566 -4.91 -26.72 73.32
C GLU C 566 -4.00 -26.36 72.16
N ALA C 567 -4.46 -26.54 70.93
CA ALA C 567 -3.61 -26.32 69.77
C ALA C 567 -3.44 -24.83 69.47
N HIS C 568 -4.54 -24.07 69.49
CA HIS C 568 -4.54 -22.68 69.08
C HIS C 568 -4.69 -21.70 70.24
N GLY C 569 -4.86 -22.20 71.46
CA GLY C 569 -5.07 -21.30 72.59
C GLY C 569 -6.30 -20.44 72.47
N VAL C 570 -7.39 -20.98 71.94
CA VAL C 570 -8.65 -20.26 71.79
C VAL C 570 -9.79 -21.26 71.95
N VAL C 571 -10.70 -20.96 72.88
CA VAL C 571 -11.87 -21.80 73.11
C VAL C 571 -12.94 -21.41 72.11
N PRO C 572 -13.42 -22.32 71.27
CA PRO C 572 -14.52 -21.97 70.36
C PRO C 572 -15.72 -21.43 71.12
N ALA C 573 -16.24 -20.29 70.67
CA ALA C 573 -17.43 -19.73 71.27
C ALA C 573 -18.71 -20.47 70.87
N ASP C 574 -18.67 -21.22 69.76
CA ASP C 574 -19.80 -22.07 69.40
C ASP C 574 -19.35 -23.07 68.35
N ILE C 575 -19.55 -24.35 68.65
CA ILE C 575 -19.22 -25.44 67.72
C ILE C 575 -20.54 -26.05 67.29
N ARG C 576 -20.87 -25.89 66.01
CA ARG C 576 -22.08 -26.44 65.42
C ARG C 576 -21.76 -27.70 64.64
N ILE C 577 -22.59 -28.72 64.79
CA ILE C 577 -22.40 -30.02 64.16
C ILE C 577 -23.63 -30.29 63.30
N VAL C 578 -23.40 -30.53 62.01
CA VAL C 578 -24.47 -30.62 61.02
C VAL C 578 -24.29 -31.88 60.17
N ALA C 579 -25.38 -32.29 59.54
CA ALA C 579 -25.29 -33.24 58.45
C ALA C 579 -24.65 -32.53 57.26
N PRO C 580 -24.21 -33.28 56.24
CA PRO C 580 -23.63 -32.65 55.04
C PRO C 580 -24.44 -31.46 54.54
N ASP C 581 -24.72 -30.46 55.42
CA ASP C 581 -25.58 -29.25 55.21
C ASP C 581 -24.93 -27.85 55.32
N GLU C 582 -23.64 -27.85 55.02
CA GLU C 582 -22.77 -26.67 54.93
C GLU C 582 -23.06 -26.01 53.57
N ILE C 583 -22.90 -24.69 53.51
CA ILE C 583 -23.13 -23.87 52.28
C ILE C 583 -21.82 -23.92 51.49
N LEU C 584 -21.84 -24.53 50.32
CA LEU C 584 -20.57 -24.78 49.63
C LEU C 584 -20.27 -23.77 48.51
N ARG C 585 -19.01 -23.38 48.31
CA ARG C 585 -18.82 -22.45 47.16
C ARG C 585 -19.00 -23.19 45.83
N SER C 586 -20.07 -22.84 45.09
CA SER C 586 -20.53 -23.42 43.78
C SER C 586 -19.38 -24.04 42.98
N SER C 587 -19.56 -25.35 42.69
CA SER C 587 -18.76 -26.42 42.02
C SER C 587 -18.30 -27.43 43.07
N SER C 588 -18.75 -27.22 44.32
CA SER C 588 -18.51 -28.13 45.47
C SER C 588 -17.06 -28.62 45.45
N GLY C 589 -16.13 -27.74 45.08
CA GLY C 589 -14.71 -28.10 45.11
C GLY C 589 -14.16 -27.83 46.51
N LYS C 590 -14.92 -27.09 47.31
CA LYS C 590 -14.52 -26.68 48.67
C LYS C 590 -15.74 -26.10 49.36
N ILE C 591 -15.72 -26.11 50.71
CA ILE C 591 -16.75 -25.43 51.57
C ILE C 591 -16.56 -23.93 51.30
N ALA C 592 -17.62 -23.13 51.18
CA ALA C 592 -17.52 -21.69 50.82
C ALA C 592 -16.52 -20.95 51.72
N ARG C 593 -16.99 -20.71 52.96
CA ARG C 593 -16.43 -20.02 54.16
C ARG C 593 -17.31 -18.82 54.54
N ARG C 594 -18.20 -19.11 55.50
CA ARG C 594 -19.15 -18.27 56.29
C ARG C 594 -20.60 -18.26 55.79
N VAL C 595 -20.89 -17.65 54.63
CA VAL C 595 -22.30 -17.40 54.19
C VAL C 595 -23.08 -16.84 55.37
N ASN C 596 -22.53 -15.78 55.98
CA ASN C 596 -22.97 -15.10 57.22
C ASN C 596 -22.81 -16.07 58.41
N LYS C 597 -23.69 -15.91 59.42
CA LYS C 597 -23.90 -16.58 60.74
C LYS C 597 -24.38 -15.43 61.62
N LYS C 598 -23.91 -14.22 61.32
CA LYS C 598 -24.30 -12.96 61.99
C LYS C 598 -25.81 -12.83 61.87
N ALA C 599 -26.38 -13.11 60.69
CA ALA C 599 -27.85 -13.10 60.54
C ALA C 599 -28.43 -14.02 61.60
N ASP D 2 21.41 29.59 -12.79
CA ASP D 2 22.68 28.87 -12.94
C ASP D 2 22.52 27.64 -13.84
N LEU D 3 22.62 27.88 -15.15
CA LEU D 3 22.26 26.84 -16.11
C LEU D 3 23.36 25.81 -16.32
N HIS D 4 24.61 26.18 -16.04
CA HIS D 4 25.71 25.28 -16.37
C HIS D 4 25.73 24.05 -15.47
N LYS D 5 25.32 24.18 -14.21
CA LYS D 5 25.22 23.00 -13.36
C LYS D 5 23.91 22.26 -13.59
N ALA D 6 22.81 23.01 -13.76
CA ALA D 6 21.53 22.38 -14.08
C ALA D 6 21.66 21.44 -15.26
N MET D 7 22.31 21.91 -16.34
CA MET D 7 22.54 21.06 -17.49
C MET D 7 23.51 19.93 -17.17
N GLY D 8 24.59 20.24 -16.45
CA GLY D 8 25.60 19.22 -16.16
C GLY D 8 25.04 18.04 -15.39
N GLN D 9 23.93 18.24 -14.68
CA GLN D 9 23.32 17.17 -13.89
C GLN D 9 22.99 15.94 -14.72
N PHE D 10 22.84 16.09 -16.04
CA PHE D 10 22.51 14.97 -16.91
C PHE D 10 23.73 14.33 -17.54
N PHE D 11 24.93 14.79 -17.22
CA PHE D 11 26.16 14.21 -17.72
C PHE D 11 26.84 13.42 -16.61
N ASP D 12 27.60 12.39 -17.01
CA ASP D 12 28.37 11.61 -16.05
C ASP D 12 29.83 12.02 -16.14
N ALA D 13 30.67 11.36 -15.33
CA ALA D 13 32.09 11.69 -15.30
C ALA D 13 32.72 11.57 -16.68
N LYS D 14 32.35 10.53 -17.43
CA LYS D 14 32.98 10.28 -18.73
C LYS D 14 32.64 11.36 -19.75
N GLY D 15 31.46 11.95 -19.66
CA GLY D 15 30.98 12.87 -20.68
C GLY D 15 29.72 12.34 -21.34
N ASN D 16 29.19 11.25 -20.81
CA ASN D 16 27.99 10.65 -21.37
C ASN D 16 26.73 11.21 -20.71
N ILE D 17 25.64 11.19 -21.46
CA ILE D 17 24.36 11.69 -20.99
C ILE D 17 23.55 10.53 -20.46
N ALA D 18 22.95 10.72 -19.28
CA ALA D 18 22.03 9.74 -18.70
C ALA D 18 20.73 10.48 -18.42
N LEU D 19 19.68 10.15 -19.18
CA LEU D 19 18.39 10.77 -18.95
C LEU D 19 17.54 9.86 -18.08
N PRO D 20 16.89 10.37 -17.04
CA PRO D 20 15.90 9.56 -16.31
C PRO D 20 14.76 9.18 -17.23
N PRO D 21 14.26 7.94 -17.13
CA PRO D 21 13.27 7.47 -18.10
C PRO D 21 12.01 8.30 -18.14
N GLN D 22 11.70 9.04 -17.08
CA GLN D 22 10.46 9.79 -16.97
C GLN D 22 10.58 11.21 -17.53
N ILE D 23 11.76 11.66 -17.90
CA ILE D 23 11.94 13.04 -18.32
C ILE D 23 11.26 13.24 -19.67
N THR D 24 10.64 14.40 -19.84
CA THR D 24 10.16 14.84 -21.13
C THR D 24 10.67 16.25 -21.38
N LEU D 25 10.56 16.69 -22.65
CA LEU D 25 10.89 18.07 -22.96
C LEU D 25 10.11 19.01 -22.07
N ALA D 26 8.80 18.78 -21.96
CA ALA D 26 7.98 19.63 -21.11
C ALA D 26 8.40 19.52 -19.64
N GLY D 27 8.70 18.31 -19.18
CA GLY D 27 9.14 18.15 -17.80
C GLY D 27 10.45 18.86 -17.54
N LEU D 28 11.36 18.81 -18.50
CA LEU D 28 12.60 19.58 -18.41
C LEU D 28 12.30 21.07 -18.39
N SER D 29 11.42 21.54 -19.27
CA SER D 29 11.04 22.95 -19.23
C SER D 29 10.50 23.34 -17.86
N GLU D 30 9.62 22.53 -17.30
CA GLU D 30 9.02 22.90 -16.02
C GLU D 30 10.04 22.82 -14.89
N LEU D 31 10.93 21.83 -14.94
CA LEU D 31 12.00 21.73 -13.96
C LEU D 31 12.83 23.00 -13.90
N PHE D 32 13.29 23.48 -15.06
CA PHE D 32 14.11 24.69 -15.05
C PHE D 32 13.32 25.89 -14.58
N TYR D 33 12.04 25.98 -14.97
CA TYR D 33 11.21 27.10 -14.55
C TYR D 33 11.01 27.10 -13.05
N GLN D 34 10.67 25.94 -12.46
CA GLN D 34 10.50 25.88 -11.01
C GLN D 34 11.81 26.13 -10.29
N SER D 35 12.94 25.76 -10.90
CA SER D 35 14.25 25.99 -10.31
C SER D 35 14.70 27.44 -10.42
N ASP D 36 14.05 28.21 -11.30
CA ASP D 36 14.37 29.63 -11.50
C ASP D 36 13.64 30.47 -10.44
N VAL D 37 13.94 30.17 -9.18
CA VAL D 37 13.31 30.89 -8.08
C VAL D 37 13.76 32.35 -8.12
N ASP D 38 12.81 33.26 -8.00
CA ASP D 38 13.02 34.70 -8.10
C ASP D 38 13.19 35.15 -9.55
N GLY D 39 13.06 34.25 -10.53
CA GLY D 39 13.17 34.66 -11.92
C GLY D 39 11.87 35.04 -12.59
N GLY D 40 10.74 34.92 -11.88
CA GLY D 40 9.45 35.10 -12.52
C GLY D 40 9.30 36.40 -13.26
N ASP D 41 9.88 37.48 -12.72
CA ASP D 41 9.70 38.81 -13.29
C ASP D 41 10.77 39.18 -14.31
N ARG D 42 11.75 38.31 -14.55
CA ARG D 42 12.80 38.64 -15.50
C ARG D 42 12.23 38.66 -16.92
N HIS D 43 12.62 39.68 -17.67
CA HIS D 43 12.27 39.75 -19.08
C HIS D 43 12.89 38.58 -19.84
N CYS D 44 12.09 37.93 -20.69
CA CYS D 44 12.52 36.73 -21.41
C CYS D 44 12.35 36.84 -22.92
N MET D 45 11.24 37.37 -23.40
CA MET D 45 10.97 37.39 -24.83
C MET D 45 10.44 38.75 -25.25
N ARG D 46 10.98 39.24 -26.37
CA ARG D 46 10.48 40.44 -27.04
C ARG D 46 10.14 40.07 -28.47
N TYR D 47 8.88 40.29 -28.84
CA TYR D 47 8.40 40.02 -30.19
C TYR D 47 8.12 41.34 -30.88
N TRP D 48 8.72 41.53 -32.05
CA TRP D 48 8.58 42.76 -32.84
C TRP D 48 7.51 42.56 -33.90
N ASP D 49 6.46 43.37 -33.84
CA ASP D 49 5.47 43.44 -34.91
C ASP D 49 5.75 44.69 -35.73
N TYR D 50 5.95 44.52 -37.03
CA TYR D 50 6.26 45.62 -37.92
C TYR D 50 5.04 45.93 -38.78
N SER D 51 4.02 46.47 -38.12
CA SER D 51 2.88 47.15 -38.74
C SER D 51 2.85 48.62 -38.39
N THR D 52 3.17 48.97 -37.15
CA THR D 52 3.46 50.35 -36.78
C THR D 52 4.89 50.69 -37.17
N GLU D 53 5.07 51.86 -37.78
CA GLU D 53 6.37 52.27 -38.28
C GLU D 53 7.44 52.19 -37.20
N GLY D 54 8.54 51.51 -37.52
CA GLY D 54 9.61 51.30 -36.57
C GLY D 54 9.43 50.09 -35.69
N GLY D 55 8.26 49.45 -35.72
CA GLY D 55 8.02 48.24 -34.97
C GLY D 55 7.49 48.46 -33.56
N VAL D 56 6.53 47.63 -33.15
CA VAL D 56 6.00 47.64 -31.79
C VAL D 56 6.41 46.36 -31.11
N ALA D 57 6.91 46.46 -29.88
CA ALA D 57 7.41 45.32 -29.13
C ALA D 57 6.35 44.78 -28.19
N ARG D 58 6.24 43.45 -28.15
CA ARG D 58 5.47 42.74 -27.14
C ARG D 58 6.44 41.99 -26.25
N ASP D 59 6.42 42.28 -24.95
CA ASP D 59 7.38 41.73 -24.01
C ASP D 59 6.71 40.74 -23.08
N TYR D 60 7.45 39.67 -22.75
CA TYR D 60 6.97 38.62 -21.86
C TYR D 60 8.06 38.29 -20.86
N ASN D 61 7.70 38.26 -19.58
CA ASN D 61 8.64 37.83 -18.57
C ASN D 61 8.53 36.32 -18.36
N ARG D 62 9.43 35.79 -17.54
CA ARG D 62 9.52 34.34 -17.32
C ARG D 62 8.16 33.74 -16.96
N ARG D 63 7.44 34.38 -16.03
CA ARG D 63 6.19 33.82 -15.54
C ARG D 63 5.08 33.95 -16.59
N GLU D 64 5.05 35.08 -17.32
CA GLU D 64 4.03 35.27 -18.34
C GLU D 64 4.12 34.20 -19.42
N ILE D 65 5.33 33.85 -19.83
CA ILE D 65 5.50 32.79 -20.84
C ILE D 65 4.96 31.48 -20.30
N ASN D 66 5.36 31.13 -19.08
CA ASN D 66 4.90 29.89 -18.46
C ASN D 66 3.38 29.86 -18.36
N THR D 67 2.76 30.99 -18.03
CA THR D 67 1.31 31.06 -17.92
C THR D 67 0.63 30.85 -19.28
N ARG D 68 1.13 31.50 -20.34
CA ARG D 68 0.54 31.29 -21.66
C ARG D 68 0.65 29.83 -22.08
N ILE D 69 1.80 29.21 -21.80
CA ILE D 69 2.00 27.80 -22.14
C ILE D 69 0.94 26.94 -21.45
N LYS D 70 0.73 27.17 -20.15
CA LYS D 70 -0.20 26.32 -19.40
C LYS D 70 -1.65 26.64 -19.72
N SER D 71 -1.96 27.86 -20.15
CA SER D 71 -3.31 28.15 -20.61
C SER D 71 -3.62 27.37 -21.88
N VAL D 72 -2.68 27.32 -22.82
CA VAL D 72 -2.86 26.47 -24.00
C VAL D 72 -3.03 25.01 -23.58
N ALA D 73 -2.13 24.53 -22.73
CA ALA D 73 -2.20 23.13 -22.32
C ALA D 73 -3.55 22.82 -21.67
N ALA D 74 -4.00 23.69 -20.75
CA ALA D 74 -5.28 23.47 -20.09
C ALA D 74 -6.43 23.38 -21.10
N ARG D 75 -6.43 24.28 -22.08
CA ARG D 75 -7.48 24.23 -23.10
C ARG D 75 -7.42 22.92 -23.88
N LEU D 76 -6.21 22.51 -24.30
CA LEU D 76 -6.08 21.23 -24.98
C LEU D 76 -6.60 20.08 -24.11
N GLN D 77 -6.39 20.18 -22.80
CA GLN D 77 -6.85 19.12 -21.90
C GLN D 77 -8.38 19.05 -21.81
N GLN D 78 -9.07 20.12 -22.22
CA GLN D 78 -10.53 20.08 -22.28
C GLN D 78 -11.06 19.29 -23.47
N VAL D 79 -10.27 19.15 -24.54
CA VAL D 79 -10.77 18.61 -25.80
C VAL D 79 -9.92 17.49 -26.37
N ALA D 80 -8.79 17.15 -25.73
CA ALA D 80 -7.90 16.16 -26.32
C ALA D 80 -7.21 15.35 -25.22
N GLN D 81 -6.52 14.30 -25.65
CA GLN D 81 -5.82 13.39 -24.75
C GLN D 81 -4.34 13.34 -25.11
N PRO D 82 -3.48 13.02 -24.14
CA PRO D 82 -2.04 12.85 -24.44
C PRO D 82 -1.86 11.86 -25.59
N GLY D 83 -0.90 12.16 -26.46
CA GLY D 83 -0.70 11.43 -27.68
C GLY D 83 -1.43 11.96 -28.90
N ASP D 84 -2.45 12.79 -28.71
CA ASP D 84 -3.17 13.34 -29.86
C ASP D 84 -2.29 14.35 -30.60
N ARG D 85 -2.44 14.38 -31.91
CA ARG D 85 -1.65 15.30 -32.73
C ARG D 85 -2.37 16.63 -32.91
N VAL D 86 -1.60 17.71 -32.97
CA VAL D 86 -2.17 19.05 -33.11
C VAL D 86 -1.27 19.87 -34.03
N ALA D 87 -1.85 20.41 -35.10
CA ALA D 87 -1.11 21.28 -36.02
C ALA D 87 -1.05 22.71 -35.49
N ILE D 88 0.09 23.36 -35.70
CA ILE D 88 0.27 24.78 -35.37
C ILE D 88 0.25 25.54 -36.69
N LEU D 89 -0.86 26.22 -36.99
CA LEU D 89 -1.02 26.98 -38.23
C LEU D 89 -1.07 28.47 -37.86
N ALA D 90 0.10 29.09 -37.77
CA ALA D 90 0.16 30.51 -37.43
C ALA D 90 1.44 31.11 -37.99
N ASN D 91 1.43 32.44 -38.12
CA ASN D 91 2.64 33.17 -38.44
C ASN D 91 3.61 33.11 -37.26
N ASN D 92 4.87 33.47 -37.55
CA ASN D 92 5.86 33.69 -36.49
C ASN D 92 5.29 34.65 -35.47
N SER D 93 5.25 34.23 -34.21
CA SER D 93 4.55 35.00 -33.18
C SER D 93 4.80 34.33 -31.83
N PRO D 94 4.56 35.06 -30.75
CA PRO D 94 4.60 34.42 -29.42
C PRO D 94 3.60 33.29 -29.28
N GLU D 95 2.43 33.45 -29.89
CA GLU D 95 1.39 32.42 -29.83
C GLU D 95 1.91 31.10 -30.39
N TYR D 96 2.63 31.15 -31.53
CA TYR D 96 3.19 29.94 -32.10
C TYR D 96 3.95 29.16 -31.05
N LEU D 97 4.83 29.86 -30.32
CA LEU D 97 5.64 29.24 -29.29
C LEU D 97 4.79 28.70 -28.15
N PHE D 98 3.82 29.50 -27.68
CA PHE D 98 2.96 29.04 -26.60
C PHE D 98 2.13 27.83 -27.03
N GLY D 99 1.72 27.79 -28.30
CA GLY D 99 0.96 26.64 -28.77
C GLY D 99 1.82 25.39 -28.85
N PHE D 100 3.04 25.53 -29.37
CA PHE D 100 3.93 24.38 -29.53
C PHE D 100 4.32 23.81 -28.16
N ILE D 101 4.85 24.66 -27.27
CA ILE D 101 5.22 24.15 -25.95
C ILE D 101 3.98 23.80 -25.13
N GLY D 102 2.91 24.58 -25.28
CA GLY D 102 1.65 24.22 -24.63
C GLY D 102 1.19 22.82 -24.98
N ALA D 103 1.24 22.46 -26.26
CA ALA D 103 0.92 21.10 -26.68
C ALA D 103 1.77 20.07 -25.92
N LEU D 104 3.08 20.31 -25.87
CA LEU D 104 3.98 19.41 -25.14
C LEU D 104 3.57 19.28 -23.68
N TYR D 105 3.22 20.40 -23.04
CA TYR D 105 2.83 20.36 -21.63
C TYR D 105 1.57 19.52 -21.41
N ALA D 106 0.70 19.42 -22.41
CA ALA D 106 -0.49 18.60 -22.31
C ALA D 106 -0.26 17.17 -22.76
N GLY D 107 0.97 16.82 -23.13
CA GLY D 107 1.26 15.52 -23.68
C GLY D 107 0.80 15.30 -25.10
N LEU D 108 0.39 16.36 -25.80
CA LEU D 108 0.03 16.24 -27.21
C LEU D 108 1.29 16.33 -28.08
N VAL D 109 1.14 15.95 -29.34
CA VAL D 109 2.26 15.89 -30.28
C VAL D 109 2.06 17.00 -31.30
N PRO D 110 2.77 18.13 -31.17
CA PRO D 110 2.54 19.24 -32.11
C PRO D 110 3.18 18.97 -33.46
N VAL D 111 2.58 19.61 -34.47
CA VAL D 111 3.04 19.54 -35.86
C VAL D 111 3.23 20.98 -36.32
N PRO D 112 4.42 21.56 -36.16
CA PRO D 112 4.61 22.99 -36.45
C PRO D 112 4.54 23.26 -37.95
N LEU D 113 3.53 24.04 -38.35
CA LEU D 113 3.35 24.43 -39.74
C LEU D 113 3.27 25.95 -39.84
N TYR D 114 2.29 26.51 -40.55
CA TYR D 114 2.38 27.93 -40.88
C TYR D 114 1.00 28.48 -41.25
N ASP D 115 0.96 29.80 -41.41
CA ASP D 115 -0.21 30.52 -41.87
C ASP D 115 -0.57 30.05 -43.28
N PRO D 116 -1.75 29.46 -43.48
CA PRO D 116 -2.06 28.88 -44.79
C PRO D 116 -2.17 29.89 -45.92
N SER D 117 -2.41 31.17 -45.61
CA SER D 117 -2.51 32.17 -46.66
C SER D 117 -1.16 32.52 -47.25
N GLU D 118 -0.07 32.15 -46.61
CA GLU D 118 1.25 32.59 -47.08
C GLU D 118 1.67 31.74 -48.28
N PRO D 119 2.11 32.37 -49.37
CA PRO D 119 2.12 31.68 -50.67
C PRO D 119 3.14 30.55 -50.76
N GLY D 120 2.83 29.60 -51.63
CA GLY D 120 3.68 28.44 -51.83
C GLY D 120 3.49 27.35 -50.81
N HIS D 121 2.24 27.11 -50.37
CA HIS D 121 2.01 26.21 -49.24
C HIS D 121 0.69 25.46 -49.34
N ALA D 122 -0.17 25.85 -50.29
CA ALA D 122 -1.50 25.25 -50.37
C ALA D 122 -1.43 23.73 -50.46
N ASP D 123 -0.70 23.22 -51.46
CA ASP D 123 -0.58 21.77 -51.63
C ASP D 123 0.14 21.14 -50.45
N HIS D 124 1.20 21.79 -49.96
CA HIS D 124 1.97 21.23 -48.86
C HIS D 124 1.08 20.99 -47.63
N LEU D 125 0.28 21.99 -47.25
CA LEU D 125 -0.54 21.89 -46.06
C LEU D 125 -1.59 20.79 -46.21
N THR D 126 -2.21 20.70 -47.38
CA THR D 126 -3.16 19.62 -47.63
C THR D 126 -2.48 18.27 -47.50
N ALA D 127 -1.28 18.13 -48.06
CA ALA D 127 -0.56 16.87 -47.97
C ALA D 127 -0.20 16.54 -46.52
N VAL D 128 0.30 17.52 -45.76
CA VAL D 128 0.66 17.23 -44.38
C VAL D 128 -0.57 16.87 -43.55
N MET D 129 -1.66 17.63 -43.73
CA MET D 129 -2.89 17.32 -43.00
C MET D 129 -3.37 15.90 -43.31
N ALA D 130 -3.25 15.48 -44.57
CA ALA D 130 -3.65 14.12 -44.92
C ALA D 130 -2.69 13.08 -44.35
N ASP D 131 -1.41 13.42 -44.19
CA ASP D 131 -0.44 12.47 -43.67
C ASP D 131 -0.57 12.31 -42.16
N ALA D 132 -0.71 13.41 -41.43
CA ALA D 132 -0.71 13.40 -39.97
C ALA D 132 -2.11 13.34 -39.37
N GLN D 133 -3.12 13.83 -40.09
CA GLN D 133 -4.51 13.78 -39.66
C GLN D 133 -4.75 14.28 -38.22
N PRO D 134 -4.21 15.45 -37.87
CA PRO D 134 -4.54 16.01 -36.55
C PRO D 134 -5.99 16.41 -36.49
N ALA D 135 -6.62 16.18 -35.33
CA ALA D 135 -8.00 16.59 -35.14
C ALA D 135 -8.10 17.98 -34.53
N ILE D 136 -6.97 18.60 -34.19
CA ILE D 136 -6.94 19.90 -33.55
C ILE D 136 -5.94 20.79 -34.26
N VAL D 137 -6.28 22.07 -34.41
CA VAL D 137 -5.39 23.07 -34.97
C VAL D 137 -5.28 24.20 -33.96
N LEU D 138 -4.05 24.59 -33.64
CA LEU D 138 -3.79 25.80 -32.86
C LEU D 138 -3.38 26.92 -33.81
N THR D 139 -3.96 28.09 -33.63
CA THR D 139 -3.68 29.24 -34.47
C THR D 139 -3.64 30.47 -33.58
N ASN D 140 -3.53 31.65 -34.18
CA ASN D 140 -3.65 32.89 -33.44
C ASN D 140 -4.69 33.78 -34.12
N ASN D 141 -5.05 34.87 -33.44
CA ASN D 141 -6.07 35.76 -34.00
C ASN D 141 -5.65 36.32 -35.36
N ALA D 142 -4.35 36.56 -35.57
CA ALA D 142 -3.89 37.11 -36.84
C ALA D 142 -4.06 36.12 -37.99
N SER D 143 -4.05 34.81 -37.70
CA SER D 143 -4.10 33.78 -38.73
C SER D 143 -5.44 33.04 -38.78
N ALA D 144 -6.35 33.31 -37.84
CA ALA D 144 -7.53 32.47 -37.69
C ALA D 144 -8.43 32.52 -38.92
N ALA D 145 -8.61 33.71 -39.49
CA ALA D 145 -9.48 33.84 -40.66
C ALA D 145 -8.97 32.97 -41.82
N ALA D 146 -7.66 33.02 -42.07
CA ALA D 146 -7.07 32.19 -43.12
C ALA D 146 -7.19 30.71 -42.79
N VAL D 147 -7.06 30.35 -41.51
CA VAL D 147 -7.20 28.96 -41.12
C VAL D 147 -8.64 28.49 -41.31
N ARG D 148 -9.60 29.31 -40.85
CA ARG D 148 -11.01 28.99 -41.04
C ARG D 148 -11.34 28.82 -42.52
N ARG D 149 -10.87 29.73 -43.36
CA ARG D 149 -11.15 29.64 -44.79
C ARG D 149 -10.58 28.36 -45.39
N PHE D 150 -9.35 28.02 -44.99
CA PHE D 150 -8.68 26.85 -45.56
C PHE D 150 -9.49 25.58 -45.30
N PHE D 151 -10.12 25.49 -44.14
CA PHE D 151 -10.91 24.31 -43.83
C PHE D 151 -12.38 24.44 -44.22
N SER D 152 -12.85 25.67 -44.47
CA SER D 152 -14.26 25.93 -44.77
C SER D 152 -14.72 25.18 -46.02
N ALA D 153 -13.80 24.92 -46.96
CA ALA D 153 -14.16 24.30 -48.23
C ALA D 153 -14.18 22.77 -48.17
N LEU D 154 -13.93 22.19 -47.01
CA LEU D 154 -14.00 20.75 -46.80
C LEU D 154 -15.22 20.42 -45.94
N PRO D 155 -15.71 19.18 -46.04
CA PRO D 155 -16.92 18.82 -45.28
C PRO D 155 -16.77 19.09 -43.78
N GLY D 156 -17.88 19.49 -43.15
CA GLY D 156 -17.83 19.81 -41.73
C GLY D 156 -17.48 18.62 -40.85
N ALA D 157 -17.99 17.44 -41.20
CA ALA D 157 -17.75 16.27 -40.36
C ALA D 157 -16.25 15.99 -40.20
N GLN D 158 -15.45 16.32 -41.21
CA GLN D 158 -14.02 16.03 -41.18
C GLN D 158 -13.21 17.10 -40.47
N ARG D 159 -13.74 18.31 -40.36
CA ARG D 159 -12.94 19.48 -40.02
C ARG D 159 -12.29 19.34 -38.64
N PRO D 160 -11.02 19.72 -38.49
CA PRO D 160 -10.43 19.76 -37.15
C PRO D 160 -10.99 20.91 -36.33
N ARG D 161 -10.96 20.74 -35.01
CA ARG D 161 -11.27 21.86 -34.14
C ARG D 161 -10.16 22.90 -34.25
N ILE D 162 -10.55 24.18 -34.25
CA ILE D 162 -9.60 25.29 -34.38
C ILE D 162 -9.63 26.10 -33.09
N ILE D 163 -8.46 26.29 -32.48
CA ILE D 163 -8.32 27.01 -31.22
C ILE D 163 -7.35 28.16 -31.44
N SER D 164 -7.81 29.38 -31.16
CA SER D 164 -6.95 30.55 -31.30
C SER D 164 -6.30 30.85 -29.96
N ILE D 165 -4.96 30.87 -29.94
CA ILE D 165 -4.23 30.92 -28.69
C ILE D 165 -4.45 32.24 -27.97
N ASP D 166 -4.38 33.37 -28.68
CA ASP D 166 -4.51 34.62 -27.93
C ASP D 166 -5.97 34.96 -27.60
N SER D 167 -6.93 34.07 -27.92
CA SER D 167 -8.27 34.15 -27.37
C SER D 167 -8.43 33.41 -26.05
N LEU D 168 -7.40 32.71 -25.59
CA LEU D 168 -7.48 31.94 -24.35
C LEU D 168 -7.06 32.81 -23.17
N PRO D 169 -7.90 32.94 -22.14
CA PRO D 169 -7.53 33.79 -21.00
C PRO D 169 -6.47 33.14 -20.13
N ASP D 170 -5.68 33.99 -19.47
CA ASP D 170 -4.66 33.52 -18.54
C ASP D 170 -5.24 32.66 -17.44
N THR D 171 -6.52 32.86 -17.11
CA THR D 171 -7.13 32.08 -16.05
C THR D 171 -7.13 30.60 -16.36
N LEU D 172 -7.09 30.23 -17.64
CA LEU D 172 -7.07 28.82 -18.02
C LEU D 172 -5.90 28.08 -17.37
N ALA D 173 -4.75 28.75 -17.24
CA ALA D 173 -3.59 28.09 -16.65
C ALA D 173 -3.91 27.50 -15.28
N GLN D 174 -4.88 28.09 -14.57
CA GLN D 174 -5.22 27.57 -13.24
C GLN D 174 -5.73 26.14 -13.30
N SER D 175 -6.32 25.74 -14.42
CA SER D 175 -6.86 24.41 -14.62
C SER D 175 -5.83 23.41 -15.14
N TYR D 176 -4.64 23.87 -15.51
CA TYR D 176 -3.65 22.94 -16.07
C TYR D 176 -3.30 21.84 -15.08
N GLN D 177 -3.19 20.62 -15.57
CA GLN D 177 -2.80 19.49 -14.74
C GLN D 177 -1.69 18.72 -15.43
N ILE D 178 -0.73 18.24 -14.63
CA ILE D 178 0.33 17.37 -15.14
C ILE D 178 -0.35 16.21 -15.86
N PRO D 179 -0.04 15.96 -17.12
CA PRO D 179 -0.79 14.95 -17.88
C PRO D 179 -0.55 13.54 -17.36
N THR D 180 -1.55 12.69 -17.57
CA THR D 180 -1.34 11.29 -17.24
C THR D 180 -0.66 10.58 -18.41
N PRO D 181 0.35 9.74 -18.14
CA PRO D 181 1.10 9.11 -19.24
C PRO D 181 0.18 8.42 -20.22
N SER D 182 0.63 8.32 -21.47
CA SER D 182 -0.16 7.66 -22.48
C SER D 182 -0.15 6.14 -22.27
N MET D 183 -1.16 5.48 -22.82
CA MET D 183 -1.21 4.03 -22.74
C MET D 183 0.10 3.40 -23.20
N ALA D 184 0.74 3.99 -24.22
CA ALA D 184 2.00 3.43 -24.71
C ALA D 184 3.08 3.43 -23.63
N ALA D 185 2.92 4.21 -22.56
CA ALA D 185 3.95 4.26 -21.53
C ALA D 185 4.13 2.92 -20.81
N ALA D 186 3.17 2.00 -20.93
CA ALA D 186 3.37 0.67 -20.37
C ALA D 186 4.52 -0.04 -21.07
N ALA D 187 4.76 0.27 -22.33
CA ALA D 187 5.82 -0.34 -23.10
C ALA D 187 7.04 0.56 -23.27
N ILE D 188 6.85 1.87 -23.35
CA ILE D 188 7.91 2.81 -23.71
C ILE D 188 8.03 3.86 -22.61
N ASN D 189 9.26 4.13 -22.18
CA ASN D 189 9.46 5.16 -21.19
C ASN D 189 9.10 6.52 -21.79
N PRO D 190 8.54 7.43 -20.98
CA PRO D 190 8.16 8.75 -21.53
C PRO D 190 9.27 9.42 -22.30
N VAL D 191 10.54 9.20 -21.92
CA VAL D 191 11.63 9.89 -22.59
C VAL D 191 11.79 9.40 -24.02
N ASP D 192 11.40 8.17 -24.29
CA ASP D 192 11.52 7.61 -25.64
C ASP D 192 10.27 7.80 -26.48
N LEU D 193 9.25 8.47 -25.97
CA LEU D 193 8.04 8.70 -26.73
C LEU D 193 8.18 9.93 -27.63
N PRO D 194 7.36 10.02 -28.68
CA PRO D 194 7.47 11.16 -29.60
C PRO D 194 7.16 12.47 -28.91
N ALA D 195 7.88 13.51 -29.32
CA ALA D 195 7.64 14.87 -28.84
C ALA D 195 6.92 15.72 -29.88
N PHE D 196 7.41 15.74 -31.13
CA PHE D 196 6.73 16.48 -32.17
C PHE D 196 7.13 15.94 -33.53
N LEU D 197 6.37 16.33 -34.56
CA LEU D 197 6.58 15.89 -35.93
C LEU D 197 7.04 17.09 -36.74
N GLN D 198 8.23 16.97 -37.34
CA GLN D 198 8.84 18.03 -38.14
C GLN D 198 8.73 17.63 -39.62
N TYR D 199 7.87 18.34 -40.36
CA TYR D 199 7.67 17.99 -41.75
C TYR D 199 8.67 18.73 -42.63
N THR D 200 9.18 18.01 -43.63
CA THR D 200 10.20 18.51 -44.56
C THR D 200 9.69 19.66 -45.44
N THR D 206 6.51 14.14 -51.78
CA THR D 206 5.51 14.02 -50.69
C THR D 206 6.17 14.37 -49.35
N PRO D 207 5.68 15.37 -48.60
CA PRO D 207 6.29 15.76 -47.35
C PRO D 207 6.25 14.59 -46.38
N ALA D 208 7.36 14.32 -45.74
CA ALA D 208 7.43 13.24 -44.75
C ALA D 208 7.73 13.84 -43.37
N GLY D 209 7.07 13.34 -42.35
CA GLY D 209 7.28 13.82 -41.00
C GLY D 209 8.43 13.13 -40.30
N VAL D 210 9.40 13.91 -39.85
CA VAL D 210 10.45 13.38 -38.98
C VAL D 210 9.91 13.31 -37.56
N VAL D 211 10.03 12.14 -36.94
CA VAL D 211 9.54 11.94 -35.58
C VAL D 211 10.69 12.22 -34.61
N LEU D 212 10.62 13.36 -33.92
CA LEU D 212 11.57 13.67 -32.87
C LEU D 212 10.97 13.24 -31.53
N THR D 213 11.76 12.56 -30.71
CA THR D 213 11.30 12.10 -29.41
C THR D 213 11.78 13.06 -28.33
N ASN D 214 11.28 12.86 -27.12
CA ASN D 214 11.82 13.62 -26.00
C ASN D 214 13.32 13.39 -25.87
N ARG D 215 13.77 12.15 -26.04
CA ARG D 215 15.20 11.87 -25.98
C ARG D 215 15.95 12.60 -27.08
N SER D 216 15.48 12.49 -28.33
CA SER D 216 16.08 13.20 -29.45
C SER D 216 16.39 14.64 -29.08
N ILE D 217 15.35 15.37 -28.68
CA ILE D 217 15.48 16.82 -28.50
C ILE D 217 16.21 17.15 -27.21
N VAL D 218 15.91 16.45 -26.11
CA VAL D 218 16.60 16.75 -24.87
C VAL D 218 18.09 16.47 -25.02
N THR D 219 18.43 15.39 -25.73
CA THR D 219 19.84 15.08 -25.96
C THR D 219 20.51 16.18 -26.76
N ASN D 220 19.86 16.62 -27.85
CA ASN D 220 20.48 17.65 -28.68
C ASN D 220 20.56 18.98 -27.93
N VAL D 221 19.56 19.28 -27.10
CA VAL D 221 19.60 20.49 -26.28
C VAL D 221 20.81 20.45 -25.36
N LEU D 222 21.10 19.28 -24.78
CA LEU D 222 22.27 19.14 -23.91
C LEU D 222 23.57 19.23 -24.71
N GLN D 223 23.60 18.58 -25.87
CA GLN D 223 24.78 18.67 -26.74
C GLN D 223 25.06 20.10 -27.16
N ILE D 224 24.02 20.80 -27.61
CA ILE D 224 24.18 22.19 -28.06
C ILE D 224 24.74 23.03 -26.93
N PHE D 225 24.13 22.95 -25.75
CA PHE D 225 24.52 23.80 -24.63
C PHE D 225 25.97 23.56 -24.25
N ALA D 226 26.42 22.30 -24.27
CA ALA D 226 27.80 22.02 -23.93
C ALA D 226 28.77 22.49 -25.01
N ALA D 227 28.43 22.27 -26.29
CA ALA D 227 29.37 22.62 -27.35
C ALA D 227 29.42 24.11 -27.64
N ALA D 228 28.38 24.86 -27.28
CA ALA D 228 28.30 26.26 -27.69
C ALA D 228 29.13 27.20 -26.84
N GLN D 229 29.62 26.75 -25.68
CA GLN D 229 30.49 27.58 -24.84
C GLN D 229 29.85 28.96 -24.61
N LEU D 230 28.62 28.95 -24.14
CA LEU D 230 27.82 30.16 -24.08
C LEU D 230 28.28 31.09 -22.96
N LYS D 231 28.32 32.36 -23.25
CA LYS D 231 28.66 33.41 -22.26
C LYS D 231 27.35 33.92 -21.67
N THR D 232 27.25 33.92 -20.36
CA THR D 232 26.05 34.40 -19.68
C THR D 232 26.38 35.63 -18.82
N PRO D 233 25.44 36.56 -18.66
CA PRO D 233 24.13 36.46 -19.30
C PRO D 233 24.19 36.75 -20.80
N LEU D 234 23.17 36.34 -21.54
CA LEU D 234 23.13 36.51 -23.00
C LEU D 234 21.72 36.83 -23.44
N ARG D 235 21.59 37.27 -24.69
CA ARG D 235 20.30 37.35 -25.35
C ARG D 235 20.45 36.83 -26.77
N LEU D 236 19.40 36.20 -27.27
CA LEU D 236 19.42 35.62 -28.61
C LEU D 236 18.46 36.38 -29.51
N VAL D 237 18.90 36.65 -30.74
CA VAL D 237 18.10 37.32 -31.75
C VAL D 237 17.83 36.32 -32.86
N SER D 238 16.56 36.18 -33.25
CA SER D 238 16.23 35.24 -34.31
C SER D 238 15.02 35.75 -35.08
N TRP D 239 15.07 35.61 -36.41
CA TRP D 239 13.91 35.82 -37.27
C TRP D 239 13.59 34.55 -38.05
N LEU D 240 14.13 33.41 -37.63
CA LEU D 240 14.00 32.17 -38.39
C LEU D 240 12.54 31.71 -38.42
N PRO D 241 12.08 31.14 -39.53
CA PRO D 241 10.72 30.56 -39.56
C PRO D 241 10.58 29.46 -38.52
N LEU D 242 9.51 29.53 -37.74
CA LEU D 242 9.28 28.50 -36.73
C LEU D 242 8.76 27.19 -37.34
N HIS D 243 8.38 27.18 -38.61
CA HIS D 243 8.03 25.94 -39.28
C HIS D 243 9.24 25.25 -39.87
N HIS D 244 10.43 25.81 -39.68
CA HIS D 244 11.68 25.13 -39.99
C HIS D 244 12.29 24.55 -38.72
N ASP D 245 12.93 23.42 -38.88
CA ASP D 245 13.68 22.73 -37.83
C ASP D 245 14.58 23.72 -37.06
N MET D 246 15.36 24.53 -37.77
CA MET D 246 16.30 25.41 -37.08
C MET D 246 15.58 26.43 -36.23
N GLY D 247 14.45 26.96 -36.71
CA GLY D 247 13.78 28.03 -35.99
C GLY D 247 13.10 27.54 -34.73
N ILE D 248 12.39 26.41 -34.80
CA ILE D 248 11.56 26.02 -33.67
C ILE D 248 12.40 25.42 -32.55
N ILE D 249 13.39 24.61 -32.90
CA ILE D 249 14.25 24.06 -31.84
C ILE D 249 15.05 25.18 -31.18
N LEU D 250 15.54 26.12 -31.97
CA LEU D 250 16.23 27.27 -31.39
C LEU D 250 15.34 27.99 -30.38
N ALA D 251 14.08 28.25 -30.77
CA ALA D 251 13.19 28.99 -29.88
C ALA D 251 12.82 28.18 -28.65
N VAL D 252 12.68 26.86 -28.78
CA VAL D 252 12.41 26.01 -27.63
C VAL D 252 13.62 25.98 -26.69
N PHE D 253 14.80 25.80 -27.27
CA PHE D 253 16.05 25.83 -26.48
C PHE D 253 16.12 27.08 -25.61
N ILE D 254 15.95 28.25 -26.22
CA ILE D 254 16.09 29.49 -25.47
C ILE D 254 14.98 29.62 -24.44
N THR D 255 13.75 29.27 -24.82
CA THR D 255 12.63 29.39 -23.88
C THR D 255 12.80 28.41 -22.71
N LEU D 256 13.21 27.19 -23.02
CA LEU D 256 13.44 26.16 -22.00
C LEU D 256 14.45 26.63 -20.95
N LEU D 257 15.49 27.35 -21.36
CA LEU D 257 16.53 27.79 -20.45
C LEU D 257 16.19 29.10 -19.73
N GLY D 258 15.04 29.72 -20.05
CA GLY D 258 14.72 31.00 -19.47
C GLY D 258 15.60 32.14 -19.91
N LEU D 259 16.24 32.03 -21.08
CA LEU D 259 17.12 33.08 -21.54
C LEU D 259 16.37 34.11 -22.39
N GLU D 260 17.00 35.26 -22.61
CA GLU D 260 16.33 36.35 -23.30
C GLU D 260 16.36 36.13 -24.81
N PHE D 261 15.20 36.35 -25.44
CA PHE D 261 14.92 35.97 -26.82
C PHE D 261 14.24 37.14 -27.52
N GLU D 262 14.72 37.50 -28.70
CA GLU D 262 14.16 38.60 -29.48
C GLU D 262 13.83 38.09 -30.87
N MET D 263 12.56 38.23 -31.27
CA MET D 263 12.03 37.52 -32.42
C MET D 263 11.26 38.44 -33.34
N MET D 264 11.43 38.24 -34.65
CA MET D 264 10.53 38.78 -35.65
C MET D 264 10.34 37.72 -36.72
N SER D 265 9.63 38.06 -37.77
CA SER D 265 9.37 37.09 -38.83
C SER D 265 10.41 37.18 -39.93
N PRO D 266 10.60 36.11 -40.69
CA PRO D 266 11.55 36.16 -41.81
C PRO D 266 11.22 37.25 -42.81
N ARG D 267 9.94 37.44 -43.11
CA ARG D 267 9.56 38.50 -44.04
C ARG D 267 9.99 39.87 -43.52
N ASP D 268 9.91 40.08 -42.21
CA ASP D 268 10.39 41.32 -41.63
C ASP D 268 11.86 41.54 -41.96
N PHE D 269 12.67 40.47 -41.86
CA PHE D 269 14.09 40.61 -42.17
C PHE D 269 14.29 40.91 -43.66
N ILE D 270 13.65 40.14 -44.53
CA ILE D 270 13.85 40.33 -45.97
C ILE D 270 13.44 41.74 -46.38
N GLN D 271 12.40 42.28 -45.75
CA GLN D 271 11.89 43.60 -46.15
C GLN D 271 12.84 44.71 -45.72
N GLN D 272 13.49 44.56 -44.58
CA GLN D 272 14.36 45.61 -44.03
C GLN D 272 15.45 44.97 -43.17
N PRO D 273 16.50 44.46 -43.79
CA PRO D 273 17.55 43.75 -43.04
C PRO D 273 18.11 44.54 -41.88
N LYS D 274 17.94 45.85 -41.92
CA LYS D 274 18.38 46.77 -40.86
C LYS D 274 17.71 46.48 -39.50
N ARG D 275 16.44 46.04 -39.46
CA ARG D 275 15.81 45.59 -38.24
C ARG D 275 16.70 44.59 -37.52
N TRP D 276 17.34 43.68 -38.27
CA TRP D 276 18.18 42.67 -37.65
C TRP D 276 19.48 43.27 -37.13
N ILE D 277 20.19 44.02 -37.97
CA ILE D 277 21.43 44.66 -37.51
C ILE D 277 21.15 45.54 -36.30
N ASP D 278 20.02 46.27 -36.33
CA ASP D 278 19.66 47.12 -35.20
C ASP D 278 19.45 46.29 -33.94
N GLN D 279 18.91 45.08 -34.08
CA GLN D 279 18.73 44.21 -32.91
C GLN D 279 20.06 43.72 -32.36
N LEU D 280 21.07 43.54 -33.21
CA LEU D 280 22.38 43.09 -32.76
C LEU D 280 23.17 44.21 -32.07
N ASP D 281 22.81 45.47 -32.35
CA ASP D 281 23.50 46.62 -31.79
C ASP D 281 23.55 46.55 -30.28
N ARG D 282 24.68 46.99 -29.71
CA ARG D 282 24.84 46.91 -28.26
C ARG D 282 23.82 47.78 -27.55
N ARG D 283 23.21 47.22 -26.51
CA ARG D 283 22.33 47.95 -25.60
C ARG D 283 22.99 48.05 -24.24
N GLU D 284 22.46 48.94 -23.40
CA GLU D 284 23.06 49.15 -22.09
C GLU D 284 23.02 47.89 -21.23
N GLY D 285 22.01 47.05 -21.39
CA GLY D 285 22.08 45.91 -20.51
C GLY D 285 22.97 44.76 -20.94
N ASP D 286 23.77 44.93 -22.00
CA ASP D 286 24.25 43.80 -22.78
C ASP D 286 25.54 43.18 -22.23
N ASN D 287 25.55 41.85 -22.17
CA ASN D 287 26.78 41.08 -21.98
C ASN D 287 27.15 40.31 -23.24
N ALA D 288 26.33 39.34 -23.66
CA ALA D 288 26.59 38.57 -24.87
C ALA D 288 25.35 38.55 -25.75
N VAL D 289 25.55 38.64 -27.06
CA VAL D 289 24.48 38.62 -28.04
C VAL D 289 24.76 37.49 -29.03
N TYR D 290 23.74 36.66 -29.29
CA TYR D 290 23.84 35.53 -30.19
C TYR D 290 22.82 35.65 -31.30
N ALA D 291 23.15 35.10 -32.47
CA ALA D 291 22.27 35.12 -33.62
C ALA D 291 22.52 33.86 -34.43
N VAL D 292 21.49 33.41 -35.13
CA VAL D 292 21.55 32.21 -35.95
C VAL D 292 20.87 32.52 -37.28
N VAL D 293 21.61 32.38 -38.39
CA VAL D 293 21.06 32.76 -39.69
C VAL D 293 21.49 31.75 -40.73
N PRO D 294 20.69 31.61 -41.79
CA PRO D 294 21.18 30.95 -43.01
C PRO D 294 22.17 31.84 -43.74
N ASN D 295 22.94 31.21 -44.62
CA ASN D 295 24.00 31.89 -45.34
C ASN D 295 23.48 33.15 -46.04
N PHE D 296 22.34 33.03 -46.73
CA PHE D 296 21.89 34.14 -47.59
C PHE D 296 21.72 35.44 -46.82
N ALA D 297 21.46 35.35 -45.52
CA ALA D 297 21.24 36.56 -44.73
C ALA D 297 22.49 37.43 -44.65
N LEU D 298 23.68 36.83 -44.80
CA LEU D 298 24.91 37.60 -44.67
C LEU D 298 25.05 38.60 -45.81
N GLU D 299 24.80 38.15 -47.04
CA GLU D 299 24.91 39.06 -48.17
C GLU D 299 23.76 40.06 -48.20
N LEU D 300 22.56 39.62 -47.80
CA LEU D 300 21.41 40.53 -47.76
C LEU D 300 21.68 41.70 -46.82
N ALA D 301 22.16 41.41 -45.61
CA ALA D 301 22.46 42.48 -44.67
C ALA D 301 23.64 43.32 -45.15
N ALA D 302 24.68 42.67 -45.67
CA ALA D 302 25.82 43.42 -46.20
C ALA D 302 25.38 44.39 -47.28
N ARG D 303 24.46 43.97 -48.15
CA ARG D 303 24.06 44.81 -49.27
C ARG D 303 23.05 45.88 -48.87
N TYR D 304 22.07 45.54 -48.03
CA TYR D 304 20.94 46.43 -47.80
C TYR D 304 20.87 47.06 -46.43
N ALA D 305 21.68 46.64 -45.47
CA ALA D 305 21.62 47.21 -44.11
C ALA D 305 22.78 48.18 -43.94
N THR D 306 22.51 49.46 -44.12
CA THR D 306 23.49 50.52 -43.93
C THR D 306 23.84 50.69 -42.45
N PRO D 307 25.11 50.60 -42.06
CA PRO D 307 25.45 50.83 -40.65
C PRO D 307 25.62 52.32 -40.35
N SER D 308 25.03 52.75 -39.24
CA SER D 308 25.22 54.10 -38.74
C SER D 308 26.44 54.14 -37.82
N GLU D 309 27.11 55.30 -37.78
CA GLU D 309 28.41 55.38 -37.13
C GLU D 309 28.34 55.02 -35.65
N GLY D 310 27.15 55.13 -35.04
CA GLY D 310 27.00 54.67 -33.67
C GLY D 310 26.81 53.18 -33.50
N LEU D 311 26.63 52.44 -34.60
CA LEU D 311 26.40 51.00 -34.52
C LEU D 311 27.59 50.31 -33.86
N ASP D 312 27.31 49.41 -32.93
CA ASP D 312 28.34 48.71 -32.17
C ASP D 312 27.97 47.23 -32.08
N LEU D 313 28.64 46.40 -32.86
CA LEU D 313 28.36 44.97 -32.91
C LEU D 313 29.33 44.14 -32.07
N SER D 314 30.07 44.80 -31.17
CA SER D 314 31.11 44.13 -30.39
C SER D 314 30.56 43.21 -29.31
N ALA D 315 29.27 43.27 -29.00
CA ALA D 315 28.72 42.32 -28.05
C ALA D 315 28.29 41.00 -28.69
N VAL D 316 28.32 40.90 -30.03
CA VAL D 316 27.89 39.66 -30.69
C VAL D 316 28.95 38.59 -30.44
N GLU D 317 28.64 37.65 -29.56
CA GLU D 317 29.57 36.59 -29.18
C GLU D 317 29.50 35.40 -30.14
N GLY D 318 28.43 35.25 -30.88
CA GLY D 318 28.29 34.11 -31.78
C GLY D 318 27.26 34.37 -32.85
N LEU D 319 27.71 34.36 -34.10
CA LEU D 319 26.82 34.46 -35.24
C LEU D 319 26.88 33.09 -35.90
N ILE D 320 25.95 32.22 -35.52
CA ILE D 320 25.88 30.86 -36.06
C ILE D 320 25.27 30.92 -37.45
N ILE D 321 25.91 30.26 -38.42
CA ILE D 321 25.49 30.31 -39.82
C ILE D 321 25.34 28.88 -40.33
N GLY D 322 24.15 28.54 -40.80
CA GLY D 322 23.90 27.18 -41.22
C GLY D 322 22.56 27.04 -41.91
N SER D 323 22.22 25.78 -42.17
CA SER D 323 21.04 25.29 -42.91
C SER D 323 21.31 25.24 -44.42
N GLU D 324 22.41 25.81 -44.90
CA GLU D 324 22.75 25.77 -46.31
C GLU D 324 24.25 26.02 -46.45
N PRO D 325 24.82 25.78 -47.64
CA PRO D 325 26.26 26.01 -47.83
C PRO D 325 26.65 27.42 -47.40
N VAL D 326 27.65 27.49 -46.51
CA VAL D 326 28.18 28.77 -46.03
C VAL D 326 29.38 29.11 -46.91
N THR D 327 29.33 30.26 -47.57
CA THR D 327 30.28 30.60 -48.63
C THR D 327 31.27 31.67 -48.19
N GLU D 328 32.50 31.56 -48.71
CA GLU D 328 33.50 32.61 -48.50
C GLU D 328 32.96 33.97 -48.89
N LYS D 329 32.31 34.07 -50.06
CA LYS D 329 31.84 35.37 -50.49
C LYS D 329 30.89 36.00 -49.47
N ALA D 330 29.97 35.21 -48.91
CA ALA D 330 29.02 35.78 -47.97
C ALA D 330 29.71 36.14 -46.66
N VAL D 331 30.55 35.24 -46.14
CA VAL D 331 31.26 35.52 -44.90
C VAL D 331 32.02 36.85 -45.00
N GLU D 332 32.78 37.03 -46.09
CA GLU D 332 33.64 38.20 -46.16
C GLU D 332 32.87 39.47 -46.45
N ALA D 333 31.82 39.40 -47.29
CA ALA D 333 30.98 40.57 -47.47
C ALA D 333 30.44 41.06 -46.13
N PHE D 334 29.95 40.13 -45.30
CA PHE D 334 29.45 40.52 -43.99
C PHE D 334 30.58 41.02 -43.10
N ALA D 335 31.66 40.24 -43.02
CA ALA D 335 32.77 40.65 -42.16
C ALA D 335 33.33 42.01 -42.57
N GLU D 336 33.47 42.24 -43.88
CA GLU D 336 34.08 43.49 -44.33
C GLU D 336 33.14 44.67 -44.12
N THR D 337 31.82 44.45 -44.26
CA THR D 337 30.89 45.55 -44.11
C THR D 337 30.73 45.97 -42.65
N PHE D 338 30.66 44.99 -41.73
CA PHE D 338 30.34 45.30 -40.35
C PHE D 338 31.52 45.17 -39.40
N GLY D 339 32.66 44.63 -39.85
CA GLY D 339 33.87 44.62 -39.06
C GLY D 339 34.23 45.99 -38.52
N PRO D 340 34.25 47.01 -39.38
CA PRO D 340 34.57 48.37 -38.91
C PRO D 340 33.64 48.87 -37.83
N TYR D 341 32.50 48.22 -37.59
CA TYR D 341 31.58 48.63 -36.54
C TYR D 341 31.56 47.66 -35.37
N GLY D 342 32.64 46.90 -35.18
CA GLY D 342 32.80 46.06 -34.02
C GLY D 342 32.35 44.63 -34.17
N LEU D 343 31.90 44.22 -35.35
CA LEU D 343 31.58 42.81 -35.57
C LEU D 343 32.86 42.01 -35.64
N ASN D 344 33.06 41.10 -34.68
CA ASN D 344 34.27 40.29 -34.61
C ASN D 344 34.13 39.08 -35.54
N ARG D 345 34.88 39.10 -36.65
CA ARG D 345 34.78 38.01 -37.63
C ARG D 345 35.00 36.65 -36.99
N GLN D 346 35.83 36.58 -35.95
CA GLN D 346 36.12 35.30 -35.31
C GLN D 346 34.94 34.71 -34.57
N ASN D 347 33.83 35.44 -34.45
CA ASN D 347 32.63 34.91 -33.82
C ASN D 347 31.59 34.47 -34.84
N MET D 348 31.94 34.48 -36.13
CA MET D 348 31.14 33.86 -37.17
C MET D 348 31.41 32.36 -37.14
N ARG D 349 30.36 31.56 -36.94
CA ARG D 349 30.51 30.16 -36.57
C ARG D 349 29.68 29.27 -37.50
N PRO D 350 30.23 28.92 -38.67
CA PRO D 350 29.48 28.04 -39.60
C PRO D 350 29.24 26.67 -38.97
N SER D 351 28.00 26.19 -39.11
CA SER D 351 27.56 25.01 -38.37
C SER D 351 26.66 24.16 -39.26
N TYR D 352 26.54 22.88 -38.93
CA TYR D 352 25.88 21.93 -39.81
C TYR D 352 24.94 21.00 -39.03
N GLY D 353 23.79 20.72 -39.61
CA GLY D 353 22.88 19.76 -39.01
C GLY D 353 21.69 19.52 -39.92
N LEU D 354 20.72 18.77 -39.40
CA LEU D 354 19.53 18.44 -40.16
C LEU D 354 18.49 17.86 -39.22
N ALA D 355 17.22 17.89 -39.66
CA ALA D 355 16.13 17.49 -38.79
C ALA D 355 16.27 16.05 -38.32
N GLU D 356 16.83 15.18 -39.17
CA GLU D 356 17.03 13.78 -38.80
C GLU D 356 17.93 13.62 -37.58
N ALA D 357 18.75 14.62 -37.27
CA ALA D 357 19.57 14.63 -36.07
C ALA D 357 19.04 15.60 -35.03
N SER D 358 17.74 15.88 -35.09
CA SER D 358 17.06 16.86 -34.24
C SER D 358 17.39 18.25 -34.73
N LEU D 359 18.65 18.66 -34.55
CA LEU D 359 19.10 19.94 -35.10
C LEU D 359 20.59 19.92 -35.43
N LEU D 360 21.43 19.87 -34.41
CA LEU D 360 22.85 20.22 -34.56
C LEU D 360 23.73 18.99 -34.57
N VAL D 361 24.56 18.85 -35.59
CA VAL D 361 25.56 17.81 -35.67
C VAL D 361 26.97 18.35 -35.41
N THR D 362 27.37 19.42 -36.10
CA THR D 362 28.70 19.98 -35.91
C THR D 362 28.64 21.50 -35.77
N THR D 363 29.55 22.02 -34.96
CA THR D 363 29.72 23.45 -34.76
C THR D 363 31.16 23.69 -34.32
N PRO D 364 31.73 24.85 -34.59
CA PRO D 364 33.10 25.12 -34.14
C PRO D 364 33.18 25.17 -32.62
N GLN D 365 34.08 24.36 -32.07
CA GLN D 365 34.27 24.31 -30.62
C GLN D 365 35.69 24.70 -30.21
N THR D 366 36.45 25.30 -31.11
CA THR D 366 37.75 25.91 -30.83
C THR D 366 37.71 27.33 -31.37
N PRO D 367 38.69 28.16 -30.99
CA PRO D 367 38.71 29.53 -31.53
C PRO D 367 39.13 29.61 -32.99
N GLN D 368 39.48 28.48 -33.62
CA GLN D 368 39.84 28.43 -35.03
C GLN D 368 38.57 28.41 -35.89
N ARG D 369 37.97 29.58 -36.08
CA ARG D 369 36.82 29.75 -36.96
C ARG D 369 36.66 31.23 -37.25
N PRO D 370 35.97 31.60 -38.33
CA PRO D 370 35.47 30.69 -39.39
C PRO D 370 36.60 30.18 -40.26
N VAL D 371 36.60 28.88 -40.53
CA VAL D 371 37.62 28.27 -41.36
C VAL D 371 37.17 28.32 -42.80
N ILE D 372 38.05 28.82 -43.67
CA ILE D 372 37.87 28.78 -45.12
C ILE D 372 39.11 28.16 -45.71
N SER D 373 38.96 27.00 -46.33
CA SER D 373 40.08 26.25 -46.89
C SER D 373 39.92 26.18 -48.41
N TYR D 374 41.04 26.24 -49.12
CA TYR D 374 41.05 26.14 -50.57
C TYR D 374 41.55 24.76 -50.97
N PHE D 375 40.76 24.07 -51.79
CA PHE D 375 40.99 22.68 -52.15
C PHE D 375 41.23 22.57 -53.65
N ASP D 376 42.20 21.75 -54.02
CA ASP D 376 42.47 21.50 -55.44
C ASP D 376 41.23 20.96 -56.11
N ARG D 377 40.74 21.68 -57.13
CA ARG D 377 39.51 21.30 -57.80
C ARG D 377 39.61 19.89 -58.38
N GLU D 378 40.73 19.59 -59.05
CA GLU D 378 40.90 18.28 -59.67
C GLU D 378 40.81 17.16 -58.65
N GLN D 379 41.57 17.27 -57.56
CA GLN D 379 41.55 16.23 -56.54
C GLN D 379 40.16 16.10 -55.91
N LEU D 380 39.45 17.21 -55.76
CA LEU D 380 38.08 17.15 -55.26
C LEU D 380 37.20 16.29 -56.16
N ALA D 381 37.28 16.52 -57.48
CA ALA D 381 36.52 15.70 -58.41
C ALA D 381 36.80 14.21 -58.23
N ALA D 382 38.00 13.88 -57.73
CA ALA D 382 38.36 12.50 -57.41
C ALA D 382 38.15 12.19 -55.93
N ASN D 383 37.30 12.97 -55.25
CA ASN D 383 36.90 12.66 -53.87
C ASN D 383 38.10 12.65 -52.91
N ARG D 384 39.05 13.56 -53.15
CA ARG D 384 40.17 13.77 -52.25
C ARG D 384 40.29 15.26 -51.96
N ALA D 385 40.43 15.60 -50.67
CA ALA D 385 40.61 16.97 -50.24
C ALA D 385 42.10 17.22 -50.01
N VAL D 386 42.71 17.98 -50.91
CA VAL D 386 44.12 18.35 -50.85
C VAL D 386 44.19 19.86 -50.71
N ILE D 387 44.72 20.34 -49.58
CA ILE D 387 44.70 21.76 -49.30
C ILE D 387 45.75 22.47 -50.14
N VAL D 388 45.38 23.62 -50.71
CA VAL D 388 46.25 24.45 -51.53
C VAL D 388 45.97 25.91 -51.20
N ASP D 389 46.64 26.81 -51.91
CA ASP D 389 46.42 28.23 -51.74
C ASP D 389 45.27 28.71 -52.61
N LYS D 390 44.65 29.81 -52.19
CA LYS D 390 43.60 30.43 -53.00
C LYS D 390 44.13 30.71 -54.40
N GLY D 391 43.36 30.29 -55.39
CA GLY D 391 43.77 30.42 -56.78
C GLY D 391 42.71 29.86 -57.69
N ASP D 392 42.89 30.09 -59.00
CA ASP D 392 41.86 29.72 -59.97
C ASP D 392 41.61 28.22 -60.02
N ASN D 393 42.57 27.40 -59.60
CA ASN D 393 42.44 25.95 -59.63
C ASN D 393 42.04 25.37 -58.28
N ALA D 394 41.43 26.17 -57.41
CA ALA D 394 41.03 25.73 -56.08
C ALA D 394 39.62 26.21 -55.79
N VAL D 395 38.90 25.41 -55.00
CA VAL D 395 37.54 25.75 -54.55
C VAL D 395 37.58 25.99 -53.05
N ALA D 396 36.90 27.05 -52.63
CA ALA D 396 36.83 27.42 -51.21
C ALA D 396 35.71 26.64 -50.54
N LEU D 397 36.05 25.82 -49.55
CA LEU D 397 35.08 25.15 -48.70
C LEU D 397 35.18 25.70 -47.28
N THR D 398 34.03 25.84 -46.62
CA THR D 398 33.93 26.46 -45.30
C THR D 398 33.86 25.37 -44.24
N GLY D 399 34.69 25.48 -43.22
CA GLY D 399 34.67 24.50 -42.14
C GLY D 399 33.46 24.72 -41.25
N VAL D 400 32.77 23.63 -40.91
CA VAL D 400 31.60 23.72 -40.05
C VAL D 400 31.86 23.07 -38.68
N GLY D 401 33.14 22.93 -38.32
CA GLY D 401 33.48 22.57 -36.96
C GLY D 401 33.53 21.09 -36.66
N GLN D 402 33.24 20.73 -35.40
CA GLN D 402 33.38 19.38 -34.90
C GLN D 402 32.04 18.89 -34.35
N VAL D 403 31.89 17.57 -34.31
CA VAL D 403 30.64 16.97 -33.85
C VAL D 403 30.40 17.36 -32.40
N VAL D 404 29.12 17.52 -32.05
CA VAL D 404 28.75 17.95 -30.71
C VAL D 404 28.45 16.70 -29.89
N ARG D 405 29.35 16.36 -28.99
CA ARG D 405 29.28 15.08 -28.28
C ARG D 405 28.30 15.15 -27.11
N PRO D 406 27.81 13.99 -26.63
CA PRO D 406 28.18 12.67 -27.16
C PRO D 406 27.43 12.31 -28.44
N GLN D 407 28.19 11.99 -29.47
CA GLN D 407 27.67 11.77 -30.80
C GLN D 407 28.86 11.43 -31.69
N ASN D 408 28.65 10.61 -32.71
CA ASN D 408 29.71 10.29 -33.65
C ASN D 408 29.33 10.78 -35.04
N LEU D 409 30.33 11.29 -35.75
CA LEU D 409 30.19 11.69 -37.14
C LEU D 409 31.29 11.00 -37.91
N VAL D 410 30.91 10.13 -38.84
CA VAL D 410 31.84 9.34 -39.63
C VAL D 410 31.62 9.65 -41.10
N ILE D 411 32.70 9.68 -41.87
CA ILE D 411 32.63 9.81 -43.32
C ILE D 411 32.71 8.42 -43.92
N VAL D 412 31.71 8.06 -44.71
CA VAL D 412 31.49 6.67 -45.10
C VAL D 412 31.36 6.56 -46.61
N ASP D 413 32.03 5.57 -47.17
CA ASP D 413 31.80 5.17 -48.56
C ASP D 413 30.43 4.49 -48.63
N PRO D 414 29.43 5.06 -49.29
CA PRO D 414 28.08 4.50 -49.21
C PRO D 414 27.94 3.16 -49.90
N GLU D 415 28.70 2.92 -50.97
CA GLU D 415 28.61 1.63 -51.65
C GLU D 415 29.08 0.49 -50.76
N THR D 416 30.22 0.68 -50.09
CA THR D 416 30.82 -0.36 -49.26
C THR D 416 30.48 -0.23 -47.78
N ARG D 417 29.90 0.90 -47.36
CA ARG D 417 29.54 1.10 -45.95
C ARG D 417 30.76 1.00 -45.04
N THR D 418 31.86 1.58 -45.49
CA THR D 418 33.12 1.53 -44.77
C THR D 418 33.66 2.94 -44.58
N GLU D 419 34.13 3.23 -43.36
CA GLU D 419 34.72 4.52 -43.05
C GLU D 419 35.87 4.83 -44.00
N VAL D 420 35.92 6.07 -44.51
CA VAL D 420 37.01 6.53 -45.35
C VAL D 420 37.95 7.37 -44.49
N ALA D 421 39.24 7.37 -44.88
CA ALA D 421 40.23 8.14 -44.14
C ALA D 421 39.94 9.63 -44.26
N ASP D 422 40.28 10.36 -43.20
CA ASP D 422 40.21 11.82 -43.24
C ASP D 422 40.90 12.33 -44.50
N GLY D 423 40.24 13.27 -45.19
CA GLY D 423 40.71 13.75 -46.46
C GLY D 423 40.03 13.13 -47.66
N THR D 424 39.30 12.03 -47.47
CA THR D 424 38.52 11.41 -48.53
C THR D 424 37.06 11.81 -48.39
N ILE D 425 36.45 12.20 -49.51
CA ILE D 425 35.05 12.61 -49.52
C ILE D 425 34.16 11.37 -49.44
N GLY D 426 33.07 11.48 -48.70
CA GLY D 426 32.12 10.39 -48.57
C GLY D 426 30.80 10.91 -48.02
N GLU D 427 29.93 9.99 -47.64
CA GLU D 427 28.66 10.37 -47.04
C GLU D 427 28.81 10.54 -45.54
N LEU D 428 28.20 11.60 -45.00
CA LEU D 428 28.20 11.79 -43.57
C LEU D 428 27.23 10.83 -42.91
N TRP D 429 27.72 10.02 -41.98
CA TRP D 429 26.89 9.18 -41.13
C TRP D 429 27.01 9.67 -39.69
N ALA D 430 25.88 9.78 -38.99
CA ALA D 430 25.86 10.18 -37.60
C ALA D 430 25.33 9.05 -36.72
N HIS D 431 25.79 9.05 -35.48
CA HIS D 431 25.32 8.09 -34.48
C HIS D 431 25.14 8.84 -33.17
N GLY D 432 23.98 8.70 -32.54
CA GLY D 432 23.76 9.39 -31.29
C GLY D 432 22.31 9.43 -30.87
N GLU D 433 22.07 9.75 -29.61
CA GLU D 433 20.70 9.73 -29.10
C GLU D 433 19.92 10.97 -29.48
N ASN D 434 20.55 11.94 -30.14
CA ASN D 434 19.83 13.06 -30.75
C ASN D 434 19.18 12.68 -32.07
N MET D 435 19.49 11.51 -32.63
CA MET D 435 18.89 11.12 -33.89
C MET D 435 17.38 10.96 -33.73
N ALA D 436 16.64 11.32 -34.77
CA ALA D 436 15.20 11.17 -34.74
C ALA D 436 14.83 9.69 -34.70
N ALA D 437 13.60 9.40 -34.27
CA ALA D 437 13.12 8.02 -34.21
C ALA D 437 12.47 7.60 -35.51
N GLY D 438 13.03 7.97 -36.65
CA GLY D 438 12.50 7.60 -37.94
C GLY D 438 11.54 8.63 -38.51
N TYR D 439 11.00 8.28 -39.67
CA TYR D 439 9.92 9.03 -40.31
C TYR D 439 8.57 8.46 -39.87
N LEU D 440 7.52 9.24 -40.10
CA LEU D 440 6.16 8.83 -39.76
C LEU D 440 5.56 8.03 -40.90
N ASP D 441 5.16 6.79 -40.62
CA ASP D 441 4.44 5.97 -41.59
C ASP D 441 5.21 5.84 -42.91
N ARG D 442 6.53 5.67 -42.84
CA ARG D 442 7.34 5.41 -44.03
C ARG D 442 8.42 4.39 -43.68
N PRO D 443 8.05 3.11 -43.58
CA PRO D 443 8.99 2.11 -43.03
C PRO D 443 10.27 1.95 -43.84
N GLU D 444 10.19 2.03 -45.17
CA GLU D 444 11.37 1.81 -45.99
C GLU D 444 12.34 2.98 -45.91
N ASP D 445 11.83 4.20 -46.01
CA ASP D 445 12.68 5.36 -45.81
C ASP D 445 13.30 5.35 -44.43
N THR D 446 12.52 4.97 -43.42
CA THR D 446 13.04 4.93 -42.06
C THR D 446 14.18 3.93 -41.96
N ALA D 447 13.99 2.72 -42.52
CA ALA D 447 15.07 1.74 -42.53
C ALA D 447 16.30 2.25 -43.25
N GLU D 448 16.10 2.87 -44.43
CA GLU D 448 17.24 3.32 -45.23
C GLU D 448 18.00 4.45 -44.53
N THR D 449 17.28 5.43 -43.99
CA THR D 449 17.94 6.61 -43.45
C THR D 449 18.49 6.37 -42.05
N PHE D 450 17.75 5.68 -41.19
CA PHE D 450 18.05 5.64 -39.77
C PHE D 450 18.66 4.34 -39.28
N HIS D 451 18.73 3.30 -40.12
CA HIS D 451 19.15 1.99 -39.64
C HIS D 451 20.22 1.40 -40.56
N ASN D 452 21.37 2.08 -40.61
CA ASN D 452 22.51 1.61 -41.37
C ASN D 452 23.52 0.96 -40.45
N THR D 453 24.23 -0.03 -40.97
CA THR D 453 25.29 -0.72 -40.26
C THR D 453 26.62 -0.33 -40.88
N LEU D 454 27.59 -0.01 -40.03
CA LEU D 454 28.92 0.40 -40.49
C LEU D 454 29.73 -0.88 -40.66
N ALA D 455 29.90 -1.30 -41.92
CA ALA D 455 30.51 -2.59 -42.21
C ALA D 455 31.99 -2.64 -41.84
N GLY D 456 32.68 -1.53 -41.92
CA GLY D 456 34.10 -1.49 -41.60
C GLY D 456 34.51 -0.12 -41.15
N ARG D 457 35.50 -0.08 -40.25
CA ARG D 457 36.06 1.16 -39.74
C ARG D 457 37.58 1.15 -39.93
N LEU D 458 38.17 2.32 -39.77
CA LEU D 458 39.62 2.41 -39.75
C LEU D 458 40.14 2.03 -38.37
N GLU D 459 41.42 1.67 -38.33
CA GLU D 459 42.04 1.33 -37.06
C GLU D 459 41.86 2.45 -36.05
N ASN D 460 42.00 3.69 -36.49
CA ASN D 460 41.67 4.88 -35.71
C ASN D 460 40.38 5.44 -36.30
N SER D 461 39.26 5.15 -35.65
CA SER D 461 37.96 5.36 -36.27
C SER D 461 37.20 6.50 -35.59
N ARG D 462 36.54 7.32 -36.39
CA ARG D 462 35.57 8.25 -35.84
C ARG D 462 34.32 7.57 -35.35
N ALA D 463 34.23 6.25 -35.49
CA ALA D 463 33.17 5.44 -34.89
C ALA D 463 33.51 4.99 -33.48
N ALA D 464 34.72 5.28 -32.98
CA ALA D 464 35.12 4.84 -31.66
C ALA D 464 34.05 5.19 -30.62
N GLY D 465 33.69 4.21 -29.80
CA GLY D 465 32.65 4.37 -28.81
C GLY D 465 31.29 3.87 -29.25
N VAL D 466 31.12 3.51 -30.51
CA VAL D 466 29.88 2.94 -31.03
C VAL D 466 30.10 1.44 -31.23
N PRO D 467 29.27 0.58 -30.66
CA PRO D 467 29.42 -0.86 -30.87
C PRO D 467 29.46 -1.22 -32.35
N GLU D 468 30.35 -2.14 -32.71
CA GLU D 468 30.55 -2.51 -34.10
C GLU D 468 29.28 -3.07 -34.75
N GLU D 469 28.39 -3.63 -33.94
CA GLU D 469 27.19 -4.27 -34.48
C GLU D 469 26.00 -3.32 -34.58
N SER D 470 26.15 -2.06 -34.19
CA SER D 470 25.02 -1.14 -34.18
C SER D 470 24.42 -0.99 -35.58
N THR D 471 23.08 -1.04 -35.63
CA THR D 471 22.34 -0.77 -36.86
C THR D 471 21.59 0.56 -36.79
N LYS D 472 22.11 1.50 -35.99
CA LYS D 472 21.44 2.78 -35.78
C LYS D 472 22.25 3.95 -36.34
N TRP D 473 23.05 3.70 -37.38
CA TRP D 473 23.73 4.79 -38.06
C TRP D 473 22.73 5.48 -38.98
N MET D 474 22.74 6.81 -38.95
CA MET D 474 21.85 7.63 -39.76
C MET D 474 22.63 8.17 -40.95
N ALA D 475 22.19 7.84 -42.16
CA ALA D 475 22.85 8.30 -43.38
C ALA D 475 22.22 9.63 -43.79
N THR D 476 23.02 10.70 -43.75
CA THR D 476 22.50 12.06 -43.92
C THR D 476 22.09 12.38 -45.34
N GLY D 477 22.61 11.63 -46.33
CA GLY D 477 22.50 12.04 -47.70
C GLY D 477 23.43 13.17 -48.10
N ASP D 478 24.23 13.70 -47.17
CA ASP D 478 25.15 14.78 -47.47
C ASP D 478 26.54 14.20 -47.71
N LEU D 479 27.25 14.79 -48.67
CA LEU D 479 28.63 14.45 -48.95
C LEU D 479 29.55 15.47 -48.30
N GLY D 480 30.68 15.00 -47.80
CA GLY D 480 31.63 15.90 -47.15
C GLY D 480 32.91 15.17 -46.83
N VAL D 481 33.81 15.90 -46.17
CA VAL D 481 35.14 15.40 -45.86
C VAL D 481 35.59 16.04 -44.55
N ILE D 482 36.40 15.30 -43.80
CA ILE D 482 36.99 15.79 -42.56
C ILE D 482 38.50 15.88 -42.76
N VAL D 483 39.06 17.06 -42.51
CA VAL D 483 40.49 17.32 -42.64
C VAL D 483 40.96 18.01 -41.38
N ASP D 484 41.96 17.42 -40.71
CA ASP D 484 42.48 17.97 -39.47
C ASP D 484 41.35 18.21 -38.47
N GLY D 485 40.43 17.26 -38.38
CA GLY D 485 39.32 17.34 -37.44
C GLY D 485 38.19 18.27 -37.85
N GLU D 486 38.31 18.96 -38.98
CA GLU D 486 37.31 19.92 -39.43
C GLU D 486 36.42 19.30 -40.49
N LEU D 487 35.10 19.46 -40.35
CA LEU D 487 34.16 18.97 -41.34
C LEU D 487 33.91 20.03 -42.41
N TYR D 488 33.89 19.58 -43.66
CA TYR D 488 33.48 20.40 -44.81
C TYR D 488 32.37 19.67 -45.54
N ILE D 489 31.33 20.41 -45.93
CA ILE D 489 30.24 19.88 -46.74
C ILE D 489 30.54 20.15 -48.21
N THR D 490 30.55 19.09 -49.03
CA THR D 490 30.85 19.26 -50.45
C THR D 490 29.62 19.16 -51.34
N GLY D 491 28.55 18.49 -50.90
CA GLY D 491 27.38 18.36 -51.75
C GLY D 491 26.40 17.37 -51.17
N ARG D 492 25.42 17.00 -52.01
CA ARG D 492 24.35 16.09 -51.62
C ARG D 492 24.43 14.85 -52.49
N LEU D 493 24.46 13.68 -51.85
CA LEU D 493 24.45 12.40 -52.57
C LEU D 493 23.49 12.48 -53.76
N LYS D 494 22.25 12.87 -53.48
CA LYS D 494 21.14 12.97 -54.44
C LYS D 494 21.43 13.96 -55.57
N ASP D 495 22.54 14.67 -55.53
CA ASP D 495 22.79 15.57 -56.68
C ASP D 495 23.81 14.94 -57.62
N LEU D 496 24.51 13.87 -57.24
CA LEU D 496 25.52 13.31 -58.18
C LEU D 496 25.30 11.85 -58.51
#